data_4JHD
#
_entry.id   4JHD
#
_cell.length_a   53.450
_cell.length_b   99.800
_cell.length_c   118.270
_cell.angle_alpha   65.41
_cell.angle_beta   90.03
_cell.angle_gamma   77.77
#
_symmetry.space_group_name_H-M   'P 1'
#
loop_
_entity.id
_entity.type
_entity.pdbx_description
1 polymer Actin-5C
2 polymer Actin-5C
3 polymer 'Protein cordon-bleu'
4 non-polymer 'PHOSPHOAMINOPHOSPHONIC ACID-ADENYLATE ESTER'
5 non-polymer 'MAGNESIUM ION'
6 water water
#
loop_
_entity_poly.entity_id
_entity_poly.type
_entity_poly.pdbx_seq_one_letter_code
_entity_poly.pdbx_strand_id
1 'polypeptide(L)'
;MAHHHHHHMCDEEVAALVVDNGSGMCKAGFAGDDAPRAVFPSIVGRPRHQGVMVGMGQKDSYVGDEAQSKRGILTLKYPI
EHGIVTNWDDMEKIWHHTFYNELRVAPEEHPVLLTEAPLNPKANREKMTQIMFETFNTPAMYVAIQAVLSLYASGRTTGI
VLDSGDGVSHTVPIYEGYALPHAILRLDLAGRDLTDYLMKILTERGYSFTTTEEREIVRDIKEKLCYVALDFEQEMATAA
SSSSLEKSYELKDGQVITIGNERFRCPEALFQPSFLGMEACGIHETTYNSIMKCDVDIRKDLYANTVLSGGTTMYPGIAD
RMQKEITALAPSTMKIKIIAPPERKYSVWIGGSILASLSTFQQMWISKQEYDESGPSIVHRKCF
;
A,D
2 'polypeptide(L)'
;MAHHHHHHMCDEEVAALVVDNGSGMCKAGFAGDDAPRAVFPSIVGRPRHQGVMVGMGQKDSYVGDEAQSKRGILTLKYPI
EHGIVTNWDDMEKIWHHTFYNELRVAPEEHPVLLTEAPLNPKANREKMTQIMFETFNTPAMYVAIQAVLSLYASGRTTGI
VLDSGDGVSHTVPIYEGYALPHAILRLDLAGRDLTDYLMKILTERGYSFTTTAEREIVRDIKEKLCYVALDFEQEMATAA
SSSSLEKSYELPDGQVITIGNERFRCPEALFQPSFLGMEACGIHETTYNSIMKCDVDIREDLYANTVLSGGTTMYPGIAD
RMQKEITALAKSTMKIKIIAPPERKYSVWIGGSILASLSTFQQMWISKQEYDESGPSIVHRKCF
;
B,E
3 'polypeptide(L)'
;MAHHHHHHVQRPLPKDVSLHSALMEAIHSSGGREKLRKVAEQTSEGRPKKPSYVEAESERSALLAAIRGHSGTLSLRKVS
SLASEELQSFRNAALGAPGLDKPQQEDLGLPPPPALPPTPAPAPQAPSASVTVSRFSTGTPSNSVNARQALMDAIRSGTG
AARLRKVPLLV
;
C,F
#
loop_
_chem_comp.id
_chem_comp.type
_chem_comp.name
_chem_comp.formula
ANP non-polymer 'PHOSPHOAMINOPHOSPHONIC ACID-ADENYLATE ESTER' 'C10 H17 N6 O12 P3'
MG non-polymer 'MAGNESIUM ION' 'Mg 2'
#
# COMPACT_ATOMS: atom_id res chain seq x y z
N VAL A 14 64.28 -38.59 3.87
CA VAL A 14 64.08 -37.14 3.59
C VAL A 14 62.63 -36.79 3.19
N ALA A 15 61.97 -37.67 2.45
CA ALA A 15 60.61 -37.35 1.94
C ALA A 15 59.46 -37.80 2.87
N ALA A 16 58.64 -36.83 3.30
CA ALA A 16 57.53 -37.10 4.19
C ALA A 16 56.32 -37.74 3.49
N LEU A 17 55.50 -38.44 4.26
CA LEU A 17 54.26 -39.00 3.72
C LEU A 17 53.09 -38.24 4.32
N VAL A 18 52.07 -38.01 3.51
CA VAL A 18 50.89 -37.28 3.96
C VAL A 18 49.68 -38.16 3.68
N VAL A 19 48.97 -38.53 4.72
CA VAL A 19 47.85 -39.44 4.56
C VAL A 19 46.59 -38.79 5.10
N ASP A 20 45.70 -38.39 4.19
CA ASP A 20 44.42 -37.82 4.61
C ASP A 20 43.31 -38.86 4.51
N ASN A 21 42.81 -39.25 5.68
CA ASN A 21 41.82 -40.29 5.79
C ASN A 21 40.43 -39.74 5.84
N GLY A 22 39.72 -39.81 4.72
CA GLY A 22 38.32 -39.40 4.73
C GLY A 22 37.38 -40.58 4.95
N SER A 23 36.13 -40.27 5.25
CA SER A 23 35.09 -41.29 5.40
C SER A 23 34.86 -42.02 4.09
N GLY A 24 34.86 -41.27 3.00
CA GLY A 24 34.67 -41.84 1.68
C GLY A 24 35.98 -42.39 1.18
N MET A 25 36.88 -41.48 0.83
CA MET A 25 38.13 -41.81 0.16
C MET A 25 39.37 -41.49 1.01
N CYS A 26 40.36 -42.37 0.94
CA CYS A 26 41.65 -42.06 1.49
C CYS A 26 42.50 -41.40 0.42
N LYS A 27 43.18 -40.32 0.77
CA LYS A 27 44.08 -39.64 -0.15
C LYS A 27 45.47 -39.71 0.42
N ALA A 28 46.40 -40.26 -0.34
CA ALA A 28 47.77 -40.46 0.12
C ALA A 28 48.81 -39.97 -0.88
N GLY A 29 50.02 -39.69 -0.41
CA GLY A 29 51.11 -39.29 -1.29
C GLY A 29 52.28 -38.66 -0.56
N PHE A 30 53.20 -38.08 -1.34
CA PHE A 30 54.45 -37.53 -0.82
C PHE A 30 54.43 -36.00 -0.69
N ALA A 31 54.82 -35.52 0.49
CA ALA A 31 54.92 -34.10 0.78
C ALA A 31 55.77 -33.42 -0.28
N GLY A 32 55.28 -32.30 -0.80
CA GLY A 32 55.98 -31.58 -1.86
C GLY A 32 55.35 -31.74 -3.23
N ASP A 33 54.66 -32.86 -3.44
CA ASP A 33 53.82 -33.03 -4.62
C ASP A 33 52.65 -32.07 -4.53
N ASP A 34 51.98 -31.83 -5.65
CA ASP A 34 50.84 -30.93 -5.70
C ASP A 34 49.51 -31.67 -5.68
N ALA A 35 49.59 -33.00 -5.66
CA ALA A 35 48.43 -33.88 -5.67
C ALA A 35 48.79 -35.22 -5.04
N PRO A 36 47.79 -35.94 -4.51
CA PRO A 36 48.09 -37.28 -4.01
C PRO A 36 48.36 -38.27 -5.14
N ARG A 37 49.29 -39.20 -4.92
CA ARG A 37 49.50 -40.32 -5.84
C ARG A 37 48.39 -41.35 -5.73
N ALA A 38 47.84 -41.51 -4.53
CA ALA A 38 46.89 -42.57 -4.25
C ALA A 38 45.59 -42.03 -3.71
N VAL A 39 44.50 -42.40 -4.37
CA VAL A 39 43.17 -42.07 -3.89
C VAL A 39 42.32 -43.31 -4.04
N PHE A 40 41.80 -43.85 -2.94
CA PHE A 40 41.03 -45.09 -3.00
C PHE A 40 39.94 -45.11 -1.90
N PRO A 41 38.91 -45.95 -2.08
CA PRO A 41 37.84 -46.00 -1.07
C PRO A 41 38.33 -46.51 0.30
N SER A 42 37.88 -45.88 1.38
CA SER A 42 38.20 -46.33 2.74
C SER A 42 37.34 -47.53 3.12
N ILE A 43 37.64 -48.68 2.53
CA ILE A 43 36.84 -49.88 2.69
C ILE A 43 37.75 -51.07 2.96
N VAL A 44 37.45 -51.81 4.04
CA VAL A 44 38.12 -53.08 4.28
C VAL A 44 37.09 -54.17 4.14
N GLY A 45 37.51 -55.22 3.44
CA GLY A 45 36.66 -56.38 3.21
C GLY A 45 37.32 -57.63 3.75
N ARG A 46 36.56 -58.41 4.50
CA ARG A 46 37.02 -59.69 4.99
C ARG A 46 36.06 -60.76 4.53
N PRO A 47 36.55 -62.01 4.38
CA PRO A 47 35.65 -63.08 3.97
C PRO A 47 34.57 -63.29 5.02
N ARG A 48 33.32 -63.39 4.59
CA ARG A 48 32.27 -63.87 5.49
C ARG A 48 32.62 -65.32 5.73
N HIS A 49 32.23 -65.85 6.89
CA HIS A 49 32.56 -67.24 7.28
C HIS A 49 34.05 -67.42 7.56
N GLN A 50 34.35 -67.66 8.84
CA GLN A 50 35.69 -67.71 9.39
C GLN A 50 36.68 -68.62 8.64
N GLY A 51 36.63 -69.93 8.93
CA GLY A 51 37.65 -70.85 8.46
C GLY A 51 37.64 -71.11 6.97
N VAL A 52 36.47 -71.52 6.49
CA VAL A 52 36.28 -72.09 5.16
C VAL A 52 36.40 -71.10 3.99
N MET A 53 36.65 -71.64 2.80
CA MET A 53 36.79 -70.85 1.57
C MET A 53 37.24 -71.69 0.37
N VAL A 54 36.76 -71.33 -0.83
CA VAL A 54 37.54 -71.56 -2.05
C VAL A 54 38.03 -70.16 -2.46
N GLY A 55 38.28 -69.34 -1.41
CA GLY A 55 38.76 -67.96 -1.52
C GLY A 55 40.04 -67.87 -2.34
N MET A 56 41.11 -67.39 -1.69
CA MET A 56 42.34 -67.14 -2.45
C MET A 56 43.61 -67.24 -1.61
N GLY A 57 44.76 -67.33 -2.30
CA GLY A 57 46.09 -67.46 -1.70
C GLY A 57 46.17 -67.49 -0.18
N GLN A 58 46.29 -66.30 0.42
CA GLN A 58 46.33 -66.15 1.87
C GLN A 58 45.49 -64.96 2.33
N LYS A 59 45.26 -64.04 1.38
CA LYS A 59 44.56 -62.78 1.62
C LYS A 59 43.29 -62.86 2.48
N ASP A 60 43.45 -62.61 3.77
CA ASP A 60 42.34 -62.57 4.73
C ASP A 60 41.66 -61.21 4.72
N SER A 61 42.08 -60.34 3.78
CA SER A 61 41.55 -58.99 3.68
C SER A 61 41.86 -58.35 2.34
N TYR A 62 40.98 -57.45 1.93
CA TYR A 62 41.15 -56.65 0.74
C TYR A 62 40.84 -55.21 1.13
N VAL A 63 41.37 -54.25 0.38
CA VAL A 63 41.14 -52.84 0.68
C VAL A 63 40.85 -52.08 -0.60
N GLY A 64 39.94 -51.13 -0.52
CA GLY A 64 39.65 -50.23 -1.63
C GLY A 64 38.78 -50.83 -2.71
N ASP A 65 39.26 -50.78 -3.95
CA ASP A 65 38.48 -51.25 -5.09
C ASP A 65 38.29 -52.77 -5.15
N GLU A 66 39.33 -53.56 -4.92
CA GLU A 66 39.12 -55.01 -5.00
C GLU A 66 38.21 -55.56 -3.90
N ALA A 67 38.15 -54.86 -2.77
CA ALA A 67 37.15 -55.19 -1.78
C ALA A 67 35.78 -54.93 -2.38
N GLN A 68 35.63 -53.79 -3.08
CA GLN A 68 34.39 -53.46 -3.77
C GLN A 68 34.05 -54.48 -4.87
N SER A 69 35.06 -54.86 -5.65
CA SER A 69 34.88 -55.85 -6.70
C SER A 69 34.49 -57.21 -6.13
N LYS A 70 35.02 -57.54 -4.95
CA LYS A 70 34.76 -58.83 -4.35
C LYS A 70 33.71 -58.76 -3.24
N ARG A 71 32.90 -57.71 -3.26
CA ARG A 71 31.82 -57.55 -2.27
C ARG A 71 31.05 -58.84 -2.08
N GLY A 72 30.86 -59.58 -3.18
CA GLY A 72 30.05 -60.79 -3.16
C GLY A 72 30.60 -61.95 -2.35
N ILE A 73 31.90 -61.96 -2.09
CA ILE A 73 32.48 -62.98 -1.21
C ILE A 73 32.81 -62.45 0.20
N LEU A 74 32.77 -61.12 0.35
CA LEU A 74 33.26 -60.47 1.56
C LEU A 74 32.15 -59.83 2.39
N THR A 75 32.45 -59.57 3.66
CA THR A 75 31.70 -58.59 4.44
C THR A 75 32.56 -57.36 4.49
N LEU A 76 31.99 -56.25 4.03
CA LEU A 76 32.72 -54.98 3.93
C LEU A 76 32.51 -54.15 5.18
N LYS A 77 33.55 -53.42 5.56
CA LYS A 77 33.47 -52.47 6.66
C LYS A 77 34.01 -51.10 6.25
N TYR A 78 33.49 -50.06 6.92
CA TYR A 78 33.92 -48.68 6.69
C TYR A 78 34.44 -48.15 8.01
N PRO A 79 35.77 -48.18 8.21
CA PRO A 79 36.35 -47.99 9.54
C PRO A 79 36.22 -46.58 10.05
N ILE A 80 36.15 -45.61 9.15
CA ILE A 80 36.11 -44.21 9.52
C ILE A 80 34.77 -43.59 9.15
N GLU A 81 33.81 -43.79 10.04
CA GLU A 81 32.46 -43.30 9.85
C GLU A 81 32.29 -41.96 10.53
N HIS A 82 31.82 -40.99 9.73
CA HIS A 82 31.60 -39.61 10.17
C HIS A 82 32.89 -38.91 10.61
N GLY A 83 34.00 -39.30 9.98
CA GLY A 83 35.30 -38.67 10.22
C GLY A 83 36.06 -39.26 11.38
N ILE A 84 35.37 -40.03 12.20
CA ILE A 84 35.95 -40.66 13.37
C ILE A 84 36.14 -42.18 13.14
N VAL A 85 37.31 -42.69 13.52
CA VAL A 85 37.61 -44.12 13.41
C VAL A 85 36.73 -44.93 14.38
N THR A 86 36.14 -46.02 13.91
CA THR A 86 35.30 -46.87 14.76
C THR A 86 35.86 -48.29 14.91
N ASN A 87 36.95 -48.59 14.21
CA ASN A 87 37.63 -49.86 14.36
C ASN A 87 39.08 -49.69 14.02
N TRP A 88 39.97 -49.88 14.99
CA TRP A 88 41.39 -49.66 14.74
C TRP A 88 42.06 -50.76 13.94
N ASP A 89 41.52 -51.98 14.02
CA ASP A 89 42.01 -53.11 13.23
C ASP A 89 41.83 -52.85 11.74
N ASP A 90 40.63 -52.40 11.38
CA ASP A 90 40.30 -52.03 10.01
C ASP A 90 41.15 -50.86 9.52
N MET A 91 41.31 -49.87 10.39
CA MET A 91 42.12 -48.70 10.08
C MET A 91 43.57 -49.09 9.79
N GLU A 92 44.09 -50.01 10.58
CA GLU A 92 45.44 -50.53 10.38
C GLU A 92 45.61 -51.22 9.01
N LYS A 93 44.56 -51.93 8.58
CA LYS A 93 44.53 -52.56 7.25
C LYS A 93 44.64 -51.50 6.17
N ILE A 94 43.88 -50.42 6.32
CA ILE A 94 43.95 -49.31 5.36
C ILE A 94 45.35 -48.68 5.29
N TRP A 95 45.97 -48.40 6.43
CA TRP A 95 47.26 -47.72 6.42
C TRP A 95 48.31 -48.63 5.84
N HIS A 96 48.16 -49.92 6.12
CA HIS A 96 49.06 -50.94 5.61
C HIS A 96 49.00 -50.93 4.09
N HIS A 97 47.79 -51.01 3.56
CA HIS A 97 47.52 -50.94 2.12
C HIS A 97 48.14 -49.69 1.50
N THR A 98 48.05 -48.58 2.22
CA THR A 98 48.47 -47.28 1.71
C THR A 98 49.98 -47.22 1.48
N PHE A 99 50.74 -47.65 2.50
CA PHE A 99 52.19 -47.64 2.45
C PHE A 99 52.74 -48.64 1.42
N TYR A 100 52.32 -49.90 1.54
CA TYR A 100 52.91 -50.99 0.77
C TYR A 100 52.33 -51.17 -0.63
N ASN A 101 51.00 -51.19 -0.74
CA ASN A 101 50.33 -51.45 -2.01
C ASN A 101 50.19 -50.23 -2.92
N GLU A 102 49.92 -49.08 -2.32
CA GLU A 102 49.68 -47.85 -3.07
C GLU A 102 50.90 -46.96 -3.30
N LEU A 103 51.62 -46.60 -2.25
CA LEU A 103 52.74 -45.69 -2.39
C LEU A 103 54.04 -46.46 -2.60
N ARG A 104 54.02 -47.71 -2.13
CA ARG A 104 55.13 -48.65 -2.24
C ARG A 104 56.40 -48.10 -1.61
N VAL A 105 56.29 -47.73 -0.35
CA VAL A 105 57.39 -47.17 0.42
C VAL A 105 57.54 -47.97 1.71
N ALA A 106 58.64 -47.75 2.42
CA ALA A 106 58.83 -48.37 3.72
C ALA A 106 58.46 -47.36 4.80
N PRO A 107 57.37 -47.63 5.56
CA PRO A 107 56.94 -46.77 6.66
C PRO A 107 58.11 -46.28 7.51
N GLU A 108 58.96 -47.19 7.97
CA GLU A 108 60.07 -46.90 8.88
C GLU A 108 61.14 -45.97 8.31
N GLU A 109 61.02 -45.63 7.03
CA GLU A 109 61.99 -44.77 6.36
C GLU A 109 61.56 -43.30 6.25
N HIS A 110 60.26 -43.05 6.40
CA HIS A 110 59.70 -41.73 6.15
C HIS A 110 58.95 -41.20 7.37
N PRO A 111 59.09 -39.90 7.67
CA PRO A 111 58.13 -39.33 8.61
C PRO A 111 56.79 -39.19 7.90
N VAL A 112 55.70 -39.40 8.64
CA VAL A 112 54.35 -39.38 8.07
C VAL A 112 53.40 -38.44 8.84
N LEU A 113 52.68 -37.61 8.08
CA LEU A 113 51.68 -36.70 8.63
C LEU A 113 50.29 -37.27 8.37
N LEU A 114 49.48 -37.34 9.43
CA LEU A 114 48.11 -37.85 9.34
C LEU A 114 47.13 -36.76 9.69
N THR A 115 45.90 -36.91 9.22
CA THR A 115 44.86 -35.93 9.50
C THR A 115 43.74 -36.52 10.36
N GLU A 116 42.97 -35.63 10.99
CA GLU A 116 41.84 -36.03 11.82
C GLU A 116 40.68 -35.07 11.68
N ALA A 117 39.49 -35.54 12.02
CA ALA A 117 38.30 -34.71 11.97
C ALA A 117 38.30 -33.75 13.16
N PRO A 118 37.61 -32.60 13.04
CA PRO A 118 37.44 -31.77 14.22
C PRO A 118 36.74 -32.53 15.35
N LEU A 119 37.02 -32.15 16.59
CA LEU A 119 36.37 -32.75 17.77
C LEU A 119 36.64 -34.25 17.91
N ASN A 120 37.83 -34.65 17.48
CA ASN A 120 38.23 -36.03 17.55
C ASN A 120 38.63 -36.36 18.98
N PRO A 121 37.97 -37.36 19.60
CA PRO A 121 38.21 -37.77 20.98
C PRO A 121 39.69 -37.94 21.28
N LYS A 122 40.11 -37.57 22.49
CA LYS A 122 41.52 -37.62 22.87
C LYS A 122 42.06 -39.04 22.86
N ALA A 123 41.22 -40.01 23.21
CA ALA A 123 41.57 -41.44 23.12
C ALA A 123 42.11 -41.81 21.74
N ASN A 124 41.35 -41.46 20.70
CA ASN A 124 41.69 -41.79 19.31
C ASN A 124 42.98 -41.16 18.85
N ARG A 125 43.30 -39.99 19.38
CA ARG A 125 44.51 -39.29 18.95
C ARG A 125 45.75 -40.00 19.44
N GLU A 126 45.61 -40.65 20.59
CA GLU A 126 46.69 -41.43 21.17
C GLU A 126 46.87 -42.73 20.40
N LYS A 127 45.74 -43.38 20.12
CA LYS A 127 45.72 -44.61 19.34
C LYS A 127 46.39 -44.45 17.97
N MET A 128 46.09 -43.34 17.30
CA MET A 128 46.73 -43.00 16.03
C MET A 128 48.23 -42.98 16.16
N THR A 129 48.72 -42.41 17.27
CA THR A 129 50.16 -42.27 17.51
C THR A 129 50.79 -43.60 17.95
N GLN A 130 50.08 -44.33 18.81
CA GLN A 130 50.51 -45.68 19.19
C GLN A 130 50.77 -46.52 17.94
N ILE A 131 49.75 -46.63 17.08
CA ILE A 131 49.83 -47.47 15.87
C ILE A 131 50.93 -47.03 14.91
N MET A 132 51.17 -45.74 14.82
CA MET A 132 52.16 -45.26 13.87
C MET A 132 53.58 -45.62 14.26
N PHE A 133 53.84 -45.61 15.57
CA PHE A 133 55.17 -45.91 16.10
C PHE A 133 55.36 -47.40 16.41
N GLU A 134 54.37 -48.01 17.06
CA GLU A 134 54.48 -49.41 17.48
C GLU A 134 54.24 -50.42 16.35
N THR A 135 53.21 -50.18 15.54
CA THR A 135 52.87 -51.05 14.40
C THR A 135 53.71 -50.77 13.15
N PHE A 136 53.86 -49.50 12.78
CA PHE A 136 54.51 -49.16 11.52
C PHE A 136 55.95 -48.64 11.66
N ASN A 137 56.42 -48.51 12.90
CA ASN A 137 57.78 -48.05 13.19
C ASN A 137 58.18 -46.84 12.37
N THR A 138 57.50 -45.70 12.60
CA THR A 138 57.79 -44.45 11.89
C THR A 138 58.88 -43.65 12.60
N PRO A 139 59.83 -43.08 11.83
CA PRO A 139 60.91 -42.30 12.44
C PRO A 139 60.33 -41.07 13.15
N ALA A 140 59.38 -40.43 12.49
CA ALA A 140 58.66 -39.29 13.02
C ALA A 140 57.24 -39.31 12.50
N MET A 141 56.37 -38.56 13.16
CA MET A 141 55.01 -38.37 12.68
C MET A 141 54.35 -37.14 13.31
N TYR A 142 53.19 -36.78 12.79
CA TYR A 142 52.42 -35.62 13.26
C TYR A 142 50.96 -35.82 12.90
N VAL A 143 50.09 -35.18 13.66
CA VAL A 143 48.65 -35.22 13.42
C VAL A 143 48.09 -33.80 13.22
N ALA A 144 47.30 -33.63 12.16
CA ALA A 144 46.77 -32.30 11.83
C ALA A 144 45.26 -32.36 11.69
N ILE A 145 44.58 -31.31 12.13
CA ILE A 145 43.15 -31.22 11.90
C ILE A 145 42.93 -30.92 10.41
N GLN A 146 42.11 -31.73 9.76
CA GLN A 146 41.84 -31.60 8.33
C GLN A 146 41.52 -30.16 7.91
N ALA A 147 40.50 -29.60 8.55
CA ALA A 147 40.07 -28.22 8.30
C ALA A 147 41.22 -27.24 8.33
N VAL A 148 42.11 -27.37 9.32
CA VAL A 148 43.28 -26.48 9.45
C VAL A 148 44.17 -26.52 8.22
N LEU A 149 44.41 -27.71 7.69
CA LEU A 149 45.26 -27.89 6.51
C LEU A 149 44.70 -27.19 5.27
N SER A 150 43.36 -27.17 5.14
CA SER A 150 42.70 -26.42 4.08
C SER A 150 43.14 -24.98 4.15
N LEU A 151 42.96 -24.36 5.31
CA LEU A 151 43.31 -22.97 5.50
C LEU A 151 44.76 -22.72 5.09
N TYR A 152 45.66 -23.57 5.55
CA TYR A 152 47.08 -23.46 5.22
C TYR A 152 47.30 -23.50 3.70
N ALA A 153 46.51 -24.33 3.02
CA ALA A 153 46.69 -24.54 1.58
C ALA A 153 46.44 -23.29 0.79
N SER A 154 45.66 -22.38 1.37
CA SER A 154 45.36 -21.10 0.75
C SER A 154 46.15 -19.97 1.39
N GLY A 155 47.27 -20.31 2.03
CA GLY A 155 48.23 -19.34 2.56
C GLY A 155 47.77 -18.50 3.75
N ARG A 156 46.99 -19.12 4.62
CA ARG A 156 46.36 -18.42 5.72
C ARG A 156 46.51 -19.23 6.98
N THR A 157 46.43 -18.55 8.11
CA THR A 157 46.62 -19.19 9.40
C THR A 157 45.46 -18.84 10.31
N THR A 158 44.61 -17.92 9.85
CA THR A 158 43.42 -17.50 10.58
C THR A 158 42.25 -17.42 9.60
N GLY A 159 41.09 -17.90 10.02
CA GLY A 159 39.90 -17.87 9.19
C GLY A 159 38.94 -18.95 9.63
N ILE A 160 37.83 -19.08 8.91
CA ILE A 160 36.87 -20.15 9.16
C ILE A 160 36.74 -21.02 7.91
N VAL A 161 36.85 -22.33 8.06
CA VAL A 161 36.68 -23.19 6.90
C VAL A 161 35.50 -24.10 7.07
N LEU A 162 34.70 -24.19 6.01
CA LEU A 162 33.61 -25.15 5.92
C LEU A 162 34.11 -26.35 5.13
N ASP A 163 34.25 -27.48 5.80
CA ASP A 163 34.83 -28.67 5.21
C ASP A 163 33.74 -29.71 5.12
N SER A 164 33.28 -29.97 3.90
CA SER A 164 32.15 -30.89 3.69
C SER A 164 32.52 -31.99 2.71
N GLY A 165 32.37 -33.23 3.17
CA GLY A 165 32.78 -34.39 2.40
C GLY A 165 31.66 -35.39 2.24
N ASP A 166 31.99 -36.67 2.42
CA ASP A 166 31.07 -37.74 2.16
C ASP A 166 30.06 -37.90 3.28
N GLY A 167 30.59 -38.01 4.51
CA GLY A 167 29.81 -38.39 5.68
C GLY A 167 29.42 -37.26 6.60
N VAL A 168 30.26 -36.23 6.68
CA VAL A 168 29.97 -35.10 7.58
C VAL A 168 30.51 -33.75 7.09
N SER A 169 29.91 -32.68 7.62
CA SER A 169 30.35 -31.30 7.36
C SER A 169 30.65 -30.58 8.66
N HIS A 170 31.72 -29.78 8.65
CA HIS A 170 32.09 -28.95 9.80
C HIS A 170 32.34 -27.51 9.40
N THR A 171 31.94 -26.57 10.24
CA THR A 171 32.48 -25.22 10.17
C THR A 171 33.48 -25.09 11.31
N VAL A 172 34.68 -24.65 10.97
CA VAL A 172 35.78 -24.64 11.91
C VAL A 172 36.48 -23.29 11.91
N PRO A 173 36.23 -22.48 12.96
CA PRO A 173 36.92 -21.21 13.18
C PRO A 173 38.35 -21.46 13.66
N ILE A 174 39.33 -20.91 12.95
CA ILE A 174 40.74 -21.12 13.28
C ILE A 174 41.39 -19.77 13.48
N TYR A 175 42.08 -19.63 14.61
CA TYR A 175 42.83 -18.41 14.91
C TYR A 175 44.31 -18.68 15.15
N GLU A 176 45.14 -17.99 14.35
CA GLU A 176 46.60 -18.12 14.40
C GLU A 176 47.18 -19.55 14.48
N GLY A 177 46.57 -20.47 13.75
CA GLY A 177 47.08 -21.83 13.65
C GLY A 177 46.28 -22.87 14.39
N TYR A 178 45.44 -22.43 15.31
CA TYR A 178 44.71 -23.36 16.19
C TYR A 178 43.21 -23.30 15.98
N ALA A 179 42.58 -24.47 15.86
CA ALA A 179 41.12 -24.55 15.76
C ALA A 179 40.50 -24.14 17.09
N LEU A 180 39.30 -23.58 17.06
CA LEU A 180 38.64 -23.13 18.28
C LEU A 180 37.48 -24.07 18.61
N PRO A 181 37.77 -25.10 19.43
CA PRO A 181 36.80 -26.17 19.75
C PRO A 181 35.40 -25.70 20.10
N HIS A 182 35.28 -24.60 20.84
CA HIS A 182 33.96 -24.16 21.32
C HIS A 182 33.06 -23.69 20.18
N ALA A 183 33.68 -23.24 19.09
CA ALA A 183 32.92 -22.63 18.00
C ALA A 183 32.78 -23.56 16.78
N ILE A 184 33.37 -24.75 16.87
CA ILE A 184 33.22 -25.77 15.84
C ILE A 184 31.80 -26.31 15.87
N LEU A 185 31.10 -26.14 14.75
CA LEU A 185 29.78 -26.73 14.60
C LEU A 185 29.82 -27.86 13.58
N ARG A 186 29.18 -28.97 13.96
CA ARG A 186 29.05 -30.14 13.09
C ARG A 186 27.68 -30.16 12.47
N LEU A 187 27.64 -30.28 11.15
CA LEU A 187 26.36 -30.32 10.44
C LEU A 187 26.12 -31.74 9.97
N ASP A 188 25.12 -32.38 10.54
CA ASP A 188 24.87 -33.80 10.24
C ASP A 188 24.15 -33.91 8.90
N LEU A 189 24.90 -33.58 7.85
CA LEU A 189 24.44 -33.56 6.47
C LEU A 189 25.65 -33.30 5.58
N ALA A 190 25.78 -34.05 4.50
CA ALA A 190 26.91 -33.91 3.57
C ALA A 190 26.63 -34.65 2.26
N GLY A 191 27.71 -34.99 1.54
CA GLY A 191 27.63 -35.59 0.20
C GLY A 191 26.61 -36.70 -0.01
N ARG A 192 26.68 -37.74 0.81
CA ARG A 192 25.83 -38.91 0.60
C ARG A 192 24.34 -38.66 0.91
N ASP A 193 24.04 -37.58 1.62
CA ASP A 193 22.64 -37.18 1.83
C ASP A 193 22.08 -36.57 0.56
N LEU A 194 22.97 -36.02 -0.26
CA LEU A 194 22.58 -35.43 -1.53
C LEU A 194 22.44 -36.51 -2.61
N THR A 195 23.41 -37.42 -2.68
CA THR A 195 23.30 -38.61 -3.54
C THR A 195 21.91 -39.21 -3.36
N ASP A 196 21.59 -39.56 -2.11
CA ASP A 196 20.28 -40.10 -1.74
C ASP A 196 19.14 -39.19 -2.15
N TYR A 197 19.28 -37.89 -1.87
CA TYR A 197 18.23 -36.93 -2.21
C TYR A 197 18.04 -36.82 -3.72
N LEU A 198 19.13 -36.97 -4.48
CA LEU A 198 19.05 -36.85 -5.93
C LEU A 198 18.26 -38.04 -6.49
N MET A 199 18.57 -39.23 -5.99
CA MET A 199 17.78 -40.43 -6.30
C MET A 199 16.28 -40.20 -6.08
N LYS A 200 15.92 -39.58 -4.96
CA LYS A 200 14.52 -39.36 -4.60
C LYS A 200 13.82 -38.51 -5.65
N ILE A 201 14.43 -37.38 -6.01
CA ILE A 201 13.80 -36.43 -6.93
C ILE A 201 13.79 -36.87 -8.41
N LEU A 202 14.72 -37.77 -8.77
CA LEU A 202 14.72 -38.39 -10.10
C LEU A 202 13.64 -39.46 -10.22
N THR A 203 13.54 -40.31 -9.20
CA THR A 203 12.43 -41.25 -9.04
C THR A 203 11.10 -40.52 -9.23
N GLU A 204 10.92 -39.44 -8.49
CA GLU A 204 9.72 -38.62 -8.61
C GLU A 204 9.46 -38.21 -10.05
N ARG A 205 10.52 -37.83 -10.76
CA ARG A 205 10.43 -37.37 -12.13
C ARG A 205 9.83 -38.44 -13.05
N GLY A 206 10.25 -39.68 -12.83
CA GLY A 206 9.78 -40.80 -13.64
C GLY A 206 10.84 -41.84 -13.94
N TYR A 207 12.05 -41.60 -13.43
CA TYR A 207 13.13 -42.57 -13.54
C TYR A 207 13.18 -43.44 -12.28
N SER A 208 14.11 -44.39 -12.23
CA SER A 208 14.25 -45.24 -11.05
C SER A 208 15.70 -45.60 -10.74
N PHE A 209 16.20 -45.05 -9.63
CA PHE A 209 17.49 -45.41 -9.08
C PHE A 209 17.30 -45.81 -7.61
N THR A 210 17.81 -46.98 -7.25
CA THR A 210 17.64 -47.53 -5.89
C THR A 210 18.76 -48.48 -5.49
N THR A 211 19.14 -49.36 -6.42
CA THR A 211 20.21 -50.34 -6.19
C THR A 211 21.56 -49.64 -6.05
N THR A 212 22.43 -50.18 -5.21
CA THR A 212 23.71 -49.53 -4.90
C THR A 212 24.62 -49.35 -6.12
N GLU A 213 24.22 -49.92 -7.26
CA GLU A 213 24.89 -49.66 -8.54
C GLU A 213 24.23 -48.46 -9.23
N GLU A 214 22.90 -48.37 -9.11
CA GLU A 214 22.16 -47.18 -9.56
C GLU A 214 22.62 -45.93 -8.78
N ARG A 215 22.89 -46.10 -7.49
CA ARG A 215 23.46 -45.03 -6.66
C ARG A 215 24.71 -44.44 -7.33
N GLU A 216 25.71 -45.29 -7.58
CA GLU A 216 26.97 -44.86 -8.18
C GLU A 216 26.77 -44.12 -9.50
N ILE A 217 25.61 -44.31 -10.12
CA ILE A 217 25.28 -43.62 -11.38
C ILE A 217 24.84 -42.20 -11.04
N VAL A 218 23.87 -42.10 -10.13
CA VAL A 218 23.38 -40.82 -9.61
C VAL A 218 24.54 -39.97 -9.11
N ARG A 219 25.42 -40.58 -8.32
CA ARG A 219 26.60 -39.90 -7.79
C ARG A 219 27.45 -39.29 -8.89
N ASP A 220 27.52 -39.94 -10.06
CA ASP A 220 28.24 -39.38 -11.19
C ASP A 220 27.52 -38.19 -11.81
N ILE A 221 26.19 -38.28 -11.88
CA ILE A 221 25.36 -37.17 -12.38
C ILE A 221 25.62 -35.95 -11.51
N LYS A 222 25.44 -36.14 -10.20
CA LYS A 222 25.65 -35.11 -9.18
C LYS A 222 26.96 -34.35 -9.40
N GLU A 223 28.06 -35.08 -9.47
CA GLU A 223 29.38 -34.49 -9.63
C GLU A 223 29.60 -33.85 -11.00
N LYS A 224 28.68 -34.06 -11.94
CA LYS A 224 28.90 -33.59 -13.30
C LYS A 224 27.92 -32.52 -13.75
N LEU A 225 26.68 -32.65 -13.29
CA LEU A 225 25.59 -31.82 -13.79
C LEU A 225 25.01 -30.83 -12.78
N CYS A 226 25.15 -31.12 -11.49
CA CYS A 226 24.57 -30.30 -10.43
C CYS A 226 25.28 -28.97 -10.23
N TYR A 227 24.53 -27.96 -9.80
CA TYR A 227 25.09 -26.62 -9.55
C TYR A 227 24.21 -25.82 -8.59
N VAL A 228 24.77 -24.73 -8.04
CA VAL A 228 24.02 -23.87 -7.12
C VAL A 228 23.58 -22.61 -7.83
N ALA A 229 22.28 -22.32 -7.77
CA ALA A 229 21.76 -21.10 -8.37
C ALA A 229 21.88 -19.92 -7.40
N LEU A 230 22.29 -18.76 -7.91
CA LEU A 230 22.33 -17.57 -7.06
C LEU A 230 20.96 -17.25 -6.47
N ASP A 231 19.92 -17.32 -7.31
CA ASP A 231 18.55 -17.14 -6.85
C ASP A 231 17.73 -18.40 -7.15
N PHE A 232 17.45 -19.18 -6.11
CA PHE A 232 16.82 -20.49 -6.26
C PHE A 232 15.42 -20.40 -6.82
N GLU A 233 14.60 -19.51 -6.25
CA GLU A 233 13.22 -19.36 -6.68
C GLU A 233 13.15 -18.99 -8.15
N GLN A 234 13.84 -17.93 -8.51
CA GLN A 234 13.92 -17.47 -9.89
C GLN A 234 14.38 -18.58 -10.84
N GLU A 235 15.30 -19.42 -10.39
CA GLU A 235 15.79 -20.53 -11.21
C GLU A 235 14.73 -21.62 -11.37
N MET A 236 13.91 -21.81 -10.33
CA MET A 236 12.78 -22.71 -10.40
C MET A 236 11.76 -22.19 -11.41
N ALA A 237 11.57 -20.87 -11.41
CA ALA A 237 10.70 -20.21 -12.36
C ALA A 237 11.17 -20.42 -13.79
N THR A 238 12.48 -20.28 -14.03
CA THR A 238 13.03 -20.45 -15.38
C THR A 238 12.84 -21.91 -15.88
N ALA A 239 13.20 -22.86 -15.03
CA ALA A 239 13.08 -24.28 -15.36
C ALA A 239 11.63 -24.69 -15.64
N ALA A 240 10.67 -23.99 -15.02
CA ALA A 240 9.26 -24.33 -15.19
C ALA A 240 8.67 -23.77 -16.48
N SER A 241 9.25 -22.68 -16.97
CA SER A 241 8.69 -21.98 -18.13
C SER A 241 9.57 -22.05 -19.38
N SER A 242 10.39 -23.08 -19.45
CA SER A 242 11.29 -23.31 -20.59
C SER A 242 12.10 -24.56 -20.33
N SER A 243 12.67 -25.14 -21.38
CA SER A 243 13.47 -26.35 -21.23
C SER A 243 14.95 -26.04 -21.44
N SER A 244 15.29 -24.76 -21.33
CA SER A 244 16.65 -24.29 -21.58
C SER A 244 17.69 -24.77 -20.56
N LEU A 245 17.23 -25.03 -19.34
CA LEU A 245 18.12 -25.55 -18.29
C LEU A 245 18.29 -27.07 -18.35
N GLU A 246 17.55 -27.72 -19.25
CA GLU A 246 17.52 -29.18 -19.35
C GLU A 246 18.73 -29.78 -20.05
N LYS A 247 19.24 -30.86 -19.50
CA LYS A 247 20.38 -31.59 -20.05
C LYS A 247 20.06 -33.07 -20.03
N SER A 248 20.60 -33.80 -21.00
CA SER A 248 20.39 -35.25 -21.03
C SER A 248 21.68 -36.02 -20.81
N TYR A 249 21.59 -37.05 -19.96
CA TYR A 249 22.76 -37.74 -19.48
C TYR A 249 22.92 -39.10 -20.15
N GLU A 250 24.15 -39.38 -20.59
CA GLU A 250 24.46 -40.60 -21.34
C GLU A 250 24.82 -41.78 -20.44
N LEU A 251 23.82 -42.62 -20.14
CA LEU A 251 24.04 -43.81 -19.31
C LEU A 251 24.94 -44.88 -19.95
N LYS A 252 25.30 -45.90 -19.16
CA LYS A 252 26.14 -47.01 -19.61
C LYS A 252 25.42 -47.93 -20.59
N ASP A 253 24.19 -48.30 -20.25
CA ASP A 253 23.36 -49.11 -21.12
C ASP A 253 22.65 -48.29 -22.19
N GLY A 254 23.03 -47.01 -22.32
CA GLY A 254 22.57 -46.14 -23.40
C GLY A 254 21.22 -45.47 -23.20
N GLN A 255 20.53 -45.79 -22.10
CA GLN A 255 19.25 -45.15 -21.78
C GLN A 255 19.48 -43.69 -21.41
N VAL A 256 19.39 -42.82 -22.41
CA VAL A 256 19.58 -41.38 -22.22
C VAL A 256 18.43 -40.78 -21.39
N ILE A 257 18.80 -40.30 -20.20
CA ILE A 257 17.86 -39.76 -19.21
C ILE A 257 17.86 -38.23 -19.26
N THR A 258 16.69 -37.62 -19.10
CA THR A 258 16.59 -36.15 -19.09
C THR A 258 16.35 -35.56 -17.69
N ILE A 259 17.25 -34.65 -17.30
CA ILE A 259 17.22 -34.03 -15.97
C ILE A 259 17.08 -32.50 -16.06
N GLY A 260 16.07 -31.96 -15.37
CA GLY A 260 15.78 -30.53 -15.41
C GLY A 260 16.18 -29.83 -14.12
N ASN A 261 15.19 -29.25 -13.45
CA ASN A 261 15.41 -28.48 -12.22
C ASN A 261 16.07 -29.28 -11.08
N GLU A 262 16.21 -30.59 -11.28
CA GLU A 262 16.93 -31.43 -10.32
C GLU A 262 18.40 -31.05 -10.20
N ARG A 263 18.98 -30.54 -11.29
CA ARG A 263 20.40 -30.16 -11.32
C ARG A 263 20.77 -29.20 -10.20
N PHE A 264 19.87 -28.28 -9.87
CA PHE A 264 20.15 -27.26 -8.86
C PHE A 264 19.37 -27.42 -7.56
N ARG A 265 18.26 -28.15 -7.62
CA ARG A 265 17.49 -28.44 -6.42
C ARG A 265 18.29 -29.36 -5.50
N CYS A 266 19.28 -30.05 -6.07
CA CYS A 266 20.10 -31.01 -5.31
C CYS A 266 21.06 -30.29 -4.35
N PRO A 267 21.98 -29.46 -4.86
CA PRO A 267 22.89 -28.73 -3.99
C PRO A 267 22.16 -27.71 -3.10
N GLU A 268 20.96 -27.30 -3.52
CA GLU A 268 20.12 -26.40 -2.73
C GLU A 268 19.84 -26.94 -1.31
N ALA A 269 19.78 -28.27 -1.19
CA ALA A 269 19.57 -28.92 0.10
C ALA A 269 20.59 -28.48 1.13
N LEU A 270 21.78 -28.08 0.68
CA LEU A 270 22.82 -27.56 1.57
C LEU A 270 22.37 -26.31 2.28
N PHE A 271 21.55 -25.52 1.60
CA PHE A 271 21.07 -24.25 2.11
C PHE A 271 19.69 -24.40 2.71
N GLN A 272 18.98 -25.45 2.32
CA GLN A 272 17.64 -25.69 2.83
C GLN A 272 17.45 -27.14 3.22
N PRO A 273 18.11 -27.56 4.32
CA PRO A 273 18.05 -28.95 4.77
C PRO A 273 16.64 -29.49 5.03
N SER A 274 15.61 -28.63 4.98
CA SER A 274 14.22 -29.12 5.11
C SER A 274 13.81 -30.00 3.92
N PHE A 275 14.43 -29.74 2.76
CA PHE A 275 14.37 -30.62 1.58
C PHE A 275 14.75 -32.08 1.90
N LEU A 276 15.45 -32.30 3.02
CA LEU A 276 15.91 -33.63 3.42
C LEU A 276 15.20 -34.13 4.66
N GLY A 277 14.08 -33.49 5.01
CA GLY A 277 13.33 -33.83 6.22
C GLY A 277 14.12 -33.54 7.49
N MET A 278 15.22 -32.79 7.33
CA MET A 278 16.04 -32.35 8.45
C MET A 278 15.58 -30.97 8.91
N GLU A 279 15.46 -30.83 10.23
CA GLU A 279 15.05 -29.57 10.85
C GLU A 279 16.26 -28.64 11.01
N ALA A 280 17.41 -29.08 10.50
CA ALA A 280 18.70 -28.41 10.67
C ALA A 280 18.80 -27.02 10.04
N CYS A 281 20.03 -26.54 9.92
CA CYS A 281 20.27 -25.12 9.84
C CYS A 281 20.60 -24.55 8.47
N GLY A 282 21.45 -25.23 7.71
CA GLY A 282 21.88 -24.69 6.42
C GLY A 282 23.31 -24.22 6.48
N ILE A 283 24.09 -24.54 5.46
CA ILE A 283 25.54 -24.38 5.54
C ILE A 283 25.93 -22.95 5.81
N HIS A 284 25.21 -22.02 5.17
CA HIS A 284 25.42 -20.60 5.34
C HIS A 284 25.08 -20.14 6.77
N GLU A 285 23.99 -20.65 7.33
CA GLU A 285 23.61 -20.26 8.68
C GLU A 285 24.49 -20.91 9.75
N THR A 286 24.91 -22.15 9.49
CA THR A 286 25.88 -22.82 10.35
C THR A 286 27.21 -22.06 10.36
N THR A 287 27.64 -21.59 9.19
CA THR A 287 28.86 -20.79 9.12
C THR A 287 28.70 -19.51 9.94
N TYR A 288 27.56 -18.84 9.78
CA TYR A 288 27.31 -17.63 10.53
C TYR A 288 27.30 -17.90 12.05
N ASN A 289 26.64 -18.96 12.48
CA ASN A 289 26.57 -19.27 13.90
C ASN A 289 27.93 -19.51 14.54
N SER A 290 28.84 -20.16 13.82
CA SER A 290 30.19 -20.36 14.32
C SER A 290 30.94 -19.06 14.49
N ILE A 291 30.87 -18.22 13.47
CA ILE A 291 31.51 -16.93 13.51
C ILE A 291 31.02 -16.19 14.77
N MET A 292 29.72 -16.29 15.02
CA MET A 292 29.10 -15.64 16.18
C MET A 292 29.53 -16.23 17.51
N LYS A 293 29.93 -17.50 17.51
CA LYS A 293 30.44 -18.12 18.72
C LYS A 293 31.88 -17.67 19.08
N CYS A 294 32.51 -16.88 18.21
CA CYS A 294 33.84 -16.38 18.50
C CYS A 294 33.83 -14.98 19.11
N ASP A 295 34.97 -14.60 19.67
CA ASP A 295 35.07 -13.34 20.36
C ASP A 295 34.95 -12.21 19.36
N VAL A 296 34.09 -11.25 19.73
CA VAL A 296 33.75 -10.12 18.91
C VAL A 296 34.95 -9.53 18.20
N ASP A 297 36.12 -9.61 18.84
CA ASP A 297 37.32 -8.95 18.32
C ASP A 297 38.08 -9.71 17.24
N ILE A 298 37.71 -10.96 16.98
CA ILE A 298 38.35 -11.69 15.87
C ILE A 298 37.40 -12.03 14.72
N ARG A 299 36.11 -11.83 14.95
CA ARG A 299 35.10 -12.16 13.96
C ARG A 299 35.38 -11.60 12.56
N LYS A 300 35.80 -10.33 12.49
CA LYS A 300 36.14 -9.70 11.21
C LYS A 300 37.00 -10.60 10.33
N ASP A 301 38.01 -11.23 10.94
CA ASP A 301 38.95 -12.09 10.21
C ASP A 301 38.34 -13.38 9.70
N LEU A 302 37.40 -13.91 10.48
CA LEU A 302 36.63 -15.05 10.02
C LEU A 302 35.80 -14.66 8.80
N TYR A 303 35.09 -13.53 8.87
CA TYR A 303 34.26 -13.03 7.76
C TYR A 303 35.06 -12.87 6.47
N ALA A 304 36.23 -12.25 6.59
CA ALA A 304 37.08 -11.91 5.46
C ALA A 304 37.90 -13.09 4.98
N ASN A 305 37.77 -14.23 5.67
CA ASN A 305 38.50 -15.43 5.32
C ASN A 305 37.69 -16.70 5.54
N THR A 306 36.56 -16.78 4.86
CA THR A 306 35.73 -17.97 4.92
C THR A 306 36.12 -18.89 3.78
N VAL A 307 36.79 -20.00 4.13
CA VAL A 307 37.32 -20.93 3.13
C VAL A 307 36.42 -22.16 2.95
N LEU A 308 36.32 -22.61 1.70
CA LEU A 308 35.55 -23.80 1.35
C LEU A 308 36.46 -24.98 1.00
N SER A 309 36.16 -26.16 1.54
CA SER A 309 36.90 -27.37 1.16
C SER A 309 36.10 -28.67 1.25
N GLY A 310 36.52 -29.66 0.46
CA GLY A 310 35.83 -30.93 0.41
C GLY A 310 34.93 -31.03 -0.79
N GLY A 311 34.89 -32.22 -1.38
CA GLY A 311 34.10 -32.52 -2.56
C GLY A 311 32.70 -31.94 -2.61
N THR A 312 32.03 -31.88 -1.46
CA THR A 312 30.64 -31.40 -1.41
C THR A 312 30.52 -29.88 -1.61
N THR A 313 31.65 -29.17 -1.57
CA THR A 313 31.65 -27.73 -1.83
C THR A 313 32.01 -27.43 -3.29
N MET A 314 32.05 -28.48 -4.10
CA MET A 314 32.54 -28.37 -5.47
C MET A 314 31.51 -27.93 -6.50
N TYR A 315 30.26 -27.76 -6.08
CA TYR A 315 29.22 -27.32 -7.00
C TYR A 315 29.51 -25.93 -7.51
N PRO A 316 29.56 -25.73 -8.85
CA PRO A 316 29.72 -24.37 -9.37
C PRO A 316 28.62 -23.41 -8.88
N GLY A 317 29.00 -22.19 -8.55
CA GLY A 317 28.07 -21.18 -8.05
C GLY A 317 27.87 -21.15 -6.55
N ILE A 318 28.47 -22.10 -5.84
CA ILE A 318 28.31 -22.16 -4.40
C ILE A 318 28.93 -20.95 -3.68
N ALA A 319 30.04 -20.43 -4.19
CA ALA A 319 30.77 -19.35 -3.50
C ALA A 319 29.97 -18.03 -3.48
N ASP A 320 29.60 -17.54 -4.67
CA ASP A 320 28.80 -16.31 -4.78
C ASP A 320 27.53 -16.42 -3.98
N ARG A 321 26.90 -17.59 -3.98
CA ARG A 321 25.69 -17.78 -3.20
C ARG A 321 26.01 -17.68 -1.70
N MET A 322 27.02 -18.42 -1.24
CA MET A 322 27.47 -18.29 0.13
C MET A 322 27.65 -16.82 0.47
N GLN A 323 28.46 -16.14 -0.34
CA GLN A 323 28.74 -14.72 -0.15
C GLN A 323 27.47 -13.94 0.13
N LYS A 324 26.45 -14.15 -0.70
CA LYS A 324 25.20 -13.44 -0.62
C LYS A 324 24.39 -13.84 0.63
N GLU A 325 24.39 -15.13 0.95
CA GLU A 325 23.62 -15.62 2.07
C GLU A 325 24.18 -15.15 3.42
N ILE A 326 25.50 -15.04 3.50
CA ILE A 326 26.14 -14.62 4.74
C ILE A 326 25.98 -13.11 4.91
N THR A 327 26.20 -12.37 3.82
CA THR A 327 26.00 -10.93 3.80
C THR A 327 24.60 -10.58 4.30
N ALA A 328 23.61 -11.37 3.90
CA ALA A 328 22.24 -11.21 4.37
C ALA A 328 22.09 -11.43 5.88
N LEU A 329 23.05 -12.11 6.51
CA LEU A 329 22.99 -12.41 7.95
C LEU A 329 23.87 -11.51 8.81
N ALA A 330 24.91 -10.95 8.18
CA ALA A 330 25.97 -10.19 8.84
C ALA A 330 25.54 -8.79 9.35
N PRO A 331 26.51 -7.92 9.73
CA PRO A 331 26.21 -6.48 9.81
C PRO A 331 26.33 -5.83 8.44
N SER A 332 26.21 -4.51 8.41
CA SER A 332 26.51 -3.76 7.19
C SER A 332 28.00 -3.78 6.89
N THR A 333 28.34 -3.40 5.66
CA THR A 333 29.71 -3.10 5.22
C THR A 333 30.82 -4.09 5.56
N MET A 334 30.54 -5.02 6.49
CA MET A 334 31.48 -6.08 6.85
C MET A 334 32.05 -6.77 5.61
N LYS A 335 33.38 -6.76 5.45
CA LYS A 335 33.99 -7.41 4.29
C LYS A 335 33.87 -8.94 4.35
N ILE A 336 32.94 -9.47 3.57
CA ILE A 336 32.73 -10.91 3.48
C ILE A 336 33.49 -11.46 2.28
N LYS A 337 34.53 -12.24 2.54
CA LYS A 337 35.26 -12.88 1.46
C LYS A 337 35.19 -14.40 1.58
N ILE A 338 34.72 -15.03 0.50
CA ILE A 338 34.64 -16.48 0.42
C ILE A 338 35.74 -16.99 -0.49
N ILE A 339 36.60 -17.88 0.02
CA ILE A 339 37.65 -18.48 -0.80
C ILE A 339 37.28 -19.90 -1.16
N ALA A 340 37.04 -20.12 -2.45
CA ALA A 340 36.74 -21.44 -2.97
C ALA A 340 37.68 -21.71 -4.14
N PRO A 341 38.88 -22.26 -3.86
CA PRO A 341 39.82 -22.53 -4.93
C PRO A 341 39.36 -23.72 -5.78
N PRO A 342 39.79 -23.79 -7.06
CA PRO A 342 39.34 -24.88 -7.91
C PRO A 342 39.85 -26.26 -7.48
N GLU A 343 40.90 -26.29 -6.66
CA GLU A 343 41.48 -27.56 -6.20
C GLU A 343 40.90 -28.04 -4.86
N ARG A 344 39.90 -27.32 -4.34
CA ARG A 344 39.44 -27.49 -2.95
C ARG A 344 39.04 -28.92 -2.52
N LYS A 345 38.91 -29.81 -3.49
CA LYS A 345 38.57 -31.21 -3.19
C LYS A 345 39.70 -31.89 -2.42
N TYR A 346 40.93 -31.49 -2.75
CA TYR A 346 42.13 -32.03 -2.14
C TYR A 346 42.91 -30.94 -1.41
N SER A 347 42.20 -29.89 -0.97
CA SER A 347 42.81 -28.82 -0.19
C SER A 347 43.45 -29.37 1.07
N VAL A 348 42.70 -30.17 1.81
CA VAL A 348 43.22 -30.81 3.03
C VAL A 348 44.56 -31.51 2.76
N TRP A 349 44.62 -32.35 1.72
CA TRP A 349 45.87 -33.03 1.40
C TRP A 349 46.98 -32.05 1.04
N ILE A 350 46.72 -31.20 0.03
CA ILE A 350 47.68 -30.15 -0.39
C ILE A 350 48.22 -29.34 0.80
N GLY A 351 47.32 -28.87 1.66
CA GLY A 351 47.72 -28.19 2.88
C GLY A 351 48.73 -29.05 3.63
N GLY A 352 48.40 -30.34 3.79
CA GLY A 352 49.31 -31.31 4.40
C GLY A 352 50.65 -31.34 3.71
N SER A 353 50.63 -31.38 2.37
CA SER A 353 51.86 -31.44 1.59
C SER A 353 52.76 -30.23 1.78
N ILE A 354 52.16 -29.04 1.81
CA ILE A 354 52.88 -27.78 2.03
C ILE A 354 53.55 -27.81 3.39
N LEU A 355 52.74 -28.01 4.43
CA LEU A 355 53.22 -28.00 5.80
C LEU A 355 54.43 -28.90 6.04
N ALA A 356 54.29 -30.17 5.68
CA ALA A 356 55.32 -31.15 6.01
C ALA A 356 56.58 -30.93 5.19
N SER A 357 56.45 -30.21 4.08
CA SER A 357 57.61 -29.91 3.24
C SER A 357 58.26 -28.56 3.52
N LEU A 358 57.80 -27.86 4.56
CA LEU A 358 58.42 -26.60 5.00
C LEU A 358 59.58 -26.87 5.96
N SER A 359 60.68 -26.14 5.83
CA SER A 359 61.82 -26.32 6.75
C SER A 359 61.50 -25.93 8.20
N THR A 360 60.72 -24.88 8.39
CA THR A 360 60.25 -24.49 9.73
C THR A 360 59.38 -25.54 10.42
N PHE A 361 58.90 -26.52 9.65
CA PHE A 361 58.12 -27.61 10.22
C PHE A 361 59.00 -28.75 10.73
N GLN A 362 60.24 -28.80 10.26
CA GLN A 362 61.11 -29.96 10.50
C GLN A 362 61.43 -30.32 11.95
N GLN A 363 61.20 -29.40 12.88
CA GLN A 363 61.42 -29.67 14.29
C GLN A 363 60.09 -29.79 15.03
N MET A 364 59.01 -29.69 14.28
CA MET A 364 57.67 -29.76 14.83
C MET A 364 57.20 -31.19 15.00
N TRP A 365 57.81 -32.08 14.22
CA TRP A 365 57.50 -33.50 14.21
C TRP A 365 57.60 -34.14 15.58
N ILE A 366 56.87 -35.23 15.77
CA ILE A 366 57.09 -36.10 16.92
C ILE A 366 58.07 -37.17 16.47
N SER A 367 59.21 -37.26 17.16
CA SER A 367 60.23 -38.24 16.82
C SER A 367 60.04 -39.53 17.60
N LYS A 368 60.53 -40.63 17.04
CA LYS A 368 60.51 -41.94 17.71
C LYS A 368 61.05 -41.81 19.13
N GLN A 369 62.22 -41.17 19.24
CA GLN A 369 62.84 -40.93 20.53
C GLN A 369 61.88 -40.26 21.52
N GLU A 370 61.19 -39.21 21.06
CA GLU A 370 60.24 -38.50 21.91
C GLU A 370 59.07 -39.38 22.35
N TYR A 371 58.71 -40.35 21.49
CA TYR A 371 57.62 -41.26 21.78
C TYR A 371 58.01 -42.30 22.82
N ASP A 372 59.21 -42.83 22.69
CA ASP A 372 59.74 -43.86 23.61
C ASP A 372 59.72 -43.41 25.08
N GLU A 373 59.99 -42.14 25.33
CA GLU A 373 59.92 -41.61 26.69
C GLU A 373 58.53 -41.16 27.11
N SER A 374 57.79 -40.54 26.21
CA SER A 374 56.52 -39.92 26.60
C SER A 374 55.29 -40.78 26.36
N GLY A 375 55.32 -41.61 25.32
CA GLY A 375 54.19 -42.47 25.00
C GLY A 375 53.09 -41.78 24.20
N PRO A 376 51.97 -42.49 23.97
CA PRO A 376 50.89 -42.02 23.11
C PRO A 376 50.45 -40.59 23.43
N SER A 377 50.43 -40.25 24.72
CA SER A 377 49.89 -38.97 25.19
C SER A 377 50.74 -37.74 24.84
N ILE A 378 51.96 -37.94 24.32
CA ILE A 378 52.77 -36.81 23.81
C ILE A 378 52.08 -35.98 22.71
N VAL A 379 51.08 -36.56 22.06
CA VAL A 379 50.42 -35.93 20.92
C VAL A 379 49.64 -34.70 21.36
N HIS A 380 49.09 -34.75 22.55
CA HIS A 380 48.40 -33.61 23.14
C HIS A 380 49.32 -32.37 23.26
N ARG A 381 50.58 -32.60 23.63
CA ARG A 381 51.57 -31.53 23.80
C ARG A 381 52.03 -30.93 22.46
N LYS A 382 51.78 -31.64 21.37
CA LYS A 382 52.21 -31.19 20.05
C LYS A 382 51.02 -30.78 19.16
N CYS A 383 50.00 -30.23 19.81
CA CYS A 383 48.76 -29.80 19.16
C CYS A 383 48.13 -28.62 19.90
N PHE A 384 46.99 -28.88 20.54
CA PHE A 384 46.19 -27.83 21.21
C PHE A 384 46.85 -27.32 22.49
N VAL B 14 43.99 -8.05 -7.62
CA VAL B 14 42.82 -8.66 -6.92
C VAL B 14 41.52 -8.20 -7.57
N ALA B 15 41.48 -6.95 -8.01
CA ALA B 15 40.32 -6.43 -8.73
C ALA B 15 40.57 -6.45 -10.24
N ALA B 16 39.55 -6.85 -11.01
CA ALA B 16 39.65 -6.94 -12.47
C ALA B 16 39.30 -5.62 -13.18
N LEU B 17 39.80 -5.47 -14.40
CA LEU B 17 39.53 -4.25 -15.18
C LEU B 17 38.49 -4.51 -16.26
N VAL B 18 37.61 -3.53 -16.50
CA VAL B 18 36.64 -3.63 -17.57
C VAL B 18 36.81 -2.46 -18.51
N VAL B 19 37.11 -2.74 -19.78
CA VAL B 19 37.38 -1.71 -20.78
C VAL B 19 36.47 -1.83 -22.02
N ASP B 20 35.50 -0.91 -22.14
CA ASP B 20 34.59 -0.86 -23.29
C ASP B 20 35.04 0.17 -24.33
N ASN B 21 35.69 -0.28 -25.39
CA ASN B 21 36.21 0.62 -26.41
C ASN B 21 35.16 1.00 -27.42
N GLY B 22 34.56 2.17 -27.27
CA GLY B 22 33.60 2.65 -28.25
C GLY B 22 34.26 3.40 -29.41
N SER B 23 33.55 3.50 -30.53
CA SER B 23 34.00 4.30 -31.67
C SER B 23 34.09 5.79 -31.31
N GLY B 24 33.24 6.22 -30.39
CA GLY B 24 33.31 7.58 -29.87
C GLY B 24 34.02 7.62 -28.53
N MET B 25 33.36 7.05 -27.51
CA MET B 25 33.85 7.13 -26.14
C MET B 25 34.36 5.82 -25.58
N CYS B 26 35.54 5.89 -25.00
CA CYS B 26 36.14 4.78 -24.29
C CYS B 26 35.73 4.82 -22.83
N LYS B 27 35.31 3.68 -22.27
CA LYS B 27 34.91 3.60 -20.85
C LYS B 27 35.71 2.55 -20.09
N ALA B 28 36.31 2.95 -18.97
CA ALA B 28 37.11 2.03 -18.13
C ALA B 28 36.70 2.07 -16.67
N GLY B 29 37.11 1.03 -15.93
CA GLY B 29 36.82 0.94 -14.51
C GLY B 29 37.15 -0.42 -13.92
N PHE B 30 36.53 -0.73 -12.79
CA PHE B 30 36.88 -1.91 -12.04
C PHE B 30 35.68 -2.82 -11.81
N ALA B 31 35.86 -4.10 -12.15
CA ALA B 31 34.82 -5.11 -11.96
C ALA B 31 34.26 -5.11 -10.53
N GLY B 32 32.98 -4.77 -10.40
CA GLY B 32 32.31 -4.71 -9.10
C GLY B 32 31.73 -3.33 -8.85
N ASP B 33 32.26 -2.33 -9.56
CA ASP B 33 31.79 -0.95 -9.44
C ASP B 33 30.45 -0.81 -10.12
N ASP B 34 29.70 0.21 -9.73
CA ASP B 34 28.39 0.45 -10.34
C ASP B 34 28.46 1.38 -11.55
N ALA B 35 29.68 1.68 -12.01
CA ALA B 35 29.89 2.65 -13.09
C ALA B 35 31.37 2.79 -13.40
N PRO B 36 31.71 3.16 -14.65
CA PRO B 36 33.12 3.36 -15.03
C PRO B 36 33.77 4.56 -14.32
N ARG B 37 35.08 4.51 -14.13
CA ARG B 37 35.81 5.63 -13.55
C ARG B 37 36.15 6.65 -14.62
N ALA B 38 36.70 6.16 -15.73
CA ALA B 38 37.24 7.00 -16.78
C ALA B 38 36.42 6.87 -18.05
N VAL B 39 35.91 7.99 -18.53
CA VAL B 39 35.19 8.05 -19.79
C VAL B 39 35.81 9.19 -20.58
N PHE B 40 36.43 8.87 -21.72
CA PHE B 40 37.14 9.85 -22.53
C PHE B 40 37.09 9.50 -24.02
N PRO B 41 37.28 10.50 -24.90
CA PRO B 41 37.24 10.33 -26.35
C PRO B 41 38.30 9.38 -26.91
N SER B 42 37.91 8.56 -27.88
CA SER B 42 38.83 7.64 -28.57
C SER B 42 39.58 8.38 -29.67
N ILE B 43 40.35 9.36 -29.26
CA ILE B 43 41.04 10.25 -30.18
C ILE B 43 42.53 10.19 -29.87
N VAL B 44 43.33 9.98 -30.91
CA VAL B 44 44.78 10.11 -30.81
C VAL B 44 45.23 11.28 -31.68
N GLY B 45 45.77 12.30 -31.04
CA GLY B 45 46.27 13.47 -31.74
C GLY B 45 47.78 13.50 -31.76
N ARG B 46 48.33 13.61 -32.97
CA ARG B 46 49.76 13.81 -33.13
C ARG B 46 50.01 15.20 -33.71
N PRO B 47 51.19 15.81 -33.39
CA PRO B 47 51.44 17.19 -33.80
C PRO B 47 51.63 17.32 -35.31
N ARG B 48 50.92 18.27 -35.92
CA ARG B 48 51.10 18.55 -37.34
C ARG B 48 52.40 19.31 -37.61
N HIS B 49 53.00 19.05 -38.77
CA HIS B 49 54.29 19.64 -39.11
C HIS B 49 54.15 21.07 -39.57
N GLN B 50 54.83 21.97 -38.84
CA GLN B 50 54.77 23.40 -39.11
C GLN B 50 55.70 23.83 -40.26
N GLY B 51 56.59 22.94 -40.67
CA GLY B 51 57.56 23.22 -41.74
C GLY B 51 58.68 24.12 -41.27
N VAL B 52 59.22 23.81 -40.09
CA VAL B 52 60.22 24.67 -39.42
C VAL B 52 61.59 24.00 -39.27
N MET B 53 62.63 24.80 -39.06
CA MET B 53 64.01 24.30 -38.90
C MET B 53 64.30 23.64 -37.56
N VAL B 54 64.24 24.45 -36.50
CA VAL B 54 64.42 24.00 -35.12
C VAL B 54 63.06 23.61 -34.53
N GLY B 55 62.71 22.33 -34.67
CA GLY B 55 61.36 21.86 -34.35
C GLY B 55 61.17 20.98 -33.12
N MET B 56 61.92 21.28 -32.06
CA MET B 56 61.76 20.59 -30.79
C MET B 56 60.69 21.31 -29.95
N GLY B 57 60.19 20.65 -28.91
CA GLY B 57 59.28 21.30 -27.98
C GLY B 57 58.32 20.45 -27.16
N GLN B 58 57.41 19.74 -27.83
CA GLN B 58 56.35 18.98 -27.15
C GLN B 58 56.50 17.45 -27.26
N LYS B 59 55.43 16.75 -26.87
CA LYS B 59 55.34 15.29 -26.97
C LYS B 59 54.93 14.87 -28.39
N ASP B 60 55.12 13.59 -28.69
CA ASP B 60 54.81 13.05 -30.02
C ASP B 60 53.38 12.54 -30.15
N SER B 61 52.73 12.31 -29.01
CA SER B 61 51.34 11.87 -28.99
C SER B 61 50.55 12.39 -27.78
N TYR B 62 49.29 12.72 -28.03
CA TYR B 62 48.36 13.08 -26.97
C TYR B 62 47.11 12.24 -27.16
N VAL B 63 46.51 11.83 -26.05
CA VAL B 63 45.36 10.92 -26.11
C VAL B 63 44.18 11.42 -25.28
N GLY B 64 42.99 11.34 -25.87
CA GLY B 64 41.74 11.64 -25.16
C GLY B 64 41.46 13.11 -24.96
N ASP B 65 41.28 13.49 -23.70
CA ASP B 65 40.96 14.86 -23.32
C ASP B 65 42.02 15.85 -23.79
N GLU B 66 43.26 15.62 -23.38
CA GLU B 66 44.36 16.52 -23.75
C GLU B 66 44.61 16.56 -25.26
N ALA B 67 44.22 15.51 -25.97
CA ALA B 67 44.23 15.54 -27.43
C ALA B 67 43.11 16.45 -27.94
N GLN B 68 41.99 16.47 -27.22
CA GLN B 68 40.84 17.29 -27.60
C GLN B 68 41.08 18.78 -27.42
N SER B 69 41.65 19.17 -26.28
CA SER B 69 41.88 20.59 -25.98
C SER B 69 42.94 21.19 -26.91
N LYS B 70 44.00 20.43 -27.15
CA LYS B 70 45.09 20.88 -27.99
C LYS B 70 44.85 20.55 -29.47
N ARG B 71 43.58 20.39 -29.84
CA ARG B 71 43.22 19.95 -31.19
C ARG B 71 43.71 20.89 -32.30
N GLY B 72 43.73 22.21 -32.01
CA GLY B 72 44.18 23.21 -32.97
C GLY B 72 45.56 22.90 -33.51
N ILE B 73 46.47 22.57 -32.61
CA ILE B 73 47.86 22.27 -32.98
C ILE B 73 48.11 20.80 -33.31
N LEU B 74 47.04 20.00 -33.43
CA LEU B 74 47.16 18.55 -33.67
C LEU B 74 46.29 18.02 -34.82
N THR B 75 46.76 16.94 -35.45
CA THR B 75 45.93 16.17 -36.38
C THR B 75 45.35 14.96 -35.64
N LEU B 76 44.03 14.97 -35.45
CA LEU B 76 43.34 13.94 -34.68
C LEU B 76 42.98 12.74 -35.53
N LYS B 77 43.15 11.55 -34.95
CA LYS B 77 42.73 10.30 -35.60
C LYS B 77 41.80 9.48 -34.71
N TYR B 78 40.97 8.67 -35.35
CA TYR B 78 40.07 7.75 -34.65
C TYR B 78 40.44 6.30 -34.98
N PRO B 79 41.11 5.62 -34.03
CA PRO B 79 41.67 4.29 -34.26
C PRO B 79 40.60 3.24 -34.50
N ILE B 80 39.44 3.45 -33.90
CA ILE B 80 38.34 2.50 -33.91
C ILE B 80 37.10 3.12 -34.54
N GLU B 81 36.78 2.65 -35.74
CA GLU B 81 35.67 3.19 -36.52
C GLU B 81 34.60 2.14 -36.81
N HIS B 82 33.35 2.52 -36.58
CA HIS B 82 32.20 1.64 -36.72
C HIS B 82 32.31 0.43 -35.81
N GLY B 83 32.92 0.65 -34.65
CA GLY B 83 33.08 -0.38 -33.62
C GLY B 83 34.25 -1.32 -33.84
N ILE B 84 34.90 -1.18 -34.99
CA ILE B 84 35.99 -2.09 -35.41
C ILE B 84 37.31 -1.32 -35.48
N VAL B 85 38.33 -1.84 -34.79
CA VAL B 85 39.66 -1.22 -34.76
C VAL B 85 40.36 -1.25 -36.13
N THR B 86 40.69 -0.07 -36.66
CA THR B 86 41.28 0.04 -37.99
C THR B 86 42.72 0.58 -37.97
N ASN B 87 43.23 0.85 -36.77
CA ASN B 87 44.63 1.24 -36.59
C ASN B 87 45.16 0.71 -35.26
N TRP B 88 46.06 -0.27 -35.34
CA TRP B 88 46.53 -0.95 -34.15
C TRP B 88 47.59 -0.18 -33.36
N ASP B 89 48.40 0.61 -34.07
CA ASP B 89 49.39 1.47 -33.41
C ASP B 89 48.70 2.50 -32.54
N ASP B 90 47.71 3.19 -33.11
CA ASP B 90 46.96 4.22 -32.40
C ASP B 90 46.05 3.64 -31.32
N MET B 91 45.56 2.41 -31.57
CA MET B 91 44.74 1.70 -30.61
C MET B 91 45.56 1.39 -29.35
N GLU B 92 46.79 0.93 -29.56
CA GLU B 92 47.72 0.64 -28.47
C GLU B 92 47.96 1.88 -27.61
N LYS B 93 48.12 3.03 -28.27
CA LYS B 93 48.21 4.31 -27.56
C LYS B 93 47.07 4.47 -26.56
N ILE B 94 45.83 4.32 -27.04
CA ILE B 94 44.65 4.49 -26.18
C ILE B 94 44.71 3.56 -24.98
N TRP B 95 45.01 2.29 -25.24
CA TRP B 95 45.04 1.27 -24.20
C TRP B 95 46.07 1.57 -23.13
N HIS B 96 47.27 1.94 -23.59
CA HIS B 96 48.35 2.40 -22.73
C HIS B 96 47.82 3.51 -21.83
N HIS B 97 47.38 4.59 -22.47
CA HIS B 97 46.81 5.76 -21.81
C HIS B 97 45.74 5.41 -20.77
N THR B 98 44.95 4.37 -21.05
CA THR B 98 43.83 3.97 -20.19
C THR B 98 44.32 3.35 -18.88
N PHE B 99 45.27 2.43 -19.00
CA PHE B 99 45.86 1.77 -17.84
C PHE B 99 46.64 2.73 -16.96
N TYR B 100 47.49 3.53 -17.60
CA TYR B 100 48.44 4.37 -16.87
C TYR B 100 47.89 5.72 -16.42
N ASN B 101 47.50 6.56 -17.39
CA ASN B 101 47.08 7.94 -17.11
C ASN B 101 45.66 8.08 -16.59
N GLU B 102 44.83 7.06 -16.84
CA GLU B 102 43.41 7.14 -16.52
C GLU B 102 43.05 6.31 -15.30
N LEU B 103 43.52 5.07 -15.28
CA LEU B 103 43.25 4.17 -14.18
C LEU B 103 44.39 4.18 -13.16
N ARG B 104 45.59 4.49 -13.65
CA ARG B 104 46.82 4.54 -12.84
C ARG B 104 46.99 3.23 -12.08
N VAL B 105 46.99 2.14 -12.85
CA VAL B 105 47.27 0.79 -12.35
C VAL B 105 48.26 0.10 -13.29
N ALA B 106 48.77 -1.05 -12.87
CA ALA B 106 49.66 -1.85 -13.68
C ALA B 106 48.88 -2.88 -14.50
N PRO B 107 49.14 -2.95 -15.82
CA PRO B 107 48.50 -3.96 -16.67
C PRO B 107 48.82 -5.36 -16.15
N GLU B 108 50.11 -5.62 -15.96
CA GLU B 108 50.60 -6.92 -15.49
C GLU B 108 49.98 -7.46 -14.21
N GLU B 109 49.27 -6.61 -13.47
CA GLU B 109 48.69 -7.02 -12.18
C GLU B 109 47.19 -7.33 -12.17
N HIS B 110 46.50 -7.05 -13.27
CA HIS B 110 45.04 -7.22 -13.33
C HIS B 110 44.58 -8.03 -14.55
N PRO B 111 43.60 -8.94 -14.35
CA PRO B 111 42.91 -9.51 -15.49
C PRO B 111 42.01 -8.45 -16.16
N VAL B 112 42.03 -8.42 -17.49
CA VAL B 112 41.37 -7.35 -18.25
C VAL B 112 40.26 -7.86 -19.17
N LEU B 113 39.04 -7.38 -18.94
CA LEU B 113 37.92 -7.73 -19.80
C LEU B 113 37.77 -6.68 -20.88
N LEU B 114 37.92 -7.13 -22.12
CA LEU B 114 37.73 -6.27 -23.28
C LEU B 114 36.41 -6.58 -23.98
N THR B 115 35.90 -5.60 -24.71
CA THR B 115 34.65 -5.74 -25.45
C THR B 115 34.89 -5.54 -26.94
N GLU B 116 34.00 -6.12 -27.75
CA GLU B 116 34.08 -5.98 -29.19
C GLU B 116 32.71 -5.83 -29.84
N ALA B 117 32.72 -5.26 -31.04
CA ALA B 117 31.55 -5.16 -31.88
C ALA B 117 31.09 -6.57 -32.30
N PRO B 118 29.78 -6.74 -32.56
CA PRO B 118 29.35 -8.05 -33.09
C PRO B 118 29.91 -8.19 -34.49
N LEU B 119 30.26 -9.41 -34.88
CA LEU B 119 30.84 -9.65 -36.21
C LEU B 119 32.21 -8.98 -36.41
N ASN B 120 32.97 -8.85 -35.33
CA ASN B 120 34.35 -8.42 -35.40
C ASN B 120 35.18 -9.53 -36.04
N PRO B 121 35.97 -9.21 -37.08
CA PRO B 121 36.76 -10.23 -37.79
C PRO B 121 37.70 -11.03 -36.89
N LYS B 122 37.89 -12.32 -37.23
CA LYS B 122 38.75 -13.24 -36.49
C LYS B 122 40.17 -12.71 -36.36
N ALA B 123 40.67 -12.10 -37.44
CA ALA B 123 41.98 -11.45 -37.46
C ALA B 123 42.14 -10.43 -36.32
N ASN B 124 41.20 -9.50 -36.22
CA ASN B 124 41.23 -8.46 -35.19
C ASN B 124 41.18 -8.98 -33.77
N ARG B 125 40.45 -10.07 -33.56
CA ARG B 125 40.33 -10.66 -32.22
C ARG B 125 41.65 -11.23 -31.74
N GLU B 126 42.37 -11.89 -32.64
CA GLU B 126 43.71 -12.39 -32.34
C GLU B 126 44.64 -11.24 -31.95
N LYS B 127 44.64 -10.19 -32.76
CA LYS B 127 45.48 -9.00 -32.56
C LYS B 127 45.25 -8.34 -31.19
N MET B 128 44.01 -8.30 -30.75
CA MET B 128 43.68 -7.80 -29.42
C MET B 128 44.35 -8.64 -28.35
N THR B 129 44.25 -9.96 -28.51
CA THR B 129 44.78 -10.90 -27.52
C THR B 129 46.30 -10.87 -27.51
N GLN B 130 46.89 -10.78 -28.70
CA GLN B 130 48.33 -10.64 -28.85
C GLN B 130 48.82 -9.44 -28.03
N ILE B 131 48.19 -8.28 -28.25
CA ILE B 131 48.62 -7.04 -27.61
C ILE B 131 48.45 -7.08 -26.09
N MET B 132 47.46 -7.83 -25.61
CA MET B 132 47.22 -7.88 -24.17
C MET B 132 48.24 -8.70 -23.38
N PHE B 133 48.80 -9.73 -24.01
CA PHE B 133 49.77 -10.61 -23.36
C PHE B 133 51.23 -10.26 -23.65
N GLU B 134 51.50 -9.81 -24.87
CA GLU B 134 52.85 -9.46 -25.27
C GLU B 134 53.25 -8.07 -24.81
N THR B 135 52.50 -7.07 -25.26
CA THR B 135 52.78 -5.67 -24.96
C THR B 135 52.41 -5.28 -23.54
N PHE B 136 51.27 -5.75 -23.05
CA PHE B 136 50.78 -5.31 -21.74
C PHE B 136 50.98 -6.34 -20.64
N ASN B 137 51.51 -7.51 -21.02
CA ASN B 137 51.86 -8.57 -20.06
C ASN B 137 50.80 -8.80 -19.00
N THR B 138 49.56 -8.99 -19.44
CA THR B 138 48.44 -9.20 -18.54
C THR B 138 48.46 -10.61 -17.96
N PRO B 139 48.01 -10.76 -16.71
CA PRO B 139 47.84 -12.11 -16.16
C PRO B 139 46.82 -12.84 -17.03
N ALA B 140 45.61 -12.29 -17.07
CA ALA B 140 44.52 -12.88 -17.80
C ALA B 140 43.82 -11.82 -18.65
N MET B 141 43.00 -12.29 -19.58
CA MET B 141 42.09 -11.42 -20.31
C MET B 141 40.96 -12.23 -20.97
N TYR B 142 39.90 -11.54 -21.36
CA TYR B 142 38.74 -12.16 -22.00
C TYR B 142 38.07 -11.15 -22.90
N VAL B 143 37.43 -11.61 -23.97
CA VAL B 143 36.77 -10.71 -24.93
C VAL B 143 35.26 -11.02 -25.01
N ALA B 144 34.43 -10.01 -24.76
CA ALA B 144 32.97 -10.17 -24.87
C ALA B 144 32.38 -9.25 -25.92
N ILE B 145 31.31 -9.72 -26.56
CA ILE B 145 30.53 -8.90 -27.47
C ILE B 145 29.72 -7.89 -26.66
N GLN B 146 29.82 -6.62 -27.04
CA GLN B 146 29.21 -5.52 -26.29
C GLN B 146 27.74 -5.77 -26.02
N ALA B 147 27.04 -6.12 -27.09
CA ALA B 147 25.60 -6.33 -27.04
C ALA B 147 25.22 -7.36 -25.99
N VAL B 148 25.95 -8.48 -25.95
CA VAL B 148 25.66 -9.56 -24.99
C VAL B 148 25.76 -9.05 -23.55
N LEU B 149 26.81 -8.26 -23.28
CA LEU B 149 27.00 -7.63 -21.97
C LEU B 149 25.80 -6.79 -21.54
N SER B 150 25.28 -5.97 -22.47
CA SER B 150 24.09 -5.16 -22.22
C SER B 150 22.90 -5.99 -21.78
N LEU B 151 22.74 -7.16 -22.40
CA LEU B 151 21.67 -8.06 -22.03
C LEU B 151 21.91 -8.58 -20.62
N TYR B 152 23.16 -8.97 -20.35
CA TYR B 152 23.57 -9.41 -19.02
C TYR B 152 23.30 -8.33 -18.00
N ALA B 153 23.61 -7.07 -18.39
CA ALA B 153 23.43 -5.90 -17.52
C ALA B 153 21.99 -5.77 -17.01
N SER B 154 21.03 -6.24 -17.81
CA SER B 154 19.62 -6.22 -17.44
C SER B 154 19.21 -7.55 -16.82
N GLY B 155 20.18 -8.42 -16.59
CA GLY B 155 19.96 -9.67 -15.84
C GLY B 155 19.31 -10.79 -16.63
N ARG B 156 19.62 -10.87 -17.92
CA ARG B 156 19.06 -11.86 -18.82
C ARG B 156 20.16 -12.52 -19.63
N THR B 157 19.89 -13.75 -20.05
CA THR B 157 20.86 -14.54 -20.80
C THR B 157 20.33 -14.83 -22.20
N THR B 158 19.04 -14.60 -22.40
CA THR B 158 18.42 -14.78 -23.69
C THR B 158 17.55 -13.59 -24.02
N GLY B 159 17.66 -13.10 -25.25
CA GLY B 159 16.88 -11.95 -25.68
C GLY B 159 17.53 -11.28 -26.86
N ILE B 160 16.95 -10.16 -27.29
CA ILE B 160 17.51 -9.41 -28.40
C ILE B 160 17.87 -8.00 -27.91
N VAL B 161 19.02 -7.48 -28.35
CA VAL B 161 19.39 -6.11 -28.03
C VAL B 161 19.61 -5.27 -29.28
N LEU B 162 19.02 -4.08 -29.26
CA LEU B 162 19.31 -3.05 -30.22
C LEU B 162 20.38 -2.16 -29.58
N ASP B 163 21.59 -2.22 -30.11
CA ASP B 163 22.70 -1.42 -29.62
C ASP B 163 22.96 -0.33 -30.63
N SER B 164 22.78 0.91 -30.21
CA SER B 164 22.99 2.03 -31.11
C SER B 164 23.90 3.04 -30.46
N GLY B 165 25.06 3.24 -31.07
CA GLY B 165 26.05 4.09 -30.48
C GLY B 165 26.37 5.27 -31.36
N ASP B 166 27.64 5.43 -31.64
CA ASP B 166 28.14 6.56 -32.39
C ASP B 166 27.93 6.32 -33.88
N GLY B 167 28.64 5.33 -34.41
CA GLY B 167 28.72 5.13 -35.86
C GLY B 167 27.78 4.10 -36.42
N VAL B 168 27.32 3.19 -35.55
CA VAL B 168 26.62 2.00 -36.02
C VAL B 168 25.51 1.53 -35.06
N SER B 169 24.47 0.94 -35.64
CA SER B 169 23.42 0.26 -34.88
C SER B 169 23.39 -1.22 -35.24
N HIS B 170 23.20 -2.07 -34.23
CA HIS B 170 23.16 -3.52 -34.41
C HIS B 170 21.94 -4.12 -33.75
N THR B 171 21.36 -5.15 -34.37
CA THR B 171 20.39 -5.98 -33.67
C THR B 171 21.04 -7.34 -33.43
N VAL B 172 21.04 -7.78 -32.17
CA VAL B 172 21.79 -8.97 -31.78
C VAL B 172 20.91 -9.98 -31.02
N PRO B 173 20.42 -11.01 -31.73
CA PRO B 173 19.72 -12.07 -31.03
C PRO B 173 20.74 -12.93 -30.26
N ILE B 174 20.39 -13.22 -29.01
CA ILE B 174 21.30 -13.88 -28.08
C ILE B 174 20.56 -15.00 -27.38
N TYR B 175 21.16 -16.18 -27.40
CA TYR B 175 20.56 -17.33 -26.72
C TYR B 175 21.49 -17.86 -25.67
N GLU B 176 20.99 -17.90 -24.44
CA GLU B 176 21.74 -18.41 -23.28
C GLU B 176 23.23 -18.09 -23.34
N GLY B 177 23.54 -16.83 -23.56
CA GLY B 177 24.92 -16.36 -23.53
C GLY B 177 25.67 -16.42 -24.84
N TYR B 178 25.04 -16.98 -25.88
CA TYR B 178 25.65 -16.99 -27.21
C TYR B 178 24.88 -16.09 -28.17
N ALA B 179 25.61 -15.21 -28.85
CA ALA B 179 25.03 -14.39 -29.91
C ALA B 179 24.83 -15.28 -31.11
N LEU B 180 23.81 -15.02 -31.90
CA LEU B 180 23.54 -15.85 -33.06
C LEU B 180 23.94 -15.11 -34.34
N PRO B 181 25.22 -15.20 -34.74
CA PRO B 181 25.72 -14.37 -35.83
C PRO B 181 24.81 -14.25 -37.06
N HIS B 182 24.17 -15.34 -37.47
CA HIS B 182 23.39 -15.36 -38.72
C HIS B 182 22.20 -14.41 -38.68
N ALA B 183 21.69 -14.20 -37.47
CA ALA B 183 20.52 -13.37 -37.26
C ALA B 183 20.91 -11.97 -36.81
N ILE B 184 22.21 -11.71 -36.69
CA ILE B 184 22.72 -10.36 -36.43
C ILE B 184 22.52 -9.48 -37.66
N LEU B 185 21.91 -8.31 -37.47
CA LEU B 185 21.80 -7.34 -38.55
C LEU B 185 22.44 -6.02 -38.16
N ARG B 186 23.19 -5.46 -39.09
CA ARG B 186 23.88 -4.20 -38.86
C ARG B 186 23.14 -3.10 -39.62
N LEU B 187 22.99 -1.95 -38.95
CA LEU B 187 22.36 -0.78 -39.55
C LEU B 187 23.27 0.43 -39.50
N ASP B 188 23.69 0.88 -40.67
CA ASP B 188 24.65 1.99 -40.79
C ASP B 188 23.97 3.35 -40.64
N LEU B 189 23.52 3.61 -39.42
CA LEU B 189 22.86 4.84 -39.03
C LEU B 189 22.76 4.88 -37.51
N ALA B 190 23.38 5.89 -36.90
CA ALA B 190 23.35 6.04 -35.45
C ALA B 190 23.56 7.51 -35.03
N GLY B 191 24.10 7.69 -33.83
CA GLY B 191 24.30 9.03 -33.23
C GLY B 191 24.74 10.16 -34.13
N ARG B 192 25.96 10.04 -34.69
CA ARG B 192 26.53 11.12 -35.48
C ARG B 192 25.76 11.41 -36.77
N ASP B 193 25.08 10.40 -37.31
CA ASP B 193 24.18 10.59 -38.46
C ASP B 193 23.05 11.52 -38.05
N LEU B 194 22.57 11.35 -36.82
CA LEU B 194 21.46 12.15 -36.30
C LEU B 194 21.92 13.57 -35.99
N THR B 195 23.09 13.70 -35.37
CA THR B 195 23.70 15.01 -35.19
C THR B 195 23.80 15.75 -36.54
N ASP B 196 24.38 15.11 -37.55
CA ASP B 196 24.45 15.67 -38.91
C ASP B 196 23.10 16.18 -39.39
N TYR B 197 22.07 15.36 -39.20
CA TYR B 197 20.73 15.66 -39.70
C TYR B 197 20.12 16.88 -39.01
N LEU B 198 20.39 17.06 -37.72
CA LEU B 198 19.92 18.22 -36.98
C LEU B 198 20.53 19.50 -37.53
N MET B 199 21.85 19.48 -37.71
CA MET B 199 22.58 20.54 -38.40
C MET B 199 21.92 20.92 -39.72
N LYS B 200 21.67 19.91 -40.56
CA LYS B 200 20.97 20.11 -41.82
C LYS B 200 19.64 20.87 -41.59
N ILE B 201 18.74 20.27 -40.82
CA ILE B 201 17.38 20.80 -40.65
C ILE B 201 17.29 22.14 -39.93
N LEU B 202 18.18 22.38 -38.95
CA LEU B 202 18.22 23.67 -38.26
C LEU B 202 18.66 24.79 -39.21
N THR B 203 19.66 24.51 -40.04
CA THR B 203 20.13 25.46 -41.05
C THR B 203 19.01 25.91 -41.98
N GLU B 204 18.20 24.95 -42.43
CA GLU B 204 17.05 25.22 -43.30
C GLU B 204 15.99 26.08 -42.62
N ARG B 205 15.88 25.96 -41.29
CA ARG B 205 14.95 26.76 -40.50
C ARG B 205 15.38 28.22 -40.52
N GLY B 206 16.70 28.43 -40.51
CA GLY B 206 17.27 29.78 -40.57
C GLY B 206 18.65 29.90 -39.99
N TYR B 207 18.96 29.05 -39.00
CA TYR B 207 20.25 29.11 -38.30
C TYR B 207 21.38 28.62 -39.20
N SER B 208 22.61 28.58 -38.67
CA SER B 208 23.75 28.03 -39.41
C SER B 208 24.79 27.38 -38.51
N PHE B 209 24.96 26.08 -38.71
CA PHE B 209 25.95 25.29 -37.97
C PHE B 209 26.72 24.41 -38.94
N THR B 210 28.03 24.56 -38.97
CA THR B 210 28.92 23.70 -39.75
C THR B 210 30.32 23.61 -39.19
N THR B 211 30.83 24.72 -38.66
CA THR B 211 32.14 24.73 -38.02
C THR B 211 32.11 23.72 -36.88
N THR B 212 33.20 22.98 -36.72
CA THR B 212 33.23 21.84 -35.80
C THR B 212 32.99 22.25 -34.34
N ALA B 213 33.12 23.53 -34.03
CA ALA B 213 32.79 24.04 -32.70
C ALA B 213 31.27 24.20 -32.55
N GLU B 214 30.59 24.40 -33.68
CA GLU B 214 29.13 24.51 -33.72
C GLU B 214 28.44 23.13 -33.70
N ARG B 215 29.12 22.12 -34.24
CA ARG B 215 28.64 20.74 -34.18
C ARG B 215 28.44 20.31 -32.73
N GLU B 216 29.47 20.51 -31.91
CA GLU B 216 29.44 20.14 -30.50
C GLU B 216 28.27 20.78 -29.74
N ILE B 217 27.82 21.94 -30.22
CA ILE B 217 26.65 22.61 -29.65
C ILE B 217 25.37 21.91 -30.09
N VAL B 218 25.27 21.61 -31.39
CA VAL B 218 24.14 20.88 -31.97
C VAL B 218 23.99 19.51 -31.29
N ARG B 219 25.12 18.85 -31.06
CA ARG B 219 25.13 17.58 -30.40
C ARG B 219 24.57 17.72 -29.00
N ASP B 220 24.88 18.84 -28.35
CA ASP B 220 24.36 19.11 -27.02
C ASP B 220 22.84 19.33 -27.05
N ILE B 221 22.35 19.99 -28.10
CA ILE B 221 20.91 20.20 -28.27
C ILE B 221 20.18 18.86 -28.39
N LYS B 222 20.65 18.03 -29.32
CA LYS B 222 20.15 16.69 -29.57
C LYS B 222 19.95 15.89 -28.29
N GLU B 223 20.99 15.87 -27.45
CA GLU B 223 20.98 15.07 -26.22
C GLU B 223 20.09 15.65 -25.13
N LYS B 224 19.69 16.91 -25.29
CA LYS B 224 18.96 17.62 -24.24
C LYS B 224 17.51 17.91 -24.57
N LEU B 225 17.21 18.09 -25.86
CA LEU B 225 15.89 18.57 -26.28
C LEU B 225 15.13 17.64 -27.22
N CYS B 226 15.84 16.78 -27.94
CA CYS B 226 15.20 15.83 -28.86
C CYS B 226 14.38 14.74 -28.18
N TYR B 227 13.34 14.29 -28.86
CA TYR B 227 12.55 13.15 -28.39
C TYR B 227 11.93 12.37 -29.55
N VAL B 228 11.33 11.23 -29.23
CA VAL B 228 10.70 10.40 -30.24
C VAL B 228 9.18 10.50 -30.10
N ALA B 229 8.52 10.82 -31.21
CA ALA B 229 7.07 10.96 -31.19
C ALA B 229 6.39 9.60 -31.23
N LEU B 230 5.37 9.42 -30.39
CA LEU B 230 4.51 8.23 -30.46
C LEU B 230 3.81 8.18 -31.80
N ASP B 231 3.38 9.35 -32.28
CA ASP B 231 2.75 9.46 -33.59
C ASP B 231 3.34 10.66 -34.35
N PHE B 232 4.17 10.35 -35.34
CA PHE B 232 4.95 11.39 -36.02
C PHE B 232 4.11 12.39 -36.83
N GLU B 233 3.19 11.89 -37.66
CA GLU B 233 2.32 12.75 -38.45
C GLU B 233 1.44 13.64 -37.54
N GLN B 234 0.84 13.04 -36.51
CA GLN B 234 0.11 13.77 -35.48
C GLN B 234 1.00 14.81 -34.81
N GLU B 235 2.26 14.45 -34.54
CA GLU B 235 3.16 15.37 -33.85
C GLU B 235 3.58 16.51 -34.74
N MET B 236 3.73 16.25 -36.04
CA MET B 236 3.98 17.30 -37.02
C MET B 236 2.78 18.26 -37.09
N ALA B 237 1.57 17.70 -37.04
CA ALA B 237 0.33 18.46 -37.14
C ALA B 237 0.24 19.43 -35.97
N THR B 238 0.38 18.91 -34.76
CA THR B 238 0.38 19.72 -33.55
C THR B 238 1.43 20.83 -33.56
N ALA B 239 2.63 20.49 -34.03
CA ALA B 239 3.74 21.43 -34.14
C ALA B 239 3.48 22.53 -35.14
N ALA B 240 2.60 22.27 -36.10
CA ALA B 240 2.29 23.24 -37.15
C ALA B 240 1.16 24.18 -36.74
N SER B 241 0.34 23.77 -35.77
CA SER B 241 -0.81 24.54 -35.32
C SER B 241 -0.57 25.18 -33.95
N SER B 242 0.67 25.13 -33.48
CA SER B 242 0.98 25.53 -32.12
C SER B 242 2.49 25.67 -31.89
N SER B 243 2.87 26.49 -30.91
CA SER B 243 4.26 26.58 -30.54
C SER B 243 4.52 25.84 -29.22
N SER B 244 3.52 25.10 -28.73
CA SER B 244 3.61 24.46 -27.42
C SER B 244 4.75 23.45 -27.30
N LEU B 245 5.14 22.85 -28.43
CA LEU B 245 6.21 21.86 -28.43
C LEU B 245 7.60 22.48 -28.68
N GLU B 246 7.66 23.79 -28.82
CA GLU B 246 8.95 24.46 -29.01
C GLU B 246 9.70 24.61 -27.70
N LYS B 247 11.04 24.57 -27.79
CA LYS B 247 11.91 24.79 -26.65
C LYS B 247 13.04 25.75 -27.03
N SER B 248 13.52 26.51 -26.05
CA SER B 248 14.60 27.46 -26.27
C SER B 248 15.93 26.88 -25.81
N TYR B 249 17.00 27.26 -26.50
CA TYR B 249 18.33 26.82 -26.14
C TYR B 249 19.27 28.01 -26.14
N GLU B 250 19.89 28.28 -25.00
CA GLU B 250 20.87 29.35 -24.87
C GLU B 250 22.24 28.87 -25.34
N LEU B 251 22.92 29.68 -26.16
CA LEU B 251 24.30 29.40 -26.52
C LEU B 251 25.27 29.94 -25.45
N PRO B 252 26.61 29.87 -25.70
CA PRO B 252 27.54 30.49 -24.75
C PRO B 252 27.37 32.00 -24.74
N ASP B 253 27.18 32.56 -25.93
CA ASP B 253 27.00 33.98 -26.14
C ASP B 253 25.52 34.38 -26.06
N GLY B 254 24.72 33.53 -25.42
CA GLY B 254 23.32 33.84 -25.11
C GLY B 254 22.37 34.10 -26.28
N GLN B 255 22.77 33.70 -27.48
CA GLN B 255 21.94 33.88 -28.68
C GLN B 255 20.78 32.91 -28.71
N VAL B 256 19.86 33.01 -27.75
CA VAL B 256 18.77 32.04 -27.59
C VAL B 256 18.15 31.60 -28.92
N ILE B 257 18.39 30.34 -29.28
CA ILE B 257 17.80 29.73 -30.47
C ILE B 257 16.58 28.91 -30.08
N THR B 258 15.50 29.08 -30.83
CA THR B 258 14.28 28.32 -30.61
C THR B 258 14.22 27.12 -31.57
N ILE B 259 13.84 25.96 -31.03
CA ILE B 259 13.77 24.72 -31.80
C ILE B 259 12.41 24.05 -31.61
N GLY B 260 11.76 23.72 -32.73
CA GLY B 260 10.39 23.21 -32.70
C GLY B 260 10.28 21.74 -33.05
N ASN B 261 9.74 21.45 -34.24
CA ASN B 261 9.48 20.07 -34.64
C ASN B 261 10.74 19.29 -35.00
N GLU B 262 11.87 19.99 -35.15
CA GLU B 262 13.21 19.39 -35.25
C GLU B 262 13.52 18.46 -34.06
N ARG B 263 12.90 18.74 -32.92
CA ARG B 263 13.06 17.97 -31.71
C ARG B 263 12.68 16.50 -31.92
N PHE B 264 11.68 16.24 -32.73
CA PHE B 264 11.24 14.86 -32.95
C PHE B 264 11.49 14.37 -34.37
N ARG B 265 11.72 15.30 -35.29
CA ARG B 265 12.11 14.96 -36.66
C ARG B 265 13.51 14.35 -36.72
N CYS B 266 14.39 14.82 -35.84
CA CYS B 266 15.76 14.31 -35.81
C CYS B 266 15.83 12.83 -35.41
N PRO B 267 15.29 12.47 -34.22
CA PRO B 267 15.28 11.06 -33.87
C PRO B 267 14.44 10.21 -34.83
N GLU B 268 13.49 10.82 -35.53
CA GLU B 268 12.62 10.08 -36.42
C GLU B 268 13.38 9.30 -37.47
N ALA B 269 14.55 9.81 -37.85
CA ALA B 269 15.37 9.15 -38.86
C ALA B 269 15.62 7.68 -38.51
N LEU B 270 15.76 7.39 -37.22
CA LEU B 270 15.93 6.02 -36.74
C LEU B 270 14.80 5.11 -37.20
N PHE B 271 13.62 5.70 -37.39
CA PHE B 271 12.45 4.95 -37.83
C PHE B 271 12.16 5.15 -39.31
N GLN B 272 12.68 6.24 -39.87
CA GLN B 272 12.54 6.52 -41.29
C GLN B 272 13.88 7.00 -41.85
N PRO B 273 14.80 6.07 -42.14
CA PRO B 273 16.10 6.39 -42.72
C PRO B 273 16.06 7.20 -44.01
N SER B 274 14.91 7.20 -44.71
CA SER B 274 14.74 8.01 -45.93
C SER B 274 14.95 9.50 -45.69
N PHE B 275 14.57 9.97 -44.51
CA PHE B 275 14.91 11.33 -44.04
C PHE B 275 16.38 11.68 -44.27
N LEU B 276 17.25 10.68 -44.33
CA LEU B 276 18.69 10.87 -44.53
C LEU B 276 19.11 10.46 -45.93
N GLY B 277 18.13 10.22 -46.80
CA GLY B 277 18.39 9.65 -48.13
C GLY B 277 19.04 8.28 -48.06
N MET B 278 18.58 7.46 -47.11
CA MET B 278 19.04 6.07 -47.00
C MET B 278 17.93 5.15 -47.43
N GLU B 279 18.32 4.07 -48.11
CA GLU B 279 17.37 3.05 -48.53
C GLU B 279 17.19 2.02 -47.43
N ALA B 280 17.77 2.29 -46.26
CA ALA B 280 17.75 1.39 -45.11
C ALA B 280 16.36 1.10 -44.56
N CYS B 281 16.30 0.59 -43.33
CA CYS B 281 15.11 -0.10 -42.87
C CYS B 281 14.43 0.48 -41.63
N GLY B 282 15.22 0.97 -40.69
CA GLY B 282 14.63 1.50 -39.45
C GLY B 282 14.69 0.51 -38.30
N ILE B 283 15.13 1.01 -37.14
CA ILE B 283 15.46 0.18 -35.99
C ILE B 283 14.38 -0.83 -35.61
N HIS B 284 13.11 -0.43 -35.68
CA HIS B 284 11.98 -1.32 -35.36
C HIS B 284 11.84 -2.50 -36.33
N GLU B 285 12.11 -2.23 -37.60
CA GLU B 285 12.00 -3.26 -38.63
C GLU B 285 13.27 -4.09 -38.67
N THR B 286 14.41 -3.46 -38.43
CA THR B 286 15.68 -4.17 -38.33
C THR B 286 15.63 -5.16 -37.15
N THR B 287 15.06 -4.73 -36.03
CA THR B 287 14.85 -5.61 -34.89
C THR B 287 13.96 -6.79 -35.30
N TYR B 288 12.83 -6.49 -35.94
CA TYR B 288 11.90 -7.51 -36.40
C TYR B 288 12.55 -8.56 -37.32
N ASN B 289 13.31 -8.10 -38.32
CA ASN B 289 13.97 -8.99 -39.25
C ASN B 289 14.96 -9.96 -38.60
N SER B 290 15.64 -9.51 -37.56
CA SER B 290 16.56 -10.37 -36.81
C SER B 290 15.81 -11.49 -36.11
N ILE B 291 14.71 -11.13 -35.47
CA ILE B 291 13.88 -12.09 -34.78
C ILE B 291 13.37 -13.11 -35.78
N MET B 292 13.06 -12.65 -36.99
CA MET B 292 12.50 -13.53 -38.01
C MET B 292 13.53 -14.48 -38.64
N LYS B 293 14.81 -14.20 -38.44
CA LYS B 293 15.85 -15.08 -38.94
C LYS B 293 16.07 -16.25 -37.97
N CYS B 294 15.52 -16.12 -36.76
CA CYS B 294 15.64 -17.14 -35.72
C CYS B 294 14.49 -18.14 -35.77
N ASP B 295 14.71 -19.29 -35.12
CA ASP B 295 13.71 -20.34 -35.06
C ASP B 295 12.49 -19.93 -34.27
N VAL B 296 11.38 -20.58 -34.60
CA VAL B 296 10.08 -20.31 -33.99
C VAL B 296 10.11 -20.42 -32.46
N ASP B 297 10.83 -21.42 -31.95
CA ASP B 297 10.89 -21.74 -30.52
C ASP B 297 11.68 -20.77 -29.65
N ILE B 298 12.39 -19.81 -30.24
CA ILE B 298 13.02 -18.77 -29.43
C ILE B 298 12.43 -17.38 -29.65
N ARG B 299 11.47 -17.29 -30.56
CA ARG B 299 10.89 -16.00 -30.94
C ARG B 299 10.08 -15.33 -29.84
N GLU B 300 9.22 -16.08 -29.17
CA GLU B 300 8.45 -15.53 -28.05
C GLU B 300 9.36 -14.89 -27.01
N ASP B 301 10.48 -15.56 -26.74
CA ASP B 301 11.45 -15.07 -25.79
C ASP B 301 12.20 -13.82 -26.25
N LEU B 302 12.45 -13.71 -27.56
CA LEU B 302 13.06 -12.50 -28.11
C LEU B 302 12.07 -11.33 -28.06
N TYR B 303 10.81 -11.60 -28.40
CA TYR B 303 9.75 -10.61 -28.43
C TYR B 303 9.40 -9.99 -27.07
N ALA B 304 9.49 -10.80 -26.01
CA ALA B 304 9.22 -10.31 -24.66
C ALA B 304 10.48 -9.77 -23.96
N ASN B 305 11.62 -9.86 -24.63
CA ASN B 305 12.89 -9.39 -24.06
C ASN B 305 13.73 -8.63 -25.08
N THR B 306 13.17 -7.55 -25.58
CA THR B 306 13.93 -6.65 -26.45
C THR B 306 14.57 -5.55 -25.61
N VAL B 307 15.91 -5.57 -25.55
CA VAL B 307 16.66 -4.64 -24.73
C VAL B 307 17.29 -3.55 -25.58
N LEU B 308 17.15 -2.32 -25.12
CA LEU B 308 17.77 -1.16 -25.76
C LEU B 308 19.04 -0.82 -25.03
N SER B 309 20.12 -0.58 -25.77
CA SER B 309 21.37 -0.11 -25.18
C SER B 309 22.09 0.84 -26.12
N GLY B 310 22.97 1.67 -25.55
CA GLY B 310 23.77 2.62 -26.32
C GLY B 310 23.24 4.03 -26.17
N GLY B 311 24.10 5.01 -26.46
CA GLY B 311 23.74 6.42 -26.29
C GLY B 311 22.57 6.89 -27.12
N THR B 312 22.43 6.32 -28.32
CA THR B 312 21.41 6.71 -29.26
C THR B 312 20.03 6.15 -28.90
N THR B 313 19.96 5.28 -27.91
CA THR B 313 18.67 4.79 -27.46
C THR B 313 18.14 5.63 -26.28
N MET B 314 18.82 6.74 -25.98
CA MET B 314 18.52 7.52 -24.80
C MET B 314 17.34 8.48 -24.94
N TYR B 315 16.85 8.65 -26.17
CA TYR B 315 15.73 9.56 -26.44
C TYR B 315 14.49 9.24 -25.62
N PRO B 316 13.90 10.27 -24.98
CA PRO B 316 12.60 10.07 -24.34
C PRO B 316 11.58 9.58 -25.38
N GLY B 317 10.75 8.63 -24.98
CA GLY B 317 9.69 8.13 -25.85
C GLY B 317 10.07 7.06 -26.85
N ILE B 318 11.36 6.70 -26.89
CA ILE B 318 11.85 5.70 -27.85
C ILE B 318 11.30 4.30 -27.62
N ALA B 319 11.11 3.92 -26.36
CA ALA B 319 10.66 2.56 -26.03
C ALA B 319 9.18 2.36 -26.35
N ASP B 320 8.35 3.35 -26.02
CA ASP B 320 6.91 3.29 -26.28
C ASP B 320 6.68 3.17 -27.77
N ARG B 321 7.47 3.93 -28.53
CA ARG B 321 7.39 3.92 -29.98
C ARG B 321 7.81 2.55 -30.54
N MET B 322 8.95 2.05 -30.06
CA MET B 322 9.41 0.71 -30.40
C MET B 322 8.34 -0.34 -30.11
N GLN B 323 7.73 -0.27 -28.92
CA GLN B 323 6.62 -1.15 -28.54
C GLN B 323 5.48 -1.09 -29.56
N LYS B 324 5.07 0.12 -29.91
CA LYS B 324 3.99 0.30 -30.88
C LYS B 324 4.38 -0.24 -32.26
N GLU B 325 5.58 0.15 -32.73
CA GLU B 325 6.04 -0.23 -34.06
C GLU B 325 6.21 -1.74 -34.24
N ILE B 326 6.81 -2.40 -33.25
CA ILE B 326 7.01 -3.85 -33.32
C ILE B 326 5.70 -4.61 -33.20
N THR B 327 4.84 -4.22 -32.26
CA THR B 327 3.49 -4.80 -32.15
C THR B 327 2.77 -4.82 -33.49
N ALA B 328 2.95 -3.75 -34.28
CA ALA B 328 2.37 -3.64 -35.62
C ALA B 328 2.94 -4.67 -36.60
N LEU B 329 4.26 -4.84 -36.58
CA LEU B 329 4.95 -5.72 -37.53
C LEU B 329 4.81 -7.18 -37.17
N ALA B 330 4.71 -7.44 -35.88
CA ALA B 330 4.68 -8.81 -35.39
C ALA B 330 3.31 -9.41 -35.57
N LYS B 331 3.27 -10.73 -35.53
CA LYS B 331 2.04 -11.49 -35.37
C LYS B 331 1.26 -10.93 -34.19
N SER B 332 -0.07 -10.99 -34.27
CA SER B 332 -0.94 -10.61 -33.16
C SER B 332 -0.67 -11.51 -31.96
N THR B 333 -1.33 -11.24 -30.84
CA THR B 333 -1.28 -12.13 -29.66
C THR B 333 0.13 -12.40 -29.10
N MET B 334 1.15 -11.88 -29.79
CA MET B 334 2.54 -12.01 -29.34
C MET B 334 2.79 -10.96 -28.27
N LYS B 335 3.34 -11.39 -27.13
CA LYS B 335 3.67 -10.44 -26.08
C LYS B 335 4.92 -9.68 -26.46
N ILE B 336 4.76 -8.38 -26.73
CA ILE B 336 5.90 -7.52 -27.02
C ILE B 336 6.30 -6.80 -25.73
N LYS B 337 7.56 -6.94 -25.34
CA LYS B 337 8.08 -6.16 -24.21
C LYS B 337 9.40 -5.48 -24.54
N ILE B 338 9.46 -4.16 -24.36
CA ILE B 338 10.68 -3.39 -24.60
C ILE B 338 11.27 -2.97 -23.27
N ILE B 339 12.51 -3.35 -23.02
CA ILE B 339 13.20 -3.00 -21.79
C ILE B 339 14.19 -1.89 -22.09
N ALA B 340 14.00 -0.77 -21.42
CA ALA B 340 14.85 0.39 -21.58
C ALA B 340 15.30 0.83 -20.19
N PRO B 341 16.37 0.20 -19.67
CA PRO B 341 16.86 0.63 -18.36
C PRO B 341 17.39 2.05 -18.44
N PRO B 342 17.24 2.83 -17.36
CA PRO B 342 17.72 4.21 -17.33
C PRO B 342 19.24 4.34 -17.46
N GLU B 343 19.98 3.33 -17.03
CA GLU B 343 21.43 3.36 -17.12
C GLU B 343 21.96 2.88 -18.50
N ARG B 344 21.04 2.70 -19.44
CA ARG B 344 21.35 1.99 -20.68
C ARG B 344 22.45 2.62 -21.53
N LYS B 345 22.83 3.85 -21.22
CA LYS B 345 23.96 4.47 -21.91
C LYS B 345 25.24 3.73 -21.59
N TYR B 346 25.28 3.12 -20.40
CA TYR B 346 26.49 2.47 -19.89
C TYR B 346 26.31 0.98 -19.60
N SER B 347 25.32 0.37 -20.25
CA SER B 347 24.99 -1.04 -20.05
C SER B 347 26.09 -2.00 -20.48
N VAL B 348 26.70 -1.73 -21.64
CA VAL B 348 27.80 -2.54 -22.12
C VAL B 348 28.84 -2.69 -21.02
N TRP B 349 29.29 -1.56 -20.46
CA TRP B 349 30.26 -1.59 -19.38
C TRP B 349 29.70 -2.23 -18.12
N ILE B 350 28.56 -1.72 -17.64
CA ILE B 350 27.97 -2.20 -16.40
C ILE B 350 27.89 -3.72 -16.46
N GLY B 351 27.42 -4.22 -17.60
CA GLY B 351 27.32 -5.66 -17.83
C GLY B 351 28.64 -6.38 -17.62
N GLY B 352 29.69 -5.86 -18.26
CA GLY B 352 31.04 -6.42 -18.12
C GLY B 352 31.59 -6.34 -16.71
N SER B 353 31.19 -5.31 -15.98
CA SER B 353 31.54 -5.21 -14.56
C SER B 353 30.84 -6.31 -13.74
N ILE B 354 29.56 -6.54 -14.00
CA ILE B 354 28.85 -7.63 -13.33
C ILE B 354 29.53 -8.97 -13.64
N LEU B 355 29.80 -9.22 -14.92
CA LEU B 355 30.37 -10.49 -15.38
C LEU B 355 31.71 -10.79 -14.71
N ALA B 356 32.70 -9.94 -14.94
CA ALA B 356 34.06 -10.15 -14.46
C ALA B 356 34.19 -10.05 -12.93
N SER B 357 33.07 -9.77 -12.25
CA SER B 357 33.05 -9.75 -10.79
C SER B 357 32.33 -10.98 -10.20
N LEU B 358 31.79 -11.83 -11.08
CA LEU B 358 31.13 -13.06 -10.65
C LEU B 358 32.18 -14.13 -10.37
N SER B 359 32.00 -14.86 -9.27
CA SER B 359 32.90 -15.95 -8.93
C SER B 359 32.81 -17.04 -9.99
N THR B 360 31.58 -17.34 -10.40
CA THR B 360 31.30 -18.32 -11.44
C THR B 360 31.99 -18.03 -12.78
N PHE B 361 32.65 -16.89 -12.87
CA PHE B 361 33.32 -16.49 -14.11
C PHE B 361 34.84 -16.70 -14.03
N GLN B 362 35.36 -16.90 -12.82
CA GLN B 362 36.80 -16.76 -12.60
C GLN B 362 37.71 -17.80 -13.22
N GLN B 363 37.13 -18.88 -13.73
CA GLN B 363 37.90 -19.88 -14.47
C GLN B 363 37.74 -19.75 -15.99
N MET B 364 37.05 -18.69 -16.41
CA MET B 364 36.73 -18.46 -17.83
C MET B 364 37.78 -17.64 -18.55
N TRP B 365 38.63 -16.95 -17.78
CA TRP B 365 39.74 -16.15 -18.30
C TRP B 365 40.70 -16.92 -19.21
N ILE B 366 41.38 -16.19 -20.07
CA ILE B 366 42.53 -16.71 -20.79
C ILE B 366 43.77 -16.35 -19.96
N SER B 367 44.43 -17.36 -19.40
CA SER B 367 45.64 -17.15 -18.60
C SER B 367 46.86 -16.88 -19.48
N LYS B 368 47.89 -16.30 -18.89
CA LYS B 368 49.17 -16.08 -19.58
C LYS B 368 49.74 -17.42 -20.04
N GLN B 369 49.55 -18.45 -19.22
CA GLN B 369 49.95 -19.81 -19.54
C GLN B 369 49.29 -20.32 -20.83
N GLU B 370 47.96 -20.26 -20.85
CA GLU B 370 47.16 -20.72 -22.00
C GLU B 370 47.59 -20.04 -23.29
N TYR B 371 47.91 -18.76 -23.20
CA TYR B 371 48.40 -18.02 -24.34
C TYR B 371 49.75 -18.53 -24.82
N ASP B 372 50.66 -18.79 -23.87
CA ASP B 372 52.03 -19.22 -24.19
C ASP B 372 52.08 -20.56 -24.91
N GLU B 373 51.11 -21.43 -24.63
CA GLU B 373 51.04 -22.73 -25.29
C GLU B 373 50.16 -22.75 -26.56
N SER B 374 49.10 -21.95 -26.59
CA SER B 374 48.14 -21.99 -27.70
C SER B 374 48.28 -20.86 -28.72
N GLY B 375 48.77 -19.70 -28.29
CA GLY B 375 48.97 -18.57 -29.20
C GLY B 375 47.76 -17.65 -29.27
N PRO B 376 47.81 -16.63 -30.14
CA PRO B 376 46.75 -15.63 -30.20
C PRO B 376 45.39 -16.27 -30.46
N SER B 377 45.33 -17.22 -31.38
CA SER B 377 44.05 -17.83 -31.80
C SER B 377 43.28 -18.56 -30.69
N ILE B 378 43.86 -18.65 -29.50
CA ILE B 378 43.16 -19.29 -28.39
C ILE B 378 41.82 -18.60 -28.12
N VAL B 379 41.79 -17.29 -28.34
CA VAL B 379 40.59 -16.46 -28.10
C VAL B 379 39.34 -17.02 -28.77
N HIS B 380 39.49 -17.55 -29.98
CA HIS B 380 38.40 -18.17 -30.74
C HIS B 380 37.76 -19.36 -30.00
N ARG B 381 38.53 -19.97 -29.11
CA ARG B 381 38.12 -21.15 -28.37
C ARG B 381 37.31 -20.79 -27.12
N LYS B 382 37.38 -19.53 -26.71
CA LYS B 382 36.72 -19.09 -25.47
C LYS B 382 35.40 -18.35 -25.72
N CYS B 383 34.63 -18.85 -26.69
CA CYS B 383 33.28 -18.33 -26.97
C CYS B 383 32.38 -19.45 -27.49
N PHE B 384 32.82 -20.12 -28.56
CA PHE B 384 32.00 -21.11 -29.25
C PHE B 384 32.28 -22.54 -28.78
N SER C 18 60.73 -17.04 17.66
CA SER C 18 59.80 -18.12 18.12
C SER C 18 59.64 -19.24 17.10
N LEU C 19 59.41 -20.45 17.59
CA LEU C 19 59.27 -21.65 16.76
C LEU C 19 57.98 -21.61 15.93
N HIS C 20 56.88 -21.22 16.59
CA HIS C 20 55.56 -21.08 15.98
C HIS C 20 55.53 -19.92 14.98
N SER C 21 55.70 -18.70 15.50
CA SER C 21 55.75 -17.49 14.70
C SER C 21 56.42 -17.63 13.33
N ALA C 22 57.52 -18.38 13.27
CA ALA C 22 58.28 -18.54 12.03
C ALA C 22 57.52 -19.40 11.03
N LEU C 23 56.88 -20.45 11.51
CA LEU C 23 56.10 -21.35 10.67
C LEU C 23 54.88 -20.62 10.12
N MET C 24 54.18 -19.90 10.98
CA MET C 24 53.05 -19.07 10.56
C MET C 24 53.47 -18.15 9.42
N GLU C 25 54.60 -17.49 9.58
CA GLU C 25 55.16 -16.63 8.54
C GLU C 25 55.47 -17.43 7.26
N ALA C 26 55.96 -18.66 7.42
CA ALA C 26 56.31 -19.51 6.28
C ALA C 26 55.08 -20.03 5.52
N ILE C 27 53.95 -20.19 6.21
CA ILE C 27 52.71 -20.55 5.54
C ILE C 27 52.19 -19.39 4.67
N HIS C 28 52.11 -18.18 5.25
CA HIS C 28 51.75 -16.96 4.51
C HIS C 28 52.83 -16.71 3.45
N SER C 29 53.98 -16.21 3.93
CA SER C 29 55.06 -15.70 3.09
C SER C 29 55.50 -16.75 2.07
N SER C 30 56.41 -17.64 2.47
CA SER C 30 56.98 -18.63 1.56
C SER C 30 55.87 -19.30 0.73
N GLY C 31 56.25 -19.82 -0.43
CA GLY C 31 55.33 -20.47 -1.36
C GLY C 31 54.30 -21.37 -0.69
N GLY C 32 53.43 -20.77 0.13
CA GLY C 32 52.34 -21.50 0.78
C GLY C 32 51.25 -21.83 -0.21
N ARG C 33 51.63 -21.85 -1.49
CA ARG C 33 50.71 -22.10 -2.60
C ARG C 33 51.12 -23.34 -3.41
N GLU C 34 50.22 -23.77 -4.30
CA GLU C 34 50.38 -24.98 -5.08
C GLU C 34 51.44 -24.89 -6.20
N LYS C 35 52.50 -24.13 -5.93
CA LYS C 35 53.73 -24.13 -6.73
C LYS C 35 54.62 -25.29 -6.24
N LEU C 36 53.99 -26.45 -6.03
CA LEU C 36 54.64 -27.56 -5.39
C LEU C 36 55.49 -28.33 -6.39
N ARG C 37 54.87 -29.25 -7.14
CA ARG C 37 55.52 -29.97 -8.26
C ARG C 37 54.61 -31.03 -8.90
N LYS C 38 54.83 -31.26 -10.19
CA LYS C 38 54.19 -32.35 -10.95
C LYS C 38 52.79 -31.95 -11.48
N VAL C 39 52.80 -31.10 -12.52
CA VAL C 39 51.60 -30.66 -13.27
C VAL C 39 50.46 -30.06 -12.41
N ALA C 40 50.51 -28.74 -12.19
CA ALA C 40 49.53 -28.02 -11.37
C ALA C 40 48.99 -26.78 -12.08
N GLU C 41 48.52 -25.80 -11.29
CA GLU C 41 48.13 -24.48 -11.79
C GLU C 41 49.05 -23.44 -11.19
N GLN C 42 50.06 -23.03 -11.96
CA GLN C 42 51.05 -22.05 -11.50
C GLN C 42 50.43 -20.70 -11.16
N THR C 43 49.67 -20.14 -12.11
CA THR C 43 49.02 -18.84 -11.92
C THR C 43 47.51 -18.90 -12.17
N SER C 44 46.76 -18.16 -11.35
CA SER C 44 45.30 -18.02 -11.47
C SER C 44 44.93 -16.60 -11.04
N GLU C 45 43.80 -16.07 -11.51
CA GLU C 45 43.40 -14.69 -11.21
C GLU C 45 41.92 -14.55 -10.88
N GLY C 46 41.47 -13.30 -10.78
CA GLY C 46 40.06 -12.98 -10.64
C GLY C 46 39.72 -11.78 -9.79
N ARG C 47 38.41 -11.54 -9.67
CA ARG C 47 37.87 -10.53 -8.76
C ARG C 47 37.47 -11.20 -7.43
N PRO C 48 36.58 -12.24 -7.47
CA PRO C 48 36.49 -13.22 -6.38
C PRO C 48 37.14 -14.59 -6.70
N LYS C 49 36.57 -15.67 -6.15
CA LYS C 49 37.11 -17.04 -6.31
C LYS C 49 36.44 -17.90 -7.40
N LYS C 50 36.50 -19.23 -7.25
CA LYS C 50 36.12 -20.15 -8.34
C LYS C 50 35.32 -21.39 -7.90
N PRO C 51 33.98 -21.25 -7.69
CA PRO C 51 33.15 -22.44 -7.46
C PRO C 51 33.08 -23.29 -8.75
N SER C 52 33.61 -24.51 -8.70
CA SER C 52 33.95 -25.24 -9.94
C SER C 52 34.13 -26.76 -9.80
N TYR C 53 33.97 -27.45 -10.93
CA TYR C 53 34.38 -28.85 -11.11
C TYR C 53 34.87 -29.06 -12.55
N VAL C 54 35.56 -30.19 -12.79
CA VAL C 54 36.05 -30.60 -14.13
C VAL C 54 34.99 -30.53 -15.26
N GLU C 55 33.71 -30.53 -14.90
CA GLU C 55 32.62 -30.47 -15.88
C GLU C 55 32.21 -29.03 -16.21
N ALA C 56 32.71 -28.53 -17.34
CA ALA C 56 32.45 -27.17 -17.80
C ALA C 56 30.97 -26.89 -18.09
N GLU C 57 30.16 -27.96 -18.22
CA GLU C 57 28.73 -27.81 -18.49
C GLU C 57 28.01 -27.23 -17.28
N SER C 58 28.23 -27.84 -16.12
CA SER C 58 27.68 -27.34 -14.87
C SER C 58 28.18 -25.92 -14.55
N GLU C 59 29.44 -25.64 -14.87
CA GLU C 59 29.99 -24.29 -14.67
C GLU C 59 29.23 -23.21 -15.44
N ARG C 60 28.94 -23.47 -16.71
CA ARG C 60 28.20 -22.51 -17.51
C ARG C 60 26.77 -22.38 -17.00
N SER C 61 26.17 -23.50 -16.60
CA SER C 61 24.86 -23.43 -16.01
C SER C 61 24.92 -22.49 -14.81
N ALA C 62 25.98 -22.63 -14.02
CA ALA C 62 26.13 -21.86 -12.78
C ALA C 62 26.34 -20.39 -13.05
N LEU C 63 27.09 -20.09 -14.11
CA LEU C 63 27.38 -18.71 -14.54
C LEU C 63 26.11 -17.99 -14.98
N LEU C 64 25.37 -18.60 -15.91
CA LEU C 64 24.14 -18.01 -16.42
C LEU C 64 23.06 -17.84 -15.34
N ALA C 65 22.99 -18.77 -14.38
CA ALA C 65 22.08 -18.63 -13.24
C ALA C 65 22.45 -17.43 -12.37
N ALA C 66 23.72 -17.06 -12.41
CA ALA C 66 24.21 -15.96 -11.60
C ALA C 66 23.88 -14.63 -12.26
N ILE C 67 24.14 -14.54 -13.56
CA ILE C 67 23.78 -13.35 -14.32
C ILE C 67 22.29 -13.07 -14.12
N ARG C 68 21.48 -14.12 -14.24
CA ARG C 68 20.06 -13.98 -13.99
C ARG C 68 19.70 -13.60 -12.54
N GLY C 69 20.57 -13.90 -11.58
CA GLY C 69 20.23 -13.74 -10.16
C GLY C 69 20.87 -12.56 -9.45
N HIS C 70 22.05 -12.14 -9.91
CA HIS C 70 22.70 -10.91 -9.44
C HIS C 70 21.66 -9.81 -9.37
N SER C 71 21.65 -9.04 -8.29
CA SER C 71 20.80 -7.83 -8.28
C SER C 71 21.38 -6.71 -9.15
N GLY C 72 20.63 -5.64 -9.32
CA GLY C 72 20.99 -4.61 -10.32
C GLY C 72 22.33 -3.92 -10.14
N THR C 73 22.37 -2.65 -10.55
CA THR C 73 23.50 -1.78 -10.27
C THR C 73 23.52 -1.53 -8.78
N LEU C 74 22.32 -1.62 -8.21
CA LEU C 74 22.06 -1.50 -6.77
C LEU C 74 23.04 -2.29 -5.92
N SER C 75 23.26 -3.55 -6.29
CA SER C 75 24.15 -4.44 -5.56
C SER C 75 25.64 -4.06 -5.68
N LEU C 76 25.94 -3.17 -6.63
CA LEU C 76 27.33 -2.88 -6.97
C LEU C 76 27.94 -1.75 -6.12
N ARG C 77 29.28 -1.67 -6.15
CA ARG C 77 30.02 -0.67 -5.39
C ARG C 77 29.79 0.73 -5.98
N LYS C 78 29.15 1.59 -5.20
CA LYS C 78 28.96 2.99 -5.58
C LYS C 78 30.30 3.67 -5.86
N VAL C 79 30.37 4.40 -6.97
CA VAL C 79 31.56 5.18 -7.28
C VAL C 79 31.22 6.59 -7.68
N SER C 80 32.10 7.52 -7.30
CA SER C 80 31.97 8.91 -7.69
C SER C 80 32.81 9.16 -8.94
N SER C 81 32.20 8.95 -10.10
CA SER C 81 32.82 9.30 -11.38
C SER C 81 32.12 10.50 -11.97
N LEU C 82 32.88 11.27 -12.76
CA LEU C 82 32.34 12.44 -13.46
C LEU C 82 31.15 12.02 -14.33
N ALA C 83 31.27 10.87 -14.99
CA ALA C 83 30.18 10.34 -15.79
C ALA C 83 29.12 9.68 -14.90
N SER C 84 29.49 8.57 -14.24
CA SER C 84 28.59 7.78 -13.40
C SER C 84 27.62 8.58 -12.52
N GLU C 85 27.99 9.83 -12.22
CA GLU C 85 27.14 10.76 -11.49
C GLU C 85 25.78 10.91 -12.16
N GLU C 86 25.79 10.96 -13.49
CA GLU C 86 24.57 11.08 -14.32
C GLU C 86 23.74 9.79 -14.35
N LEU C 87 24.36 8.69 -13.92
CA LEU C 87 23.72 7.38 -13.85
C LEU C 87 22.91 7.26 -12.55
N GLN C 88 23.48 7.74 -11.45
CA GLN C 88 22.82 7.72 -10.14
C GLN C 88 21.62 8.68 -10.10
N SER C 89 21.64 9.66 -10.99
CA SER C 89 20.48 10.51 -11.21
C SER C 89 19.83 10.16 -12.56
N PHE C 90 19.46 8.87 -12.70
CA PHE C 90 18.83 8.29 -13.91
C PHE C 90 19.10 9.02 -15.25
N ARG C 91 18.45 10.17 -15.45
CA ARG C 91 18.63 10.97 -16.67
C ARG C 91 19.31 12.32 -16.38
N ASN C 92 20.38 12.65 -17.13
CA ASN C 92 21.16 13.89 -16.96
C ASN C 92 21.77 14.48 -18.26
N ALA C 93 22.97 13.99 -18.63
CA ALA C 93 23.72 14.40 -19.86
C ALA C 93 24.59 15.66 -19.73
N ALA C 94 25.67 15.71 -20.54
CA ALA C 94 26.59 16.86 -20.66
C ALA C 94 27.32 16.86 -22.01
N LEU C 95 28.33 15.98 -22.14
CA LEU C 95 29.03 15.74 -23.42
C LEU C 95 29.15 14.23 -23.68
N GLY C 96 28.43 13.76 -24.70
CA GLY C 96 28.15 12.32 -24.89
C GLY C 96 29.12 11.44 -25.68
N ALA C 97 29.52 11.89 -26.88
CA ALA C 97 30.49 11.15 -27.74
C ALA C 97 30.97 11.94 -28.96
N PRO C 98 32.25 11.76 -29.36
CA PRO C 98 32.81 12.32 -30.59
C PRO C 98 32.30 11.62 -31.85
N VAL D 14 -21.59 -22.20 -1.62
CA VAL D 14 -22.29 -21.73 -0.39
C VAL D 14 -21.55 -20.61 0.34
N ALA D 15 -20.22 -20.57 0.17
CA ALA D 15 -19.39 -19.57 0.85
C ALA D 15 -18.72 -18.59 -0.14
N ALA D 16 -19.42 -17.51 -0.43
CA ALA D 16 -19.00 -16.51 -1.42
C ALA D 16 -18.33 -15.30 -0.78
N LEU D 17 -17.27 -14.81 -1.41
CA LEU D 17 -16.52 -13.65 -0.93
C LEU D 17 -17.03 -12.34 -1.52
N VAL D 18 -16.85 -11.24 -0.79
CA VAL D 18 -17.16 -9.88 -1.27
C VAL D 18 -15.98 -8.96 -0.97
N VAL D 19 -15.40 -8.36 -2.01
CA VAL D 19 -14.21 -7.52 -1.84
C VAL D 19 -14.32 -6.13 -2.46
N ASP D 20 -14.56 -5.12 -1.62
CA ASP D 20 -14.63 -3.74 -2.06
C ASP D 20 -13.27 -3.04 -1.96
N ASN D 21 -12.70 -2.71 -3.12
CA ASN D 21 -11.36 -2.13 -3.21
C ASN D 21 -11.42 -0.62 -3.34
N GLY D 22 -11.26 0.08 -2.22
CA GLY D 22 -11.24 1.54 -2.25
C GLY D 22 -9.86 2.09 -2.55
N SER D 23 -9.80 3.38 -2.88
CA SER D 23 -8.55 4.11 -3.05
C SER D 23 -7.81 4.11 -1.71
N GLY D 24 -8.49 4.59 -0.67
CA GLY D 24 -7.94 4.56 0.67
C GLY D 24 -7.99 3.16 1.24
N MET D 25 -9.18 2.75 1.62
CA MET D 25 -9.37 1.51 2.37
C MET D 25 -9.91 0.37 1.52
N CYS D 26 -9.38 -0.81 1.75
CA CYS D 26 -9.93 -2.02 1.14
C CYS D 26 -10.79 -2.77 2.18
N LYS D 27 -11.98 -3.20 1.77
CA LYS D 27 -12.91 -3.90 2.66
C LYS D 27 -13.26 -5.27 2.12
N ALA D 28 -13.06 -6.30 2.96
CA ALA D 28 -13.27 -7.69 2.54
C ALA D 28 -14.15 -8.44 3.54
N GLY D 29 -14.77 -9.53 3.07
CA GLY D 29 -15.61 -10.35 3.93
C GLY D 29 -16.39 -11.45 3.24
N PHE D 30 -17.40 -11.96 3.92
CA PHE D 30 -18.18 -13.10 3.45
C PHE D 30 -19.62 -12.72 3.12
N ALA D 31 -20.09 -13.13 1.95
CA ALA D 31 -21.47 -12.88 1.54
C ALA D 31 -22.45 -13.46 2.56
N GLY D 32 -23.30 -12.61 3.11
CA GLY D 32 -24.18 -12.99 4.20
C GLY D 32 -23.92 -12.20 5.47
N ASP D 33 -22.66 -11.80 5.68
CA ASP D 33 -22.29 -10.92 6.80
C ASP D 33 -22.93 -9.55 6.63
N ASP D 34 -23.10 -8.85 7.75
CA ASP D 34 -23.66 -7.49 7.73
C ASP D 34 -22.56 -6.43 7.87
N ALA D 35 -21.31 -6.90 7.81
CA ALA D 35 -20.13 -6.04 7.90
C ALA D 35 -18.90 -6.79 7.38
N PRO D 36 -17.91 -6.07 6.82
CA PRO D 36 -16.67 -6.70 6.39
C PRO D 36 -15.85 -7.24 7.55
N ARG D 37 -15.16 -8.35 7.33
CA ARG D 37 -14.29 -8.94 8.35
C ARG D 37 -12.95 -8.22 8.43
N ALA D 38 -12.44 -7.77 7.28
CA ALA D 38 -11.14 -7.11 7.23
C ALA D 38 -11.21 -5.78 6.50
N VAL D 39 -10.79 -4.72 7.20
CA VAL D 39 -10.74 -3.37 6.63
C VAL D 39 -9.32 -2.83 6.84
N PHE D 40 -8.60 -2.57 5.75
CA PHE D 40 -7.19 -2.18 5.83
C PHE D 40 -6.75 -1.27 4.66
N PRO D 41 -5.65 -0.51 4.84
CA PRO D 41 -5.21 0.43 3.81
C PRO D 41 -4.74 -0.27 2.54
N SER D 42 -5.04 0.33 1.38
CA SER D 42 -4.56 -0.16 0.10
C SER D 42 -3.16 0.37 -0.17
N ILE D 43 -2.21 -0.05 0.66
CA ILE D 43 -0.85 0.47 0.62
C ILE D 43 0.14 -0.69 0.49
N VAL D 44 1.05 -0.59 -0.47
CA VAL D 44 2.12 -1.57 -0.64
C VAL D 44 3.47 -0.91 -0.39
N GLY D 45 4.23 -1.49 0.55
CA GLY D 45 5.53 -0.95 0.94
C GLY D 45 6.70 -1.84 0.58
N ARG D 46 7.68 -1.26 -0.09
CA ARG D 46 8.91 -1.95 -0.46
C ARG D 46 10.13 -1.24 0.16
N PRO D 47 11.12 -2.03 0.64
CA PRO D 47 12.28 -1.46 1.32
C PRO D 47 12.97 -0.37 0.52
N ARG D 48 13.10 0.83 1.12
CA ARG D 48 13.84 1.91 0.48
C ARG D 48 15.32 1.53 0.33
N HIS D 49 15.96 2.12 -0.68
CA HIS D 49 17.32 1.75 -1.12
C HIS D 49 17.33 0.37 -1.76
N GLN D 50 18.46 -0.32 -1.60
CA GLN D 50 18.80 -1.45 -2.45
C GLN D 50 19.59 -2.51 -1.68
N GLY D 51 20.70 -2.07 -1.06
CA GLY D 51 21.59 -2.94 -0.28
C GLY D 51 22.95 -2.31 0.01
N VAL D 52 23.76 -3.01 0.83
CA VAL D 52 25.16 -2.64 1.13
C VAL D 52 25.39 -1.28 1.84
N MET D 53 24.34 -0.73 2.47
CA MET D 53 24.42 0.51 3.24
C MET D 53 23.34 0.56 4.33
N VAL D 54 23.64 1.27 5.42
CA VAL D 54 22.73 1.43 6.59
C VAL D 54 22.24 0.08 7.17
N GLY D 55 20.98 0.03 7.62
CA GLY D 55 20.37 -1.20 8.16
C GLY D 55 20.16 -2.27 7.09
N MET D 56 20.77 -3.44 7.30
CA MET D 56 20.82 -4.55 6.31
C MET D 56 19.47 -4.89 5.66
N GLY D 57 19.52 -5.27 4.37
CA GLY D 57 18.32 -5.52 3.53
C GLY D 57 17.21 -6.38 4.13
N GLN D 58 15.98 -6.13 3.68
CA GLN D 58 14.78 -6.82 4.19
C GLN D 58 14.17 -7.81 3.18
N LYS D 59 12.85 -8.05 3.29
CA LYS D 59 12.15 -9.02 2.43
C LYS D 59 12.03 -8.54 0.98
N ASP D 60 10.84 -8.07 0.60
CA ASP D 60 10.60 -7.52 -0.74
C ASP D 60 9.26 -6.76 -0.86
N SER D 61 8.32 -7.04 0.10
CA SER D 61 7.03 -6.34 0.15
C SER D 61 6.24 -6.53 1.44
N TYR D 62 5.67 -5.43 1.94
CA TYR D 62 4.73 -5.44 3.06
C TYR D 62 3.42 -4.79 2.61
N VAL D 63 2.31 -5.36 3.07
CA VAL D 63 0.98 -4.91 2.62
C VAL D 63 0.03 -4.61 3.79
N GLY D 64 -0.54 -3.40 3.77
CA GLY D 64 -1.62 -3.03 4.69
C GLY D 64 -1.19 -2.30 5.95
N ASP D 65 -1.44 -2.94 7.08
CA ASP D 65 -1.17 -2.37 8.40
C ASP D 65 0.32 -2.29 8.71
N GLU D 66 1.00 -3.45 8.67
CA GLU D 66 2.44 -3.53 8.91
C GLU D 66 3.25 -2.70 7.91
N ALA D 67 2.69 -2.53 6.71
CA ALA D 67 3.26 -1.64 5.70
C ALA D 67 3.21 -0.18 6.15
N GLN D 68 2.18 0.17 6.91
CA GLN D 68 2.03 1.53 7.46
C GLN D 68 3.01 1.82 8.61
N SER D 69 3.08 0.89 9.57
CA SER D 69 3.97 1.03 10.73
C SER D 69 5.41 1.25 10.30
N LYS D 70 5.85 0.43 9.35
CA LYS D 70 7.24 0.39 8.95
C LYS D 70 7.56 1.33 7.79
N ARG D 71 6.81 2.43 7.69
CA ARG D 71 6.95 3.39 6.59
C ARG D 71 8.29 4.13 6.62
N GLY D 72 8.93 4.17 7.79
CA GLY D 72 10.25 4.77 7.94
C GLY D 72 11.31 4.01 7.17
N ILE D 73 11.14 2.69 7.09
CA ILE D 73 12.11 1.80 6.43
C ILE D 73 11.67 1.38 5.01
N LEU D 74 10.49 1.81 4.59
CA LEU D 74 9.94 1.42 3.30
C LEU D 74 9.55 2.60 2.41
N THR D 75 9.57 2.39 1.09
CA THR D 75 9.05 3.35 0.11
C THR D 75 7.67 2.88 -0.37
N LEU D 76 6.63 3.59 0.08
CA LEU D 76 5.25 3.13 -0.11
C LEU D 76 4.69 3.38 -1.52
N LYS D 77 3.63 2.64 -1.84
CA LYS D 77 2.95 2.73 -3.13
C LYS D 77 1.44 2.58 -2.95
N TYR D 78 0.69 3.33 -3.75
CA TYR D 78 -0.77 3.26 -3.75
C TYR D 78 -1.27 2.78 -5.11
N PRO D 79 -1.59 1.47 -5.21
CA PRO D 79 -1.95 0.78 -6.46
C PRO D 79 -3.25 1.28 -7.09
N ILE D 80 -4.17 1.75 -6.25
CA ILE D 80 -5.49 2.17 -6.71
C ILE D 80 -5.75 3.63 -6.36
N GLU D 81 -5.40 4.52 -7.29
CA GLU D 81 -5.62 5.95 -7.14
C GLU D 81 -6.91 6.36 -7.83
N HIS D 82 -7.69 7.22 -7.17
CA HIS D 82 -8.95 7.76 -7.73
C HIS D 82 -9.91 6.67 -8.26
N GLY D 83 -9.94 5.53 -7.59
CA GLY D 83 -10.83 4.43 -7.95
C GLY D 83 -10.23 3.46 -8.95
N ILE D 84 -9.34 3.98 -9.80
CA ILE D 84 -8.80 3.22 -10.93
C ILE D 84 -7.44 2.61 -10.60
N VAL D 85 -7.34 1.28 -10.73
CA VAL D 85 -6.09 0.56 -10.56
C VAL D 85 -5.06 1.07 -11.57
N THR D 86 -3.97 1.63 -11.06
CA THR D 86 -2.93 2.22 -11.92
C THR D 86 -1.62 1.43 -11.91
N ASN D 87 -1.58 0.37 -11.10
CA ASN D 87 -0.42 -0.53 -11.06
C ASN D 87 -0.81 -1.95 -10.68
N TRP D 88 -0.61 -2.86 -11.63
CA TRP D 88 -1.20 -4.20 -11.52
C TRP D 88 -0.41 -5.19 -10.68
N ASP D 89 0.91 -5.04 -10.65
CA ASP D 89 1.74 -5.93 -9.83
C ASP D 89 1.39 -5.73 -8.35
N ASP D 90 1.45 -4.47 -7.91
CA ASP D 90 1.13 -4.11 -6.53
C ASP D 90 -0.29 -4.52 -6.14
N MET D 91 -1.24 -4.32 -7.05
CA MET D 91 -2.63 -4.68 -6.80
C MET D 91 -2.76 -6.16 -6.48
N GLU D 92 -2.06 -7.01 -7.24
CA GLU D 92 -2.08 -8.44 -7.01
C GLU D 92 -1.51 -8.79 -5.63
N LYS D 93 -0.52 -8.02 -5.19
CA LYS D 93 0.03 -8.14 -3.83
C LYS D 93 -1.07 -7.96 -2.78
N ILE D 94 -1.93 -6.95 -3.01
CA ILE D 94 -3.01 -6.64 -2.09
C ILE D 94 -4.04 -7.76 -2.02
N TRP D 95 -4.45 -8.27 -3.17
CA TRP D 95 -5.45 -9.34 -3.26
C TRP D 95 -4.99 -10.61 -2.55
N HIS D 96 -3.75 -11.02 -2.83
CA HIS D 96 -3.11 -12.15 -2.15
C HIS D 96 -3.26 -12.03 -0.64
N HIS D 97 -2.87 -10.86 -0.13
CA HIS D 97 -2.94 -10.51 1.29
C HIS D 97 -4.37 -10.58 1.86
N THR D 98 -5.35 -10.30 1.01
CA THR D 98 -6.76 -10.28 1.40
C THR D 98 -7.30 -11.69 1.62
N PHE D 99 -6.91 -12.61 0.74
CA PHE D 99 -7.39 -13.99 0.78
C PHE D 99 -6.71 -14.79 1.89
N TYR D 100 -5.39 -14.72 1.94
CA TYR D 100 -4.61 -15.55 2.84
C TYR D 100 -4.37 -14.91 4.20
N ASN D 101 -3.80 -13.71 4.20
CA ASN D 101 -3.39 -13.06 5.43
C ASN D 101 -4.53 -12.48 6.24
N GLU D 102 -5.56 -12.00 5.54
CA GLU D 102 -6.68 -11.33 6.19
C GLU D 102 -7.83 -12.27 6.55
N LEU D 103 -8.54 -12.76 5.54
CA LEU D 103 -9.70 -13.64 5.77
C LEU D 103 -9.26 -15.08 6.05
N ARG D 104 -8.02 -15.40 5.68
CA ARG D 104 -7.41 -16.71 5.89
C ARG D 104 -8.17 -17.83 5.19
N VAL D 105 -8.47 -17.59 3.92
CA VAL D 105 -9.22 -18.52 3.07
C VAL D 105 -8.51 -18.70 1.72
N ALA D 106 -8.85 -19.78 1.02
CA ALA D 106 -8.29 -20.04 -0.31
C ALA D 106 -9.16 -19.38 -1.37
N PRO D 107 -8.51 -18.72 -2.36
CA PRO D 107 -9.21 -18.08 -3.47
C PRO D 107 -9.94 -19.10 -4.35
N GLU D 108 -9.25 -20.19 -4.65
CA GLU D 108 -9.77 -21.26 -5.51
C GLU D 108 -10.94 -22.01 -4.91
N GLU D 109 -11.20 -21.77 -3.62
CA GLU D 109 -12.27 -22.48 -2.92
C GLU D 109 -13.55 -21.66 -2.75
N HIS D 110 -13.44 -20.34 -2.95
CA HIS D 110 -14.61 -19.45 -2.84
C HIS D 110 -14.82 -18.61 -4.11
N PRO D 111 -16.10 -18.35 -4.46
CA PRO D 111 -16.37 -17.34 -5.49
C PRO D 111 -16.19 -15.93 -4.94
N VAL D 112 -15.46 -15.08 -5.67
CA VAL D 112 -15.18 -13.72 -5.18
C VAL D 112 -15.81 -12.62 -6.04
N LEU D 113 -16.64 -11.81 -5.41
CA LEU D 113 -17.26 -10.65 -6.05
C LEU D 113 -16.41 -9.41 -5.80
N LEU D 114 -16.02 -8.76 -6.89
CA LEU D 114 -15.20 -7.56 -6.82
C LEU D 114 -16.00 -6.33 -7.24
N THR D 115 -15.53 -5.16 -6.82
CA THR D 115 -16.17 -3.89 -7.19
C THR D 115 -15.23 -3.02 -8.03
N GLU D 116 -15.82 -2.15 -8.86
CA GLU D 116 -15.04 -1.19 -9.63
C GLU D 116 -15.61 0.23 -9.56
N ALA D 117 -14.74 1.20 -9.83
CA ALA D 117 -15.15 2.59 -9.93
C ALA D 117 -16.02 2.79 -11.17
N PRO D 118 -16.96 3.76 -11.12
CA PRO D 118 -17.67 4.19 -12.33
C PRO D 118 -16.70 4.60 -13.43
N LEU D 119 -17.10 4.34 -14.68
CA LEU D 119 -16.29 4.64 -15.87
C LEU D 119 -14.90 4.01 -15.83
N ASN D 120 -14.79 2.87 -15.15
CA ASN D 120 -13.55 2.09 -15.15
C ASN D 120 -13.31 1.53 -16.54
N PRO D 121 -12.18 1.89 -17.18
CA PRO D 121 -11.88 1.49 -18.56
C PRO D 121 -11.96 -0.02 -18.77
N LYS D 122 -12.51 -0.43 -19.92
CA LYS D 122 -12.80 -1.85 -20.22
C LYS D 122 -11.58 -2.76 -20.12
N ALA D 123 -10.43 -2.27 -20.57
CA ALA D 123 -9.17 -3.00 -20.44
C ALA D 123 -8.98 -3.54 -19.01
N ASN D 124 -9.13 -2.64 -18.05
CA ASN D 124 -8.97 -2.96 -16.63
C ASN D 124 -9.97 -4.00 -16.12
N ARG D 125 -11.21 -3.94 -16.63
CA ARG D 125 -12.25 -4.90 -16.26
C ARG D 125 -11.85 -6.31 -16.68
N GLU D 126 -11.07 -6.40 -17.75
CA GLU D 126 -10.59 -7.68 -18.24
C GLU D 126 -9.43 -8.20 -17.39
N LYS D 127 -8.46 -7.33 -17.13
CA LYS D 127 -7.28 -7.68 -16.32
C LYS D 127 -7.68 -8.18 -14.93
N MET D 128 -8.70 -7.56 -14.35
CA MET D 128 -9.29 -8.00 -13.08
C MET D 128 -9.78 -9.44 -13.18
N THR D 129 -10.42 -9.77 -14.30
CA THR D 129 -11.00 -11.10 -14.50
C THR D 129 -9.92 -12.09 -14.91
N GLN D 130 -8.88 -11.58 -15.59
CA GLN D 130 -7.73 -12.40 -15.96
C GLN D 130 -7.00 -12.86 -14.71
N ILE D 131 -6.57 -11.90 -13.89
CA ILE D 131 -5.84 -12.18 -12.65
C ILE D 131 -6.62 -13.11 -11.71
N MET D 132 -7.92 -12.89 -11.59
CA MET D 132 -8.77 -13.70 -10.69
C MET D 132 -8.85 -15.19 -11.07
N PHE D 133 -8.78 -15.48 -12.36
CA PHE D 133 -8.85 -16.85 -12.84
C PHE D 133 -7.47 -17.48 -13.09
N GLU D 134 -6.55 -16.70 -13.65
CA GLU D 134 -5.24 -17.21 -13.99
C GLU D 134 -4.32 -17.36 -12.77
N THR D 135 -4.33 -16.36 -11.89
CA THR D 135 -3.54 -16.40 -10.67
C THR D 135 -4.28 -17.06 -9.52
N PHE D 136 -5.55 -16.69 -9.33
CA PHE D 136 -6.30 -17.13 -8.14
C PHE D 136 -7.31 -18.27 -8.41
N ASN D 137 -7.38 -18.71 -9.66
CA ASN D 137 -8.26 -19.82 -10.08
C ASN D 137 -9.59 -19.96 -9.35
N THR D 138 -10.42 -18.93 -9.45
CA THR D 138 -11.70 -18.89 -8.73
C THR D 138 -12.77 -19.79 -9.34
N PRO D 139 -13.62 -20.42 -8.49
CA PRO D 139 -14.79 -21.15 -8.99
C PRO D 139 -15.70 -20.23 -9.78
N ALA D 140 -15.99 -19.06 -9.20
CA ALA D 140 -16.78 -18.02 -9.84
C ALA D 140 -16.31 -16.63 -9.42
N MET D 141 -16.68 -15.62 -10.21
CA MET D 141 -16.45 -14.22 -9.85
C MET D 141 -17.40 -13.31 -10.64
N TYR D 142 -17.40 -12.03 -10.32
CA TYR D 142 -18.30 -11.04 -10.93
C TYR D 142 -17.78 -9.64 -10.63
N VAL D 143 -18.08 -8.70 -11.50
CA VAL D 143 -17.67 -7.32 -11.30
C VAL D 143 -18.90 -6.40 -11.23
N ALA D 144 -19.01 -5.63 -10.14
CA ALA D 144 -20.10 -4.67 -9.98
C ALA D 144 -19.55 -3.27 -9.77
N ILE D 145 -20.34 -2.26 -10.12
CA ILE D 145 -19.96 -0.87 -9.88
C ILE D 145 -20.36 -0.52 -8.45
N GLN D 146 -19.36 -0.05 -7.69
CA GLN D 146 -19.53 0.32 -6.29
C GLN D 146 -20.88 1.00 -6.04
N ALA D 147 -21.09 2.09 -6.75
CA ALA D 147 -22.28 2.90 -6.65
C ALA D 147 -23.56 2.07 -6.78
N VAL D 148 -23.59 1.15 -7.74
CA VAL D 148 -24.77 0.32 -7.94
C VAL D 148 -25.09 -0.51 -6.69
N LEU D 149 -24.06 -1.12 -6.11
CA LEU D 149 -24.22 -1.92 -4.88
C LEU D 149 -24.78 -1.07 -3.74
N SER D 150 -24.27 0.16 -3.59
CA SER D 150 -24.79 1.11 -2.60
C SER D 150 -26.29 1.29 -2.78
N LEU D 151 -26.71 1.34 -4.05
CA LEU D 151 -28.13 1.43 -4.34
C LEU D 151 -28.85 0.17 -3.91
N TYR D 152 -28.29 -0.98 -4.29
CA TYR D 152 -28.83 -2.30 -3.93
C TYR D 152 -28.97 -2.43 -2.42
N ALA D 153 -28.02 -1.86 -1.69
CA ALA D 153 -27.99 -1.93 -0.23
C ALA D 153 -29.21 -1.28 0.43
N SER D 154 -29.83 -0.31 -0.24
CA SER D 154 -31.04 0.31 0.31
C SER D 154 -32.29 -0.33 -0.28
N GLY D 155 -32.10 -1.49 -0.93
CA GLY D 155 -33.21 -2.23 -1.53
C GLY D 155 -33.86 -1.48 -2.67
N ARG D 156 -33.03 -0.83 -3.48
CA ARG D 156 -33.49 -0.11 -4.66
C ARG D 156 -32.72 -0.57 -5.87
N THR D 157 -33.34 -0.42 -7.03
CA THR D 157 -32.71 -0.77 -8.30
C THR D 157 -32.70 0.42 -9.26
N THR D 158 -33.41 1.47 -8.86
CA THR D 158 -33.49 2.72 -9.62
C THR D 158 -33.25 3.88 -8.68
N GLY D 159 -32.25 4.69 -8.99
CA GLY D 159 -31.96 5.89 -8.24
C GLY D 159 -30.64 6.53 -8.62
N ILE D 160 -30.30 7.63 -7.95
CA ILE D 160 -29.02 8.27 -8.17
C ILE D 160 -28.21 8.21 -6.88
N VAL D 161 -26.93 7.88 -6.99
CA VAL D 161 -26.11 7.79 -5.80
C VAL D 161 -24.94 8.75 -5.89
N LEU D 162 -24.73 9.47 -4.80
CA LEU D 162 -23.51 10.23 -4.66
C LEU D 162 -22.58 9.39 -3.81
N ASP D 163 -21.51 8.91 -4.42
CA ASP D 163 -20.51 8.12 -3.74
C ASP D 163 -19.26 8.96 -3.56
N SER D 164 -18.89 9.20 -2.31
CA SER D 164 -17.71 10.01 -1.99
C SER D 164 -16.72 9.24 -1.13
N GLY D 165 -15.50 9.10 -1.61
CA GLY D 165 -14.51 8.30 -0.91
C GLY D 165 -13.32 9.10 -0.43
N ASP D 166 -12.14 8.52 -0.60
CA ASP D 166 -10.93 9.16 -0.15
C ASP D 166 -10.41 10.12 -1.21
N GLY D 167 -10.34 9.66 -2.46
CA GLY D 167 -9.71 10.44 -3.53
C GLY D 167 -10.61 11.01 -4.61
N VAL D 168 -11.79 10.43 -4.77
CA VAL D 168 -12.68 10.77 -5.87
C VAL D 168 -14.14 10.59 -5.44
N SER D 169 -15.01 11.44 -5.98
CA SER D 169 -16.46 11.34 -5.76
C SER D 169 -17.21 11.15 -7.09
N HIS D 170 -18.36 10.50 -7.04
CA HIS D 170 -19.14 10.25 -8.24
C HIS D 170 -20.63 10.37 -8.02
N THR D 171 -21.30 11.03 -8.96
CA THR D 171 -22.75 10.92 -9.04
C THR D 171 -23.06 9.94 -10.17
N VAL D 172 -23.89 8.96 -9.86
CA VAL D 172 -24.19 7.84 -10.75
C VAL D 172 -25.70 7.62 -10.82
N PRO D 173 -26.33 8.01 -11.94
CA PRO D 173 -27.72 7.64 -12.12
C PRO D 173 -27.84 6.17 -12.54
N ILE D 174 -28.73 5.44 -11.87
CA ILE D 174 -28.95 4.00 -12.09
C ILE D 174 -30.43 3.70 -12.35
N TYR D 175 -30.68 3.01 -13.46
CA TYR D 175 -32.04 2.65 -13.87
C TYR D 175 -32.16 1.15 -14.06
N GLU D 176 -33.17 0.57 -13.41
CA GLU D 176 -33.43 -0.87 -13.49
C GLU D 176 -32.16 -1.69 -13.33
N GLY D 177 -31.30 -1.27 -12.42
CA GLY D 177 -30.10 -2.01 -12.08
C GLY D 177 -28.88 -1.70 -12.91
N TYR D 178 -29.02 -0.84 -13.92
CA TYR D 178 -27.88 -0.43 -14.76
C TYR D 178 -27.52 1.05 -14.61
N ALA D 179 -26.25 1.30 -14.31
CA ALA D 179 -25.71 2.66 -14.28
C ALA D 179 -25.75 3.26 -15.69
N LEU D 180 -26.30 4.47 -15.83
CA LEU D 180 -26.36 5.13 -17.12
C LEU D 180 -25.10 5.93 -17.41
N PRO D 181 -24.19 5.39 -18.25
CA PRO D 181 -22.80 5.88 -18.35
C PRO D 181 -22.63 7.32 -18.82
N HIS D 182 -23.56 7.80 -19.65
CA HIS D 182 -23.49 9.16 -20.19
C HIS D 182 -23.83 10.23 -19.15
N ALA D 183 -24.53 9.82 -18.08
CA ALA D 183 -24.99 10.76 -17.06
C ALA D 183 -24.11 10.73 -15.80
N ILE D 184 -23.20 9.77 -15.75
CA ILE D 184 -22.27 9.68 -14.65
C ILE D 184 -21.42 10.93 -14.68
N LEU D 185 -21.24 11.54 -13.51
CA LEU D 185 -20.32 12.67 -13.39
C LEU D 185 -19.32 12.43 -12.28
N ARG D 186 -18.08 12.73 -12.59
CA ARG D 186 -16.95 12.59 -11.69
C ARG D 186 -16.54 13.95 -11.13
N LEU D 187 -16.28 13.98 -9.83
CA LEU D 187 -15.89 15.19 -9.14
C LEU D 187 -14.57 14.91 -8.45
N ASP D 188 -13.54 15.67 -8.78
CA ASP D 188 -12.19 15.41 -8.29
C ASP D 188 -11.93 16.08 -6.94
N LEU D 189 -12.73 15.70 -5.96
CA LEU D 189 -12.65 16.23 -4.63
C LEU D 189 -13.29 15.20 -3.73
N ALA D 190 -12.64 14.90 -2.61
CA ALA D 190 -13.17 13.93 -1.65
C ALA D 190 -12.48 14.03 -0.30
N GLY D 191 -12.45 12.91 0.44
CA GLY D 191 -11.91 12.84 1.78
C GLY D 191 -10.58 13.52 2.02
N ARG D 192 -9.60 13.26 1.17
CA ARG D 192 -8.26 13.74 1.44
C ARG D 192 -8.09 15.22 1.16
N ASP D 193 -8.98 15.77 0.34
CA ASP D 193 -9.01 17.20 0.08
C ASP D 193 -9.61 17.96 1.25
N LEU D 194 -10.57 17.32 1.91
CA LEU D 194 -11.16 17.90 3.10
C LEU D 194 -10.18 17.93 4.26
N THR D 195 -9.45 16.84 4.45
CA THR D 195 -8.40 16.77 5.47
C THR D 195 -7.38 17.90 5.32
N ASP D 196 -6.83 18.03 4.11
CA ASP D 196 -5.83 19.04 3.83
C ASP D 196 -6.40 20.42 4.09
N TYR D 197 -7.66 20.61 3.75
CA TYR D 197 -8.31 21.88 3.96
C TYR D 197 -8.52 22.14 5.46
N LEU D 198 -8.79 21.07 6.22
CA LEU D 198 -8.93 21.25 7.65
C LEU D 198 -7.58 21.63 8.22
N MET D 199 -6.53 20.92 7.79
CA MET D 199 -5.16 21.29 8.16
C MET D 199 -4.87 22.76 7.87
N LYS D 200 -5.34 23.24 6.72
CA LYS D 200 -5.05 24.59 6.27
C LYS D 200 -5.67 25.67 7.17
N ILE D 201 -6.99 25.64 7.34
CA ILE D 201 -7.69 26.69 8.11
C ILE D 201 -7.50 26.63 9.62
N LEU D 202 -7.15 25.46 10.14
CA LEU D 202 -6.67 25.33 11.52
C LEU D 202 -5.34 26.03 11.66
N THR D 203 -4.40 25.74 10.75
CA THR D 203 -3.10 26.38 10.73
C THR D 203 -3.27 27.89 10.71
N GLU D 204 -4.21 28.35 9.90
CA GLU D 204 -4.48 29.78 9.77
C GLU D 204 -4.96 30.35 11.11
N ARG D 205 -5.66 29.53 11.88
CA ARG D 205 -6.22 29.94 13.16
C ARG D 205 -5.11 30.22 14.18
N GLY D 206 -3.98 29.54 14.01
CA GLY D 206 -2.81 29.73 14.85
C GLY D 206 -2.02 28.48 15.12
N TYR D 207 -2.58 27.32 14.78
CA TYR D 207 -1.92 26.03 15.03
C TYR D 207 -0.88 25.70 13.96
N SER D 208 -0.25 24.54 14.10
CA SER D 208 0.71 24.07 13.11
C SER D 208 0.63 22.56 12.91
N PHE D 209 0.01 22.16 11.79
CA PHE D 209 -0.09 20.77 11.38
C PHE D 209 0.38 20.65 9.92
N THR D 210 1.56 20.08 9.73
CA THR D 210 2.04 19.80 8.36
C THR D 210 2.63 18.40 8.27
N THR D 211 3.27 17.96 9.35
CA THR D 211 3.84 16.62 9.44
C THR D 211 2.75 15.56 9.39
N THR D 212 3.02 14.45 8.69
CA THR D 212 2.02 13.39 8.44
C THR D 212 1.46 12.73 9.72
N GLU D 213 2.23 12.79 10.80
CA GLU D 213 1.80 12.36 12.12
C GLU D 213 0.71 13.27 12.69
N GLU D 214 0.77 14.55 12.30
CA GLU D 214 -0.21 15.54 12.72
C GLU D 214 -1.45 15.52 11.82
N ARG D 215 -1.28 15.06 10.58
CA ARG D 215 -2.41 14.89 9.66
C ARG D 215 -3.45 13.92 10.23
N GLU D 216 -2.97 12.78 10.72
CA GLU D 216 -3.86 11.78 11.31
C GLU D 216 -4.70 12.38 12.44
N ILE D 217 -4.13 13.32 13.18
CA ILE D 217 -4.86 13.97 14.26
C ILE D 217 -5.96 14.84 13.64
N VAL D 218 -5.58 15.62 12.63
CA VAL D 218 -6.55 16.46 11.92
C VAL D 218 -7.60 15.61 11.20
N ARG D 219 -7.18 14.47 10.63
CA ARG D 219 -8.14 13.53 10.05
C ARG D 219 -9.10 13.04 11.11
N ASP D 220 -8.57 12.74 12.29
CA ASP D 220 -9.36 12.26 13.42
C ASP D 220 -10.32 13.32 13.96
N ILE D 221 -9.86 14.58 13.98
CA ILE D 221 -10.71 15.73 14.32
C ILE D 221 -11.89 15.83 13.35
N LYS D 222 -11.58 15.66 12.06
CA LYS D 222 -12.55 15.80 10.98
C LYS D 222 -13.70 14.81 11.11
N GLU D 223 -13.36 13.54 11.31
CA GLU D 223 -14.36 12.47 11.40
C GLU D 223 -15.21 12.56 12.66
N LYS D 224 -14.71 13.23 13.68
CA LYS D 224 -15.41 13.28 14.97
C LYS D 224 -16.18 14.57 15.21
N LEU D 225 -15.65 15.68 14.72
CA LEU D 225 -16.17 16.98 15.12
C LEU D 225 -16.90 17.77 14.04
N CYS D 226 -16.61 17.48 12.77
CA CYS D 226 -17.15 18.25 11.66
C CYS D 226 -18.59 17.93 11.35
N TYR D 227 -19.30 18.95 10.87
CA TYR D 227 -20.70 18.79 10.50
C TYR D 227 -21.08 19.77 9.40
N VAL D 228 -22.27 19.57 8.84
CA VAL D 228 -22.79 20.42 7.79
C VAL D 228 -23.85 21.31 8.42
N ALA D 229 -23.71 22.62 8.24
CA ALA D 229 -24.71 23.55 8.68
C ALA D 229 -25.82 23.61 7.63
N LEU D 230 -27.07 23.70 8.07
CA LEU D 230 -28.20 23.83 7.14
C LEU D 230 -28.08 25.16 6.41
N ASP D 231 -27.80 26.22 7.16
CA ASP D 231 -27.53 27.53 6.58
C ASP D 231 -26.12 27.98 6.94
N PHE D 232 -25.21 27.88 5.98
CA PHE D 232 -23.81 28.19 6.20
C PHE D 232 -23.60 29.63 6.66
N GLU D 233 -24.25 30.58 5.98
CA GLU D 233 -24.05 31.99 6.28
C GLU D 233 -24.50 32.34 7.69
N GLN D 234 -25.74 31.99 8.02
CA GLN D 234 -26.28 32.17 9.37
C GLN D 234 -25.32 31.60 10.40
N GLU D 235 -24.86 30.36 10.18
CA GLU D 235 -23.96 29.70 11.10
C GLU D 235 -22.63 30.45 11.23
N MET D 236 -22.11 30.98 10.13
CA MET D 236 -20.91 31.82 10.19
C MET D 236 -21.21 33.09 10.99
N ALA D 237 -22.45 33.56 10.91
CA ALA D 237 -22.86 34.78 11.62
C ALA D 237 -22.95 34.52 13.12
N THR D 238 -23.50 33.37 13.49
CA THR D 238 -23.54 32.92 14.88
C THR D 238 -22.13 32.83 15.47
N ALA D 239 -21.24 32.13 14.79
CA ALA D 239 -19.87 31.95 15.25
C ALA D 239 -19.08 33.26 15.34
N ALA D 240 -19.58 34.30 14.67
CA ALA D 240 -18.89 35.60 14.65
C ALA D 240 -19.36 36.51 15.78
N SER D 241 -20.52 36.19 16.37
CA SER D 241 -21.12 37.03 17.39
C SER D 241 -21.19 36.36 18.76
N SER D 242 -20.43 35.29 18.93
CA SER D 242 -20.46 34.48 20.15
C SER D 242 -19.40 33.40 20.08
N SER D 243 -19.06 32.81 21.23
CA SER D 243 -18.11 31.70 21.27
C SER D 243 -18.83 30.36 21.43
N SER D 244 -20.16 30.40 21.32
CA SER D 244 -21.02 29.24 21.55
C SER D 244 -20.79 28.11 20.55
N LEU D 245 -20.09 28.41 19.46
CA LEU D 245 -19.73 27.40 18.49
C LEU D 245 -18.28 26.95 18.67
N GLU D 246 -17.67 27.36 19.77
CA GLU D 246 -16.32 26.92 20.11
C GLU D 246 -16.33 25.73 21.05
N LYS D 247 -15.50 24.74 20.73
CA LYS D 247 -15.39 23.49 21.46
C LYS D 247 -13.93 23.26 21.80
N SER D 248 -13.69 22.53 22.88
CA SER D 248 -12.34 22.10 23.23
C SER D 248 -12.16 20.61 22.98
N TYR D 249 -10.95 20.22 22.56
CA TYR D 249 -10.72 18.88 22.01
C TYR D 249 -9.70 18.03 22.77
N GLU D 250 -10.09 16.79 23.06
CA GLU D 250 -9.14 15.75 23.47
C GLU D 250 -9.64 14.40 22.99
N LEU D 251 -8.77 13.65 22.30
CA LEU D 251 -9.15 12.32 21.81
C LEU D 251 -8.27 11.21 22.33
N LYS D 252 -6.98 11.30 22.05
CA LYS D 252 -6.01 10.43 22.68
C LYS D 252 -5.09 11.35 23.46
N ASP D 253 -3.80 11.41 23.08
CA ASP D 253 -2.88 12.41 23.62
C ASP D 253 -3.32 13.81 23.20
N GLY D 254 -4.39 13.85 22.39
CA GLY D 254 -5.02 15.06 21.85
C GLY D 254 -5.14 16.19 22.84
N GLN D 255 -3.97 16.76 23.15
CA GLN D 255 -3.82 17.84 24.10
C GLN D 255 -4.73 19.02 23.73
N VAL D 256 -5.83 19.16 24.51
CA VAL D 256 -6.88 20.16 24.27
C VAL D 256 -6.55 21.20 23.18
N ILE D 257 -7.20 21.04 22.02
CA ILE D 257 -7.22 22.07 20.98
C ILE D 257 -8.60 22.74 20.93
N THR D 258 -8.60 24.04 20.67
CA THR D 258 -9.84 24.81 20.64
C THR D 258 -10.20 25.12 19.19
N ILE D 259 -11.40 24.69 18.78
CA ILE D 259 -11.80 24.72 17.37
C ILE D 259 -13.23 25.25 17.25
N GLY D 260 -13.44 26.20 16.34
CA GLY D 260 -14.74 26.85 16.23
C GLY D 260 -15.43 26.61 14.90
N ASN D 261 -15.49 27.65 14.07
CA ASN D 261 -16.25 27.55 12.83
C ASN D 261 -15.59 26.61 11.80
N GLU D 262 -14.31 26.29 12.00
CA GLU D 262 -13.61 25.28 11.21
C GLU D 262 -14.38 23.95 11.16
N ARG D 263 -15.20 23.71 12.18
CA ARG D 263 -15.93 22.45 12.28
C ARG D 263 -16.89 22.25 11.12
N PHE D 264 -17.51 23.34 10.66
CA PHE D 264 -18.50 23.24 9.59
C PHE D 264 -17.99 23.81 8.26
N ARG D 265 -16.90 24.56 8.32
CA ARG D 265 -16.29 25.11 7.12
C ARG D 265 -15.64 24.02 6.28
N CYS D 266 -15.04 23.04 6.96
CA CYS D 266 -14.40 21.88 6.34
C CYS D 266 -15.38 21.11 5.43
N PRO D 267 -16.52 20.63 5.97
CA PRO D 267 -17.49 19.94 5.12
C PRO D 267 -18.14 20.85 4.09
N GLU D 268 -18.28 22.14 4.41
CA GLU D 268 -18.87 23.12 3.49
C GLU D 268 -18.19 23.14 2.11
N ALA D 269 -16.92 22.74 2.07
CA ALA D 269 -16.16 22.71 0.83
C ALA D 269 -16.78 21.79 -0.19
N LEU D 270 -17.49 20.75 0.27
CA LEU D 270 -18.21 19.84 -0.62
C LEU D 270 -19.24 20.60 -1.44
N PHE D 271 -19.85 21.60 -0.83
CA PHE D 271 -20.84 22.43 -1.50
C PHE D 271 -20.19 23.61 -2.19
N GLN D 272 -18.99 23.96 -1.75
CA GLN D 272 -18.28 25.12 -2.29
C GLN D 272 -16.80 24.80 -2.58
N PRO D 273 -16.53 24.01 -3.64
CA PRO D 273 -15.16 23.61 -3.95
C PRO D 273 -14.14 24.73 -4.14
N SER D 274 -14.61 25.98 -4.19
CA SER D 274 -13.71 27.13 -4.27
C SER D 274 -12.86 27.29 -3.02
N PHE D 275 -13.43 26.92 -1.86
CA PHE D 275 -12.67 26.78 -0.62
C PHE D 275 -11.40 25.96 -0.81
N LEU D 276 -11.41 25.06 -1.80
CA LEU D 276 -10.26 24.19 -2.05
C LEU D 276 -9.40 24.72 -3.20
N GLY D 277 -9.76 25.90 -3.70
CA GLY D 277 -9.12 26.45 -4.88
C GLY D 277 -9.54 25.71 -6.14
N MET D 278 -10.73 25.09 -6.09
CA MET D 278 -11.26 24.35 -7.22
C MET D 278 -12.40 25.11 -7.87
N GLU D 279 -12.39 25.09 -9.19
CA GLU D 279 -13.37 25.82 -9.95
C GLU D 279 -14.61 24.96 -10.19
N ALA D 280 -14.51 23.70 -9.74
CA ALA D 280 -15.57 22.70 -9.89
C ALA D 280 -16.89 23.05 -9.21
N CYS D 281 -17.76 22.07 -9.09
CA CYS D 281 -19.18 22.40 -9.02
C CYS D 281 -19.91 22.37 -7.67
N GLY D 282 -19.65 21.35 -6.85
CA GLY D 282 -20.36 21.23 -5.58
C GLY D 282 -21.32 20.08 -5.66
N ILE D 283 -21.29 19.22 -4.64
CA ILE D 283 -21.89 17.90 -4.76
C ILE D 283 -23.39 17.97 -5.06
N HIS D 284 -24.05 19.00 -4.54
CA HIS D 284 -25.48 19.19 -4.78
C HIS D 284 -25.76 19.47 -6.26
N GLU D 285 -24.93 20.30 -6.87
CA GLU D 285 -25.14 20.68 -8.26
C GLU D 285 -24.70 19.58 -9.22
N THR D 286 -23.59 18.91 -8.91
CA THR D 286 -23.14 17.73 -9.66
C THR D 286 -24.25 16.70 -9.70
N THR D 287 -24.93 16.50 -8.58
CA THR D 287 -26.08 15.60 -8.51
C THR D 287 -27.21 16.10 -9.40
N TYR D 288 -27.53 17.38 -9.32
CA TYR D 288 -28.61 17.93 -10.12
C TYR D 288 -28.29 17.78 -11.62
N ASN D 289 -27.04 18.07 -11.97
CA ASN D 289 -26.59 17.95 -13.34
C ASN D 289 -26.75 16.55 -13.91
N SER D 290 -26.29 15.54 -13.18
CA SER D 290 -26.49 14.14 -13.58
C SER D 290 -27.96 13.81 -13.82
N ILE D 291 -28.83 14.26 -12.92
CA ILE D 291 -30.25 14.06 -13.15
C ILE D 291 -30.65 14.69 -14.49
N MET D 292 -30.22 15.93 -14.74
CA MET D 292 -30.56 16.64 -15.99
C MET D 292 -29.94 16.01 -17.24
N LYS D 293 -28.94 15.16 -17.04
CA LYS D 293 -28.37 14.42 -18.15
C LYS D 293 -29.23 13.19 -18.50
N CYS D 294 -30.23 12.89 -17.69
CA CYS D 294 -31.07 11.73 -17.89
C CYS D 294 -32.40 12.10 -18.53
N ASP D 295 -33.05 11.10 -19.12
CA ASP D 295 -34.30 11.31 -19.87
C ASP D 295 -35.38 11.90 -19.02
N VAL D 296 -35.99 12.98 -19.53
CA VAL D 296 -37.02 13.72 -18.81
C VAL D 296 -37.97 12.80 -18.04
N ASP D 297 -38.29 11.66 -18.62
CA ASP D 297 -39.33 10.77 -18.08
C ASP D 297 -38.89 9.88 -16.91
N ILE D 298 -37.59 9.77 -16.64
CA ILE D 298 -37.12 8.99 -15.48
C ILE D 298 -36.62 9.86 -14.32
N ARG D 299 -36.74 11.18 -14.45
CA ARG D 299 -36.15 12.11 -13.50
C ARG D 299 -36.85 12.16 -12.16
N LYS D 300 -38.19 12.06 -12.16
CA LYS D 300 -38.96 12.02 -10.92
C LYS D 300 -38.42 10.95 -9.99
N ASP D 301 -38.08 9.79 -10.55
CA ASP D 301 -37.62 8.65 -9.77
C ASP D 301 -36.20 8.82 -9.24
N LEU D 302 -35.37 9.57 -9.97
CA LEU D 302 -34.05 9.92 -9.48
C LEU D 302 -34.15 10.94 -8.34
N TYR D 303 -34.94 11.98 -8.54
CA TYR D 303 -35.15 13.03 -7.53
C TYR D 303 -35.60 12.48 -6.16
N ALA D 304 -36.47 11.47 -6.18
CA ALA D 304 -37.04 10.90 -4.97
C ALA D 304 -36.24 9.71 -4.44
N ASN D 305 -35.11 9.42 -5.08
CA ASN D 305 -34.25 8.32 -4.64
C ASN D 305 -32.76 8.67 -4.80
N THR D 306 -32.37 9.80 -4.20
CA THR D 306 -30.98 10.23 -4.16
C THR D 306 -30.35 9.62 -2.92
N VAL D 307 -29.36 8.75 -3.17
CA VAL D 307 -28.74 7.95 -2.15
C VAL D 307 -27.29 8.38 -1.87
N LEU D 308 -26.93 8.50 -0.59
CA LEU D 308 -25.56 8.90 -0.23
C LEU D 308 -24.75 7.70 0.24
N SER D 309 -23.50 7.60 -0.21
CA SER D 309 -22.61 6.53 0.22
C SER D 309 -21.17 6.98 0.25
N GLY D 310 -20.38 6.33 1.10
CA GLY D 310 -18.96 6.62 1.18
C GLY D 310 -18.64 7.44 2.42
N GLY D 311 -17.43 7.24 2.94
CA GLY D 311 -16.97 7.88 4.18
C GLY D 311 -17.12 9.38 4.19
N THR D 312 -16.92 10.01 3.04
CA THR D 312 -16.97 11.47 2.95
C THR D 312 -18.39 12.02 2.95
N THR D 313 -19.40 11.16 2.95
CA THR D 313 -20.79 11.62 3.06
C THR D 313 -21.31 11.41 4.47
N MET D 314 -20.41 11.16 5.42
CA MET D 314 -20.81 10.78 6.77
C MET D 314 -21.02 11.95 7.73
N TYR D 315 -20.83 13.19 7.25
CA TYR D 315 -20.98 14.38 8.07
C TYR D 315 -22.42 14.58 8.53
N PRO D 316 -22.66 14.62 9.86
CA PRO D 316 -24.00 15.00 10.32
C PRO D 316 -24.48 16.32 9.71
N GLY D 317 -25.77 16.41 9.40
CA GLY D 317 -26.37 17.61 8.81
C GLY D 317 -26.41 17.64 7.29
N ILE D 318 -25.70 16.70 6.64
CA ILE D 318 -25.53 16.70 5.20
C ILE D 318 -26.82 16.42 4.42
N ALA D 319 -27.64 15.49 4.90
CA ALA D 319 -28.83 15.07 4.18
C ALA D 319 -29.85 16.21 4.04
N ASP D 320 -30.29 16.79 5.16
CA ASP D 320 -31.24 17.92 5.14
C ASP D 320 -30.70 19.03 4.26
N ARG D 321 -29.38 19.20 4.25
CA ARG D 321 -28.77 20.23 3.42
C ARG D 321 -28.93 19.87 1.95
N MET D 322 -28.53 18.67 1.56
CA MET D 322 -28.69 18.20 0.18
C MET D 322 -30.13 18.44 -0.26
N GLN D 323 -31.05 17.92 0.53
CA GLN D 323 -32.48 18.10 0.35
C GLN D 323 -32.79 19.55 0.06
N LYS D 324 -32.20 20.43 0.87
CA LYS D 324 -32.48 21.85 0.72
C LYS D 324 -31.88 22.43 -0.56
N GLU D 325 -30.61 22.14 -0.82
CA GLU D 325 -29.90 22.70 -1.99
C GLU D 325 -30.46 22.18 -3.33
N ILE D 326 -30.79 20.89 -3.39
CA ILE D 326 -31.38 20.33 -4.59
C ILE D 326 -32.78 20.92 -4.82
N THR D 327 -33.59 21.03 -3.76
CA THR D 327 -34.91 21.67 -3.84
C THR D 327 -34.84 23.06 -4.47
N ALA D 328 -33.74 23.77 -4.22
CA ALA D 328 -33.51 25.09 -4.81
C ALA D 328 -33.31 24.99 -6.32
N LEU D 329 -32.75 23.88 -6.78
CA LEU D 329 -32.45 23.71 -8.18
C LEU D 329 -33.59 23.05 -8.97
N ALA D 330 -34.31 22.14 -8.31
CA ALA D 330 -35.40 21.39 -8.92
C ALA D 330 -36.67 22.23 -9.13
N PRO D 331 -37.66 21.70 -9.91
CA PRO D 331 -38.89 22.46 -10.07
C PRO D 331 -39.70 22.44 -8.78
N SER D 332 -40.74 23.26 -8.72
CA SER D 332 -41.65 23.26 -7.59
C SER D 332 -42.32 21.91 -7.41
N THR D 333 -42.81 21.66 -6.19
CA THR D 333 -43.50 20.41 -5.78
C THR D 333 -42.76 19.10 -6.08
N MET D 334 -41.64 19.18 -6.79
CA MET D 334 -40.86 18.00 -7.14
C MET D 334 -40.38 17.31 -5.86
N LYS D 335 -40.84 16.09 -5.64
CA LYS D 335 -40.53 15.34 -4.43
C LYS D 335 -39.05 14.99 -4.38
N ILE D 336 -38.32 15.71 -3.52
CA ILE D 336 -36.91 15.43 -3.31
C ILE D 336 -36.76 14.57 -2.07
N LYS D 337 -36.09 13.43 -2.21
CA LYS D 337 -35.85 12.55 -1.08
C LYS D 337 -34.39 12.08 -1.05
N ILE D 338 -33.72 12.42 0.05
CA ILE D 338 -32.34 12.02 0.24
C ILE D 338 -32.31 10.85 1.20
N ILE D 339 -31.74 9.74 0.76
CA ILE D 339 -31.56 8.57 1.61
C ILE D 339 -30.10 8.48 2.05
N ALA D 340 -29.88 8.76 3.32
CA ALA D 340 -28.57 8.71 3.93
C ALA D 340 -28.65 7.76 5.12
N PRO D 341 -28.48 6.45 4.86
CA PRO D 341 -28.57 5.47 5.94
C PRO D 341 -27.40 5.66 6.91
N PRO D 342 -27.63 5.41 8.23
CA PRO D 342 -26.55 5.49 9.21
C PRO D 342 -25.38 4.58 8.89
N GLU D 343 -25.56 3.64 7.98
CA GLU D 343 -24.53 2.65 7.69
C GLU D 343 -23.70 2.92 6.44
N ARG D 344 -23.88 4.10 5.85
CA ARG D 344 -23.44 4.40 4.48
C ARG D 344 -21.92 4.48 4.23
N LYS D 345 -21.12 4.31 5.28
CA LYS D 345 -19.68 4.23 5.10
C LYS D 345 -19.30 2.91 4.45
N TYR D 346 -20.13 1.89 4.66
CA TYR D 346 -19.89 0.55 4.14
C TYR D 346 -21.05 0.05 3.28
N SER D 347 -21.79 0.98 2.68
CA SER D 347 -22.93 0.67 1.80
C SER D 347 -22.56 -0.20 0.61
N VAL D 348 -21.42 0.08 -0.02
CA VAL D 348 -20.97 -0.69 -1.18
C VAL D 348 -20.78 -2.15 -0.82
N TRP D 349 -19.97 -2.41 0.20
CA TRP D 349 -19.69 -3.77 0.64
C TRP D 349 -20.96 -4.52 1.00
N ILE D 350 -21.81 -3.90 1.83
CA ILE D 350 -23.07 -4.50 2.25
C ILE D 350 -23.94 -4.86 1.03
N GLY D 351 -24.08 -3.91 0.10
CA GLY D 351 -24.81 -4.13 -1.15
C GLY D 351 -24.32 -5.37 -1.89
N GLY D 352 -22.99 -5.48 -2.01
CA GLY D 352 -22.35 -6.67 -2.56
C GLY D 352 -22.73 -7.92 -1.78
N SER D 353 -22.60 -7.86 -0.46
CA SER D 353 -22.92 -8.99 0.42
C SER D 353 -24.39 -9.41 0.34
N ILE D 354 -25.30 -8.45 0.15
CA ILE D 354 -26.71 -8.77 -0.05
C ILE D 354 -26.87 -9.47 -1.39
N LEU D 355 -26.15 -8.98 -2.41
CA LEU D 355 -26.25 -9.53 -3.76
C LEU D 355 -25.74 -10.96 -3.85
N ALA D 356 -24.45 -11.16 -3.55
CA ALA D 356 -23.83 -12.49 -3.67
C ALA D 356 -24.51 -13.56 -2.82
N SER D 357 -25.27 -13.14 -1.81
CA SER D 357 -25.98 -14.06 -0.93
C SER D 357 -27.42 -14.35 -1.39
N LEU D 358 -27.88 -13.67 -2.43
CA LEU D 358 -29.21 -13.92 -2.98
C LEU D 358 -29.19 -15.14 -3.89
N SER D 359 -30.26 -15.94 -3.81
CA SER D 359 -30.38 -17.14 -4.65
C SER D 359 -30.52 -16.73 -6.10
N THR D 360 -31.34 -15.70 -6.32
CA THR D 360 -31.61 -15.14 -7.65
C THR D 360 -30.34 -14.80 -8.42
N PHE D 361 -29.27 -14.51 -7.68
CA PHE D 361 -27.99 -14.14 -8.26
C PHE D 361 -27.11 -15.35 -8.57
N GLN D 362 -27.51 -16.52 -8.08
CA GLN D 362 -26.63 -17.70 -8.11
C GLN D 362 -26.33 -18.25 -9.51
N GLN D 363 -27.16 -17.89 -10.49
CA GLN D 363 -26.88 -18.26 -11.89
C GLN D 363 -26.21 -17.12 -12.66
N MET D 364 -25.97 -16.00 -11.98
CA MET D 364 -25.40 -14.80 -12.59
C MET D 364 -23.87 -14.85 -12.65
N TRP D 365 -23.27 -15.63 -11.75
CA TRP D 365 -21.82 -15.74 -11.63
C TRP D 365 -21.12 -16.04 -12.94
N ILE D 366 -19.89 -15.53 -13.08
CA ILE D 366 -19.01 -16.02 -14.13
C ILE D 366 -18.35 -17.27 -13.55
N SER D 367 -18.75 -18.44 -14.06
CA SER D 367 -18.17 -19.70 -13.62
C SER D 367 -16.80 -19.94 -14.25
N LYS D 368 -15.99 -20.78 -13.59
CA LYS D 368 -14.63 -21.11 -14.03
C LYS D 368 -14.62 -21.59 -15.48
N GLN D 369 -15.58 -22.44 -15.83
CA GLN D 369 -15.72 -22.97 -17.19
C GLN D 369 -15.90 -21.86 -18.22
N GLU D 370 -16.80 -20.93 -17.92
CA GLU D 370 -17.13 -19.80 -18.81
C GLU D 370 -15.93 -18.93 -19.17
N TYR D 371 -14.99 -18.81 -18.23
CA TYR D 371 -13.75 -18.08 -18.51
C TYR D 371 -12.85 -18.87 -19.44
N ASP D 372 -12.62 -20.14 -19.10
CA ASP D 372 -11.71 -21.02 -19.83
C ASP D 372 -11.96 -21.07 -21.33
N GLU D 373 -13.20 -20.86 -21.74
CA GLU D 373 -13.60 -20.84 -23.15
C GLU D 373 -13.53 -19.44 -23.78
N SER D 374 -14.19 -18.48 -23.15
CA SER D 374 -14.35 -17.14 -23.73
C SER D 374 -13.11 -16.27 -23.57
N GLY D 375 -12.45 -16.37 -22.41
CA GLY D 375 -11.33 -15.50 -22.07
C GLY D 375 -11.76 -14.34 -21.19
N PRO D 376 -10.89 -13.30 -21.06
CA PRO D 376 -11.17 -12.16 -20.18
C PRO D 376 -12.43 -11.33 -20.53
N SER D 377 -12.85 -11.34 -21.79
CA SER D 377 -13.90 -10.43 -22.24
C SER D 377 -15.34 -10.81 -21.86
N ILE D 378 -15.52 -12.01 -21.31
CA ILE D 378 -16.86 -12.48 -20.90
C ILE D 378 -17.49 -11.60 -19.78
N VAL D 379 -16.67 -10.73 -19.20
CA VAL D 379 -17.08 -9.86 -18.10
C VAL D 379 -18.08 -8.78 -18.54
N HIS D 380 -17.85 -8.18 -19.72
CA HIS D 380 -18.74 -7.17 -20.26
C HIS D 380 -20.12 -7.75 -20.53
N ARG D 381 -20.13 -9.00 -21.01
CA ARG D 381 -21.35 -9.71 -21.40
C ARG D 381 -22.29 -10.06 -20.25
N LYS D 382 -21.73 -10.20 -19.04
CA LYS D 382 -22.53 -10.53 -17.85
C LYS D 382 -23.03 -9.29 -17.11
N CYS D 383 -23.64 -8.36 -17.85
CA CYS D 383 -24.14 -7.09 -17.30
C CYS D 383 -25.40 -6.56 -18.02
N PHE D 384 -25.18 -5.73 -19.05
CA PHE D 384 -26.24 -4.99 -19.74
C PHE D 384 -27.14 -5.90 -20.59
N VAL E 14 -45.00 7.17 7.30
CA VAL E 14 -43.64 7.76 7.19
C VAL E 14 -43.44 8.97 8.12
N ALA E 15 -44.54 9.64 8.44
CA ALA E 15 -44.50 10.87 9.24
C ALA E 15 -44.70 10.63 10.73
N ALA E 16 -44.24 11.58 11.55
CA ALA E 16 -44.30 11.49 13.00
C ALA E 16 -45.42 12.33 13.60
N LEU E 17 -45.91 11.91 14.77
CA LEU E 17 -47.00 12.63 15.46
C LEU E 17 -46.48 13.63 16.47
N VAL E 18 -47.15 14.78 16.56
CA VAL E 18 -46.74 15.85 17.47
C VAL E 18 -47.92 16.29 18.34
N VAL E 19 -47.84 16.01 19.63
CA VAL E 19 -48.94 16.31 20.56
C VAL E 19 -48.56 17.33 21.66
N ASP E 20 -49.07 18.56 21.53
CA ASP E 20 -48.89 19.61 22.52
C ASP E 20 -50.09 19.72 23.48
N ASN E 21 -49.92 19.13 24.66
CA ASN E 21 -50.95 19.09 25.69
C ASN E 21 -51.02 20.36 26.49
N GLY E 22 -51.97 21.23 26.16
CA GLY E 22 -52.22 22.43 26.96
C GLY E 22 -53.16 22.13 28.12
N SER E 23 -53.18 23.03 29.10
CA SER E 23 -54.12 22.95 30.22
C SER E 23 -55.53 23.23 29.70
N GLY E 24 -55.65 24.23 28.83
CA GLY E 24 -56.89 24.53 28.15
C GLY E 24 -57.03 23.66 26.93
N MET E 25 -56.39 24.07 25.84
CA MET E 25 -56.47 23.35 24.56
C MET E 25 -55.36 22.33 24.40
N CYS E 26 -55.67 21.25 23.70
CA CYS E 26 -54.65 20.31 23.28
C CYS E 26 -54.49 20.35 21.75
N LYS E 27 -53.25 20.42 21.29
CA LYS E 27 -52.94 20.61 19.86
C LYS E 27 -52.25 19.38 19.27
N ALA E 28 -52.73 18.91 18.12
CA ALA E 28 -52.19 17.69 17.51
C ALA E 28 -51.94 17.82 16.00
N GLY E 29 -51.13 16.91 15.46
CA GLY E 29 -50.76 16.94 14.04
C GLY E 29 -49.55 16.11 13.67
N PHE E 30 -49.03 16.34 12.46
CA PHE E 30 -47.94 15.55 11.91
C PHE E 30 -46.65 16.35 11.73
N ALA E 31 -45.53 15.73 12.08
CA ALA E 31 -44.23 16.36 11.89
C ALA E 31 -44.02 16.63 10.40
N GLY E 32 -43.92 17.90 10.05
CA GLY E 32 -43.79 18.32 8.67
C GLY E 32 -44.80 19.39 8.34
N ASP E 33 -45.95 19.33 9.02
CA ASP E 33 -47.04 20.31 8.81
C ASP E 33 -46.57 21.70 9.19
N ASP E 34 -47.27 22.71 8.69
CA ASP E 34 -46.98 24.09 9.07
C ASP E 34 -47.95 24.59 10.16
N ALA E 35 -48.77 23.67 10.68
CA ALA E 35 -49.78 23.97 11.69
C ALA E 35 -50.50 22.69 12.09
N PRO E 36 -51.16 22.70 13.27
CA PRO E 36 -51.77 21.44 13.75
C PRO E 36 -53.12 21.13 13.11
N ARG E 37 -53.44 19.84 13.04
CA ARG E 37 -54.72 19.38 12.51
C ARG E 37 -55.84 19.52 13.54
N ALA E 38 -55.57 19.03 14.76
CA ALA E 38 -56.59 18.94 15.82
C ALA E 38 -56.34 19.93 16.94
N VAL E 39 -57.32 20.81 17.15
CA VAL E 39 -57.30 21.76 18.26
C VAL E 39 -58.61 21.60 19.02
N PHE E 40 -58.54 20.96 20.18
CA PHE E 40 -59.72 20.65 20.97
C PHE E 40 -59.47 20.79 22.47
N PRO E 41 -60.49 21.24 23.22
CA PRO E 41 -60.35 21.46 24.66
C PRO E 41 -59.98 20.18 25.39
N SER E 42 -59.03 20.26 26.32
CA SER E 42 -58.60 19.10 27.09
C SER E 42 -59.60 18.82 28.21
N ILE E 43 -60.80 18.40 27.81
CA ILE E 43 -61.91 18.15 28.71
C ILE E 43 -62.40 16.70 28.59
N VAL E 44 -62.48 16.01 29.71
CA VAL E 44 -63.13 14.69 29.75
C VAL E 44 -64.46 14.80 30.49
N GLY E 45 -65.52 14.38 29.81
CA GLY E 45 -66.86 14.33 30.38
C GLY E 45 -67.30 12.91 30.66
N ARG E 46 -67.68 12.66 31.91
CA ARG E 46 -68.32 11.41 32.31
C ARG E 46 -69.77 11.71 32.68
N PRO E 47 -70.71 10.84 32.28
CA PRO E 47 -72.12 11.18 32.51
C PRO E 47 -72.39 11.17 33.99
N ARG E 48 -73.14 12.16 34.46
CA ARG E 48 -73.53 12.16 35.87
C ARG E 48 -74.68 11.19 36.05
N HIS E 49 -74.76 10.62 37.24
CA HIS E 49 -75.81 9.67 37.52
C HIS E 49 -77.13 10.38 37.76
N GLN E 50 -78.11 10.05 36.93
CA GLN E 50 -79.52 10.17 37.31
C GLN E 50 -79.64 9.06 38.35
N GLY E 51 -80.82 8.83 38.92
CA GLY E 51 -80.90 7.69 39.83
C GLY E 51 -82.20 6.94 40.04
N VAL E 52 -82.58 5.93 39.24
CA VAL E 52 -82.16 5.54 37.87
C VAL E 52 -82.31 4.02 37.66
N MET E 53 -83.56 3.55 37.48
CA MET E 53 -83.86 2.14 37.21
C MET E 53 -82.97 1.56 36.11
N VAL E 54 -82.61 2.41 35.15
CA VAL E 54 -81.64 2.08 34.09
C VAL E 54 -80.18 2.32 34.56
N GLY E 55 -79.59 3.44 34.13
CA GLY E 55 -78.21 3.79 34.47
C GLY E 55 -77.17 2.84 33.89
N MET E 56 -77.37 2.48 32.62
CA MET E 56 -76.60 1.42 31.96
C MET E 56 -75.20 1.87 31.54
N GLY E 57 -74.63 1.19 30.54
CA GLY E 57 -73.31 1.52 30.01
C GLY E 57 -73.25 1.36 28.51
N GLN E 58 -72.16 1.86 27.92
CA GLN E 58 -71.87 1.84 26.48
C GLN E 58 -71.88 3.24 25.84
N LYS E 59 -71.38 4.25 26.66
CA LYS E 59 -71.17 5.64 26.21
C LYS E 59 -70.09 6.28 27.09
N ASP E 60 -70.15 5.97 28.39
CA ASP E 60 -69.06 6.14 29.38
C ASP E 60 -68.26 7.45 29.42
N SER E 61 -67.75 7.91 28.29
CA SER E 61 -66.96 9.14 28.26
C SER E 61 -67.03 9.87 26.93
N TYR E 62 -67.11 11.19 27.01
CA TYR E 62 -66.92 12.05 25.85
C TYR E 62 -65.71 12.93 26.09
N VAL E 63 -65.00 13.28 25.01
CA VAL E 63 -63.80 14.11 25.11
C VAL E 63 -63.85 15.26 24.09
N GLY E 64 -63.44 16.44 24.53
CA GLY E 64 -63.27 17.58 23.63
C GLY E 64 -64.52 18.39 23.41
N ASP E 65 -64.89 18.55 22.14
CA ASP E 65 -66.03 19.37 21.76
C ASP E 65 -67.37 18.69 22.01
N GLU E 66 -67.44 17.39 21.75
CA GLU E 66 -68.67 16.64 21.99
C GLU E 66 -68.95 16.44 23.47
N ALA E 67 -67.93 16.66 24.30
CA ALA E 67 -68.12 16.74 25.74
C ALA E 67 -68.55 18.17 26.08
N GLN E 68 -68.05 19.13 25.32
CA GLN E 68 -68.39 20.55 25.52
C GLN E 68 -69.86 20.81 25.22
N SER E 69 -70.29 20.44 24.01
CA SER E 69 -71.66 20.66 23.58
C SER E 69 -72.69 19.90 24.42
N LYS E 70 -72.28 18.75 24.94
CA LYS E 70 -73.17 17.88 25.72
C LYS E 70 -72.93 18.00 27.23
N ARG E 71 -72.59 19.22 27.68
CA ARG E 71 -72.17 19.46 29.06
C ARG E 71 -73.28 19.29 30.11
N GLY E 72 -74.54 19.46 29.67
CA GLY E 72 -75.70 19.34 30.56
C GLY E 72 -75.76 18.00 31.27
N ILE E 73 -75.50 16.93 30.53
CA ILE E 73 -75.60 15.56 31.06
C ILE E 73 -74.27 14.96 31.52
N LEU E 74 -73.18 15.72 31.39
CA LEU E 74 -71.85 15.25 31.81
C LEU E 74 -71.24 16.15 32.89
N THR E 75 -70.50 15.53 33.80
CA THR E 75 -69.64 16.29 34.73
C THR E 75 -68.24 16.36 34.15
N LEU E 76 -67.81 17.58 33.83
CA LEU E 76 -66.55 17.79 33.13
C LEU E 76 -65.36 17.76 34.06
N LYS E 77 -64.23 17.26 33.55
CA LYS E 77 -62.97 17.26 34.29
C LYS E 77 -61.81 17.75 33.43
N TYR E 78 -60.83 18.35 34.08
CA TYR E 78 -59.59 18.75 33.45
C TYR E 78 -58.44 17.94 34.04
N PRO E 79 -57.83 17.07 33.21
CA PRO E 79 -56.78 16.16 33.69
C PRO E 79 -55.44 16.87 33.84
N ILE E 80 -55.29 18.00 33.16
CA ILE E 80 -54.04 18.74 33.14
C ILE E 80 -54.27 20.20 33.57
N GLU E 81 -53.87 20.49 34.81
CA GLU E 81 -54.04 21.82 35.40
C GLU E 81 -52.71 22.41 35.79
N HIS E 82 -52.52 23.68 35.43
CA HIS E 82 -51.24 24.37 35.57
C HIS E 82 -50.14 23.63 34.80
N GLY E 83 -50.52 23.06 33.66
CA GLY E 83 -49.59 22.40 32.75
C GLY E 83 -49.13 21.00 33.14
N ILE E 84 -49.59 20.53 34.30
CA ILE E 84 -49.15 19.24 34.83
C ILE E 84 -50.31 18.27 34.95
N VAL E 85 -50.08 17.04 34.51
CA VAL E 85 -51.11 15.99 34.55
C VAL E 85 -51.45 15.60 35.99
N THR E 86 -52.69 15.83 36.37
CA THR E 86 -53.16 15.52 37.72
C THR E 86 -54.11 14.31 37.71
N ASN E 87 -54.53 13.90 36.51
CA ASN E 87 -55.34 12.69 36.32
C ASN E 87 -54.92 11.91 35.09
N TRP E 88 -54.37 10.71 35.31
CA TRP E 88 -53.82 9.89 34.24
C TRP E 88 -54.87 9.11 33.45
N ASP E 89 -55.90 8.64 34.14
CA ASP E 89 -57.02 7.95 33.49
C ASP E 89 -57.70 8.87 32.48
N ASP E 90 -58.05 10.08 32.92
CA ASP E 90 -58.67 11.06 32.04
C ASP E 90 -57.70 11.56 30.96
N MET E 91 -56.41 11.57 31.27
CA MET E 91 -55.37 11.94 30.31
C MET E 91 -55.33 10.93 29.16
N GLU E 92 -55.31 9.66 29.54
CA GLU E 92 -55.31 8.53 28.61
C GLU E 92 -56.50 8.64 27.64
N LYS E 93 -57.67 9.01 28.17
CA LYS E 93 -58.87 9.22 27.37
C LYS E 93 -58.64 10.26 26.27
N ILE E 94 -57.96 11.34 26.62
CA ILE E 94 -57.64 12.40 25.67
C ILE E 94 -56.66 11.91 24.59
N TRP E 95 -55.59 11.23 25.02
CA TRP E 95 -54.60 10.69 24.08
C TRP E 95 -55.22 9.63 23.16
N HIS E 96 -56.04 8.76 23.72
CA HIS E 96 -56.83 7.80 22.96
C HIS E 96 -57.71 8.51 21.93
N HIS E 97 -58.45 9.50 22.40
CA HIS E 97 -59.31 10.34 21.58
C HIS E 97 -58.53 11.02 20.45
N THR E 98 -57.29 11.42 20.73
CA THR E 98 -56.48 12.20 19.80
C THR E 98 -56.01 11.38 18.60
N PHE E 99 -55.51 10.18 18.89
CA PHE E 99 -55.01 9.28 17.86
C PHE E 99 -56.12 8.75 16.95
N TYR E 100 -57.23 8.31 17.55
CA TYR E 100 -58.28 7.65 16.81
C TYR E 100 -59.36 8.57 16.25
N ASN E 101 -59.97 9.38 17.11
CA ASN E 101 -61.11 10.22 16.73
C ASN E 101 -60.71 11.55 16.09
N GLU E 102 -59.43 11.89 16.13
CA GLU E 102 -58.99 13.24 15.76
C GLU E 102 -58.00 13.30 14.60
N LEU E 103 -56.89 12.58 14.74
CA LEU E 103 -55.92 12.50 13.65
C LEU E 103 -56.23 11.28 12.80
N ARG E 104 -56.90 10.32 13.45
CA ARG E 104 -57.38 9.08 12.83
C ARG E 104 -56.23 8.30 12.20
N VAL E 105 -55.25 7.99 13.04
CA VAL E 105 -54.07 7.20 12.67
C VAL E 105 -53.80 6.12 13.72
N ALA E 106 -52.86 5.23 13.41
CA ALA E 106 -52.46 4.19 14.34
C ALA E 106 -51.26 4.63 15.19
N PRO E 107 -51.40 4.58 16.52
CA PRO E 107 -50.32 4.97 17.44
C PRO E 107 -49.09 4.08 17.25
N GLU E 108 -49.32 2.79 17.04
CA GLU E 108 -48.25 1.81 16.80
C GLU E 108 -47.51 1.99 15.48
N GLU E 109 -48.01 2.91 14.65
CA GLU E 109 -47.45 3.11 13.32
C GLU E 109 -46.61 4.38 13.16
N HIS E 110 -46.70 5.29 14.13
CA HIS E 110 -45.99 6.57 14.05
C HIS E 110 -45.14 6.85 15.29
N PRO E 111 -43.94 7.44 15.11
CA PRO E 111 -43.22 7.95 16.28
C PRO E 111 -43.91 9.20 16.79
N VAL E 112 -43.90 9.41 18.10
CA VAL E 112 -44.65 10.55 18.67
C VAL E 112 -43.84 11.46 19.60
N LEU E 113 -43.78 12.73 19.24
CA LEU E 113 -43.15 13.75 20.08
C LEU E 113 -44.21 14.39 20.94
N LEU E 114 -43.98 14.33 22.25
CA LEU E 114 -44.89 14.89 23.27
C LEU E 114 -44.23 16.04 24.02
N THR E 115 -45.03 16.98 24.50
CA THR E 115 -44.48 18.15 25.21
C THR E 115 -44.89 18.19 26.67
N GLU E 116 -43.97 18.63 27.53
CA GLU E 116 -44.25 18.77 28.97
C GLU E 116 -44.06 20.21 29.45
N ALA E 117 -44.63 20.52 30.61
CA ALA E 117 -44.40 21.81 31.26
C ALA E 117 -43.00 21.82 31.89
N PRO E 118 -42.41 23.02 32.08
CA PRO E 118 -41.11 23.09 32.74
C PRO E 118 -41.20 22.67 34.20
N LEU E 119 -40.14 22.07 34.72
CA LEU E 119 -40.11 21.54 36.10
C LEU E 119 -41.11 20.40 36.35
N ASN E 120 -41.34 19.58 35.32
CA ASN E 120 -42.27 18.46 35.39
C ASN E 120 -41.66 17.31 36.21
N PRO E 121 -42.34 16.89 37.30
CA PRO E 121 -41.86 15.82 38.17
C PRO E 121 -41.45 14.55 37.42
N LYS E 122 -40.38 13.91 37.90
CA LYS E 122 -39.81 12.71 37.26
C LYS E 122 -40.80 11.56 37.17
N ALA E 123 -41.78 11.54 38.08
CA ALA E 123 -42.89 10.59 38.05
C ALA E 123 -43.73 10.74 36.79
N ASN E 124 -44.18 11.96 36.52
CA ASN E 124 -44.99 12.29 35.35
C ASN E 124 -44.34 11.93 34.02
N ARG E 125 -43.04 12.20 33.90
CA ARG E 125 -42.31 11.88 32.67
C ARG E 125 -42.26 10.37 32.45
N GLU E 126 -42.02 9.63 33.54
CA GLU E 126 -42.01 8.17 33.49
C GLU E 126 -43.39 7.59 33.14
N LYS E 127 -44.43 8.17 33.72
CA LYS E 127 -45.81 7.75 33.46
C LYS E 127 -46.22 7.94 32.00
N MET E 128 -45.92 9.11 31.44
CA MET E 128 -46.15 9.42 30.03
C MET E 128 -45.47 8.42 29.12
N THR E 129 -44.29 7.97 29.54
CA THR E 129 -43.45 7.10 28.74
C THR E 129 -44.07 5.71 28.74
N GLN E 130 -44.42 5.23 29.93
CA GLN E 130 -45.05 3.93 30.15
C GLN E 130 -46.33 3.82 29.33
N ILE E 131 -47.19 4.83 29.46
CA ILE E 131 -48.46 4.91 28.74
C ILE E 131 -48.30 4.87 27.21
N MET E 132 -47.24 5.47 26.70
CA MET E 132 -47.02 5.52 25.26
C MET E 132 -46.51 4.21 24.67
N PHE E 133 -45.64 3.54 25.41
CA PHE E 133 -45.06 2.30 24.93
C PHE E 133 -45.93 1.08 25.21
N GLU E 134 -46.66 1.14 26.32
CA GLU E 134 -47.41 -0.03 26.77
C GLU E 134 -48.86 -0.01 26.32
N THR E 135 -49.53 1.13 26.47
CA THR E 135 -50.95 1.24 26.16
C THR E 135 -51.18 1.46 24.66
N PHE E 136 -50.39 2.36 24.07
CA PHE E 136 -50.56 2.74 22.67
C PHE E 136 -49.53 2.10 21.74
N ASN E 137 -48.62 1.34 22.33
CA ASN E 137 -47.58 0.59 21.61
C ASN E 137 -46.86 1.39 20.51
N THR E 138 -46.21 2.48 20.92
CA THR E 138 -45.58 3.40 19.98
C THR E 138 -44.23 2.89 19.47
N PRO E 139 -43.92 3.16 18.18
CA PRO E 139 -42.63 2.72 17.63
C PRO E 139 -41.52 3.44 18.36
N ALA E 140 -41.64 4.77 18.43
CA ALA E 140 -40.67 5.64 19.06
C ALA E 140 -41.38 6.84 19.68
N MET E 141 -40.69 7.53 20.59
CA MET E 141 -41.19 8.78 21.16
C MET E 141 -40.10 9.66 21.80
N TYR E 142 -40.48 10.89 22.14
CA TYR E 142 -39.58 11.85 22.78
C TYR E 142 -40.39 12.88 23.55
N VAL E 143 -39.87 13.34 24.68
CA VAL E 143 -40.52 14.39 25.47
C VAL E 143 -39.66 15.65 25.44
N ALA E 144 -40.30 16.77 25.10
CA ALA E 144 -39.61 18.05 24.95
C ALA E 144 -40.36 19.12 25.71
N ILE E 145 -39.62 20.02 26.36
CA ILE E 145 -40.21 21.13 27.10
C ILE E 145 -40.83 22.13 26.13
N GLN E 146 -42.11 22.44 26.35
CA GLN E 146 -42.88 23.37 25.53
C GLN E 146 -42.10 24.64 25.25
N ALA E 147 -41.72 25.32 26.33
CA ALA E 147 -40.95 26.56 26.28
C ALA E 147 -39.74 26.51 25.34
N VAL E 148 -39.01 25.39 25.37
CA VAL E 148 -37.85 25.19 24.50
C VAL E 148 -38.28 25.14 23.04
N LEU E 149 -39.34 24.39 22.75
CA LEU E 149 -39.86 24.27 21.38
C LEU E 149 -40.26 25.63 20.80
N SER E 150 -40.84 26.48 21.64
CA SER E 150 -41.17 27.85 21.24
C SER E 150 -39.95 28.60 20.77
N LEU E 151 -38.82 28.39 21.46
CA LEU E 151 -37.56 29.01 21.09
C LEU E 151 -37.07 28.46 19.74
N TYR E 152 -36.98 27.13 19.63
CA TYR E 152 -36.66 26.47 18.37
C TYR E 152 -37.47 27.03 17.20
N ALA E 153 -38.77 27.19 17.42
CA ALA E 153 -39.69 27.75 16.46
C ALA E 153 -39.28 29.11 15.92
N SER E 154 -38.39 29.80 16.64
CA SER E 154 -37.88 31.10 16.18
C SER E 154 -36.45 30.97 15.66
N GLY E 155 -36.04 29.73 15.37
CA GLY E 155 -34.71 29.50 14.83
C GLY E 155 -33.63 29.89 15.83
N ARG E 156 -33.85 29.54 17.08
CA ARG E 156 -32.89 29.82 18.14
C ARG E 156 -32.70 28.61 19.04
N THR E 157 -31.50 28.50 19.61
CA THR E 157 -31.18 27.40 20.49
C THR E 157 -30.74 27.94 21.85
N THR E 158 -30.67 29.27 21.91
CA THR E 158 -30.25 30.00 23.09
C THR E 158 -31.05 31.29 23.16
N GLY E 159 -31.60 31.56 24.34
CA GLY E 159 -32.44 32.72 24.55
C GLY E 159 -33.26 32.44 25.79
N ILE E 160 -34.17 33.36 26.12
CA ILE E 160 -35.12 33.12 27.20
C ILE E 160 -36.53 33.25 26.63
N VAL E 161 -37.42 32.32 26.98
CA VAL E 161 -38.80 32.45 26.56
C VAL E 161 -39.77 32.70 27.71
N LEU E 162 -40.74 33.56 27.45
CA LEU E 162 -41.87 33.77 28.35
C LEU E 162 -43.08 33.01 27.82
N ASP E 163 -43.46 31.94 28.51
CA ASP E 163 -44.61 31.11 28.09
C ASP E 163 -45.81 31.32 29.00
N SER E 164 -46.83 31.99 28.47
CA SER E 164 -48.03 32.33 29.23
C SER E 164 -49.29 31.80 28.55
N GLY E 165 -49.96 30.86 29.21
CA GLY E 165 -51.11 30.20 28.62
C GLY E 165 -52.41 30.38 29.39
N ASP E 166 -52.95 29.26 29.87
CA ASP E 166 -54.27 29.24 30.47
C ASP E 166 -54.25 29.64 31.94
N GLY E 167 -53.59 28.83 32.77
CA GLY E 167 -53.56 29.07 34.21
C GLY E 167 -52.21 29.47 34.78
N VAL E 168 -51.16 29.32 33.98
CA VAL E 168 -49.78 29.50 34.47
C VAL E 168 -48.89 30.24 33.47
N SER E 169 -47.88 30.92 34.01
CA SER E 169 -46.82 31.53 33.19
C SER E 169 -45.46 31.02 33.65
N HIS E 170 -44.51 30.96 32.72
CA HIS E 170 -43.15 30.56 33.03
C HIS E 170 -42.14 31.48 32.32
N THR E 171 -40.96 31.58 32.92
CA THR E 171 -39.81 32.18 32.28
C THR E 171 -38.72 31.12 32.25
N VAL E 172 -38.22 30.80 31.06
CA VAL E 172 -37.28 29.70 30.89
C VAL E 172 -36.01 30.08 30.10
N PRO E 173 -34.89 30.29 30.82
CA PRO E 173 -33.61 30.43 30.15
C PRO E 173 -33.16 29.10 29.55
N ILE E 174 -32.77 29.15 28.29
CA ILE E 174 -32.32 27.98 27.54
C ILE E 174 -30.95 28.27 26.94
N TYR E 175 -29.99 27.38 27.18
CA TYR E 175 -28.68 27.49 26.56
C TYR E 175 -28.38 26.29 25.66
N GLU E 176 -28.07 26.58 24.40
CA GLU E 176 -27.76 25.57 23.38
C GLU E 176 -28.57 24.25 23.50
N GLY E 177 -29.88 24.40 23.56
CA GLY E 177 -30.78 23.26 23.57
C GLY E 177 -31.24 22.77 24.93
N TYR E 178 -30.59 23.27 25.99
CA TYR E 178 -30.94 22.89 27.36
C TYR E 178 -31.51 24.06 28.13
N ALA E 179 -32.67 23.82 28.75
CA ALA E 179 -33.27 24.75 29.71
C ALA E 179 -32.46 24.72 31.01
N LEU E 180 -32.26 25.86 31.64
CA LEU E 180 -31.48 25.90 32.88
C LEU E 180 -32.40 25.95 34.09
N PRO E 181 -32.72 24.78 34.66
CA PRO E 181 -33.85 24.65 35.59
C PRO E 181 -33.81 25.65 36.74
N HIS E 182 -32.62 25.87 37.30
CA HIS E 182 -32.44 26.75 38.46
C HIS E 182 -32.92 28.17 38.22
N ALA E 183 -32.94 28.60 36.96
CA ALA E 183 -33.34 29.96 36.61
C ALA E 183 -34.77 30.05 36.06
N ILE E 184 -35.46 28.91 36.04
CA ILE E 184 -36.88 28.89 35.69
C ILE E 184 -37.71 29.49 36.83
N LEU E 185 -38.53 30.47 36.48
CA LEU E 185 -39.49 31.01 37.43
C LEU E 185 -40.92 30.84 36.93
N ARG E 186 -41.79 30.41 37.83
CA ARG E 186 -43.19 30.21 37.54
C ARG E 186 -44.01 31.33 38.16
N LEU E 187 -45.02 31.80 37.44
CA LEU E 187 -45.90 32.86 37.93
C LEU E 187 -47.36 32.45 37.74
N ASP E 188 -48.06 32.29 38.87
CA ASP E 188 -49.43 31.81 38.87
C ASP E 188 -50.45 32.89 38.52
N LEU E 189 -50.28 33.50 37.35
CA LEU E 189 -51.28 34.39 36.79
C LEU E 189 -51.17 34.31 35.26
N ALA E 190 -52.29 34.10 34.59
CA ALA E 190 -52.31 33.84 33.15
C ALA E 190 -53.65 34.18 32.50
N GLY E 191 -54.01 33.40 31.48
CA GLY E 191 -55.20 33.63 30.66
C GLY E 191 -56.52 33.71 31.42
N ARG E 192 -56.86 32.65 32.15
CA ARG E 192 -58.16 32.59 32.82
C ARG E 192 -58.29 33.56 34.00
N ASP E 193 -57.16 34.00 34.55
CA ASP E 193 -57.15 35.01 35.62
C ASP E 193 -57.51 36.39 35.07
N LEU E 194 -57.02 36.70 33.87
CA LEU E 194 -57.33 37.94 33.17
C LEU E 194 -58.79 37.95 32.72
N THR E 195 -59.30 36.77 32.40
CA THR E 195 -60.70 36.58 32.05
C THR E 195 -61.58 36.99 33.22
N ASP E 196 -61.22 36.54 34.42
CA ASP E 196 -61.98 36.84 35.64
C ASP E 196 -61.97 38.33 35.97
N TYR E 197 -60.83 38.96 35.75
CA TYR E 197 -60.66 40.38 36.02
C TYR E 197 -61.46 41.29 35.07
N LEU E 198 -61.64 40.85 33.82
CA LEU E 198 -62.46 41.59 32.85
C LEU E 198 -63.94 41.51 33.22
N MET E 199 -64.39 40.30 33.57
CA MET E 199 -65.73 40.09 34.09
C MET E 199 -66.01 41.05 35.25
N LYS E 200 -65.08 41.11 36.20
CA LYS E 200 -65.22 41.98 37.36
C LYS E 200 -65.38 43.46 36.97
N ILE E 201 -64.43 43.98 36.20
CA ILE E 201 -64.40 45.41 35.87
C ILE E 201 -65.50 45.89 34.90
N LEU E 202 -66.09 44.96 34.15
CA LEU E 202 -67.25 45.27 33.30
C LEU E 202 -68.54 45.35 34.10
N THR E 203 -68.63 44.52 35.14
CA THR E 203 -69.72 44.57 36.11
C THR E 203 -69.71 45.91 36.85
N GLU E 204 -68.50 46.36 37.21
CA GLU E 204 -68.28 47.64 37.88
C GLU E 204 -68.74 48.84 37.04
N ARG E 205 -68.48 48.76 35.73
CA ARG E 205 -68.87 49.83 34.79
C ARG E 205 -70.39 49.98 34.72
N GLY E 206 -71.09 48.85 34.64
CA GLY E 206 -72.56 48.85 34.60
C GLY E 206 -73.20 47.62 33.98
N TYR E 207 -72.38 46.71 33.47
CA TYR E 207 -72.87 45.48 32.83
C TYR E 207 -72.97 44.32 33.82
N SER E 208 -73.36 43.14 33.34
CA SER E 208 -73.54 41.98 34.20
C SER E 208 -73.19 40.64 33.52
N PHE E 209 -71.98 40.16 33.81
CA PHE E 209 -71.51 38.86 33.31
C PHE E 209 -71.05 38.02 34.48
N THR E 210 -71.53 36.77 34.54
CA THR E 210 -71.26 35.91 35.69
C THR E 210 -71.51 34.43 35.38
N THR E 211 -72.63 34.14 34.72
CA THR E 211 -72.99 32.77 34.33
C THR E 211 -71.92 32.21 33.40
N THR E 212 -71.70 30.89 33.46
CA THR E 212 -70.62 30.24 32.70
C THR E 212 -70.76 30.39 31.18
N ALA E 213 -71.96 30.76 30.72
CA ALA E 213 -72.20 31.08 29.32
C ALA E 213 -71.75 32.52 29.01
N GLU E 214 -71.89 33.41 30.00
CA GLU E 214 -71.48 34.81 29.86
C GLU E 214 -69.95 34.98 29.91
N ARG E 215 -69.27 34.05 30.57
CA ARG E 215 -67.80 34.00 30.60
C ARG E 215 -67.22 33.88 29.19
N GLU E 216 -67.74 32.91 28.43
CA GLU E 216 -67.26 32.64 27.07
C GLU E 216 -67.48 33.83 26.15
N ILE E 217 -68.40 34.72 26.53
CA ILE E 217 -68.64 35.98 25.83
C ILE E 217 -67.54 36.99 26.20
N VAL E 218 -67.23 37.07 27.50
CA VAL E 218 -66.19 37.97 28.03
C VAL E 218 -64.81 37.61 27.49
N ARG E 219 -64.54 36.30 27.40
CA ARG E 219 -63.27 35.78 26.90
C ARG E 219 -63.06 36.18 25.44
N ASP E 220 -64.12 36.11 24.64
CA ASP E 220 -64.08 36.53 23.23
C ASP E 220 -63.79 38.02 23.09
N ILE E 221 -64.40 38.83 23.97
CA ILE E 221 -64.12 40.26 24.04
C ILE E 221 -62.64 40.47 24.31
N LYS E 222 -62.15 39.80 25.36
CA LYS E 222 -60.76 39.86 25.77
C LYS E 222 -59.80 39.60 24.60
N GLU E 223 -60.05 38.51 23.87
CA GLU E 223 -59.19 38.09 22.77
C GLU E 223 -59.25 39.01 21.55
N LYS E 224 -60.26 39.87 21.49
CA LYS E 224 -60.51 40.64 20.26
C LYS E 224 -60.33 42.16 20.38
N LEU E 225 -60.46 42.71 21.59
CA LEU E 225 -60.42 44.17 21.76
C LEU E 225 -59.37 44.69 22.75
N CYS E 226 -58.83 43.81 23.58
CA CYS E 226 -57.81 44.18 24.56
C CYS E 226 -56.43 44.43 23.96
N TYR E 227 -55.65 45.28 24.63
CA TYR E 227 -54.28 45.60 24.23
C TYR E 227 -53.45 46.15 25.39
N VAL E 228 -52.12 46.08 25.27
CA VAL E 228 -51.20 46.59 26.28
C VAL E 228 -50.74 48.00 25.90
N ALA E 229 -50.83 48.91 26.87
CA ALA E 229 -50.43 50.29 26.66
C ALA E 229 -48.94 50.48 26.94
N LEU E 230 -48.32 51.40 26.21
CA LEU E 230 -46.91 51.73 26.39
C LEU E 230 -46.70 52.47 27.72
N ASP E 231 -47.53 53.48 27.97
CA ASP E 231 -47.59 54.14 29.28
C ASP E 231 -49.01 54.04 29.83
N PHE E 232 -49.15 53.42 31.00
CA PHE E 232 -50.46 53.10 31.57
C PHE E 232 -51.23 54.31 32.09
N GLU E 233 -50.56 55.17 32.86
CA GLU E 233 -51.19 56.38 33.39
C GLU E 233 -51.63 57.30 32.26
N GLN E 234 -50.78 57.43 31.26
CA GLN E 234 -51.09 58.15 30.03
C GLN E 234 -52.41 57.67 29.43
N GLU E 235 -52.56 56.35 29.33
CA GLU E 235 -53.74 55.72 28.74
C GLU E 235 -54.98 55.91 29.61
N MET E 236 -54.78 55.86 30.93
CA MET E 236 -55.85 56.15 31.90
C MET E 236 -56.35 57.58 31.75
N ALA E 237 -55.42 58.52 31.61
CA ALA E 237 -55.70 59.95 31.40
C ALA E 237 -56.56 60.21 30.16
N THR E 238 -56.27 59.50 29.06
CA THR E 238 -57.00 59.64 27.81
C THR E 238 -58.42 59.07 27.88
N ALA E 239 -58.57 57.91 28.51
CA ALA E 239 -59.88 57.26 28.66
C ALA E 239 -60.92 58.17 29.34
N ALA E 240 -60.46 58.96 30.31
CA ALA E 240 -61.32 59.86 31.07
C ALA E 240 -61.46 61.25 30.42
N SER E 241 -60.46 61.65 29.64
CA SER E 241 -60.44 62.98 29.03
C SER E 241 -60.58 62.96 27.50
N SER E 242 -61.04 61.83 26.95
CA SER E 242 -61.35 61.74 25.53
C SER E 242 -62.65 60.96 25.24
N SER E 243 -62.55 59.63 25.13
CA SER E 243 -63.66 58.73 24.75
C SER E 243 -63.41 58.10 23.37
N SER E 244 -62.28 58.46 22.75
CA SER E 244 -61.88 57.91 21.45
C SER E 244 -61.43 56.45 21.57
N LEU E 245 -61.02 56.05 22.77
CA LEU E 245 -60.56 54.68 23.04
C LEU E 245 -61.70 53.68 23.23
N GLU E 246 -62.91 54.09 22.83
CA GLU E 246 -64.09 53.24 22.98
C GLU E 246 -64.35 52.40 21.73
N LYS E 247 -64.61 51.11 21.94
CA LYS E 247 -64.97 50.19 20.87
C LYS E 247 -66.24 49.42 21.25
N SER E 248 -67.10 49.17 20.27
CA SER E 248 -68.35 48.45 20.53
C SER E 248 -68.27 46.97 20.14
N TYR E 249 -69.19 46.18 20.72
CA TYR E 249 -69.20 44.74 20.55
C TYR E 249 -70.64 44.21 20.61
N GLU E 250 -71.05 43.50 19.56
CA GLU E 250 -72.39 42.90 19.48
C GLU E 250 -72.51 41.65 20.36
N LEU E 251 -73.58 41.58 21.14
CA LEU E 251 -73.82 40.43 22.02
C LEU E 251 -74.45 39.23 21.28
N PRO E 252 -74.73 38.12 22.01
CA PRO E 252 -75.33 36.93 21.38
C PRO E 252 -76.65 37.27 20.66
N ASP E 253 -77.34 38.28 21.17
CA ASP E 253 -78.61 38.74 20.61
C ASP E 253 -78.45 40.04 19.83
N GLY E 254 -77.42 40.82 20.19
CA GLY E 254 -77.13 42.07 19.47
C GLY E 254 -77.31 43.34 20.28
N GLN E 255 -77.37 43.21 21.60
CA GLN E 255 -77.39 44.38 22.48
C GLN E 255 -76.00 45.00 22.51
N VAL E 256 -75.78 45.95 21.59
CA VAL E 256 -74.46 46.55 21.36
C VAL E 256 -73.86 47.14 22.64
N ILE E 257 -72.79 46.53 23.13
CA ILE E 257 -72.08 46.99 24.32
C ILE E 257 -70.89 47.85 23.90
N THR E 258 -70.51 48.77 24.77
CA THR E 258 -69.36 49.64 24.51
C THR E 258 -68.36 49.58 25.68
N ILE E 259 -67.07 49.50 25.34
CA ILE E 259 -66.01 49.31 26.33
C ILE E 259 -64.88 50.34 26.19
N GLY E 260 -64.52 50.96 27.31
CA GLY E 260 -63.54 52.05 27.32
C GLY E 260 -62.18 51.67 27.88
N ASN E 261 -61.89 52.13 29.10
CA ASN E 261 -60.58 51.90 29.73
C ASN E 261 -60.32 50.46 30.16
N GLU E 262 -61.38 49.65 30.22
CA GLU E 262 -61.29 48.24 30.58
C GLU E 262 -60.51 47.42 29.54
N ARG E 263 -60.38 47.98 28.34
CA ARG E 263 -59.65 47.36 27.22
C ARG E 263 -58.15 47.16 27.50
N PHE E 264 -57.55 48.08 28.24
CA PHE E 264 -56.13 48.02 28.55
C PHE E 264 -55.84 47.76 30.03
N ARG E 265 -56.88 47.85 30.86
CA ARG E 265 -56.76 47.58 32.29
C ARG E 265 -56.68 46.09 32.61
N CYS E 266 -57.26 45.27 31.75
CA CYS E 266 -57.17 43.82 31.88
C CYS E 266 -55.77 43.29 31.57
N PRO E 267 -55.22 43.61 30.37
CA PRO E 267 -53.85 43.19 30.05
C PRO E 267 -52.81 43.79 31.00
N GLU E 268 -53.13 44.95 31.59
CA GLU E 268 -52.24 45.61 32.54
C GLU E 268 -51.91 44.77 33.75
N ALA E 269 -52.81 43.84 34.09
CA ALA E 269 -52.65 42.95 35.24
C ALA E 269 -51.41 42.07 35.14
N LEU E 270 -50.98 41.81 33.90
CA LEU E 270 -49.74 41.06 33.65
C LEU E 270 -48.52 41.80 34.19
N PHE E 271 -48.53 43.13 34.04
CA PHE E 271 -47.45 43.98 34.52
C PHE E 271 -47.71 44.48 35.93
N GLN E 272 -48.98 44.49 36.34
CA GLN E 272 -49.34 44.91 37.69
C GLN E 272 -50.31 43.92 38.32
N PRO E 273 -49.78 42.83 38.93
CA PRO E 273 -50.57 41.77 39.54
C PRO E 273 -51.38 42.21 40.78
N SER E 274 -51.16 43.44 41.23
CA SER E 274 -51.96 44.05 42.29
C SER E 274 -53.42 44.26 41.85
N PHE E 275 -53.61 44.51 40.56
CA PHE E 275 -54.93 44.62 39.93
C PHE E 275 -55.81 43.39 40.18
N LEU E 276 -55.17 42.22 40.30
CA LEU E 276 -55.87 40.98 40.64
C LEU E 276 -55.79 40.73 42.14
N GLY E 277 -55.18 41.66 42.87
CA GLY E 277 -55.00 41.52 44.31
C GLY E 277 -53.93 40.49 44.64
N MET E 278 -52.91 40.40 43.80
CA MET E 278 -51.78 39.52 44.04
C MET E 278 -50.55 40.33 44.46
N GLU E 279 -49.74 39.73 45.32
CA GLU E 279 -48.47 40.32 45.76
C GLU E 279 -47.35 39.94 44.79
N ALA E 280 -47.75 39.52 43.60
CA ALA E 280 -46.86 38.95 42.59
C ALA E 280 -45.87 39.94 41.99
N CYS E 281 -45.15 39.49 40.96
CA CYS E 281 -43.99 40.22 40.49
C CYS E 281 -44.23 40.98 39.19
N GLY E 282 -44.94 40.35 38.25
CA GLY E 282 -45.18 40.98 36.95
C GLY E 282 -44.24 40.42 35.90
N ILE E 283 -44.82 40.07 34.75
CA ILE E 283 -44.11 39.36 33.68
C ILE E 283 -42.73 39.94 33.26
N HIS E 284 -42.63 41.26 33.23
CA HIS E 284 -41.37 41.94 32.91
C HIS E 284 -40.31 41.71 33.99
N GLU E 285 -40.74 41.82 35.24
CA GLU E 285 -39.83 41.67 36.36
C GLU E 285 -39.47 40.20 36.56
N THR E 286 -40.43 39.31 36.29
CA THR E 286 -40.23 37.87 36.41
C THR E 286 -39.22 37.39 35.36
N THR E 287 -39.28 38.00 34.18
CA THR E 287 -38.32 37.72 33.14
C THR E 287 -36.93 38.14 33.63
N TYR E 288 -36.80 39.41 34.01
CA TYR E 288 -35.53 39.97 34.48
C TYR E 288 -34.86 39.11 35.53
N ASN E 289 -35.66 38.63 36.49
CA ASN E 289 -35.15 37.80 37.58
C ASN E 289 -34.49 36.52 37.09
N SER E 290 -35.09 35.90 36.08
CA SER E 290 -34.59 34.65 35.52
C SER E 290 -33.23 34.85 34.89
N ILE E 291 -33.05 35.99 34.23
CA ILE E 291 -31.78 36.34 33.61
C ILE E 291 -30.72 36.50 34.69
N MET E 292 -31.05 37.26 35.74
CA MET E 292 -30.15 37.49 36.86
C MET E 292 -29.73 36.21 37.58
N LYS E 293 -30.51 35.13 37.41
CA LYS E 293 -30.18 33.85 38.03
C LYS E 293 -29.11 33.13 37.23
N CYS E 294 -28.79 33.66 36.05
CA CYS E 294 -27.77 33.09 35.17
C CYS E 294 -26.41 33.80 35.23
N ASP E 295 -25.37 33.06 34.88
CA ASP E 295 -24.00 33.60 34.83
C ASP E 295 -23.82 34.75 33.86
N VAL E 296 -22.79 35.55 34.13
CA VAL E 296 -22.54 36.80 33.43
C VAL E 296 -22.42 36.58 31.92
N ASP E 297 -21.74 35.50 31.53
CA ASP E 297 -21.37 35.26 30.14
C ASP E 297 -22.50 34.86 29.20
N ILE E 298 -23.68 34.52 29.74
CA ILE E 298 -24.82 34.18 28.88
C ILE E 298 -25.96 35.18 28.97
N ARG E 299 -25.82 36.17 29.84
CA ARG E 299 -26.88 37.15 30.05
C ARG E 299 -27.13 37.99 28.82
N GLU E 300 -26.05 38.50 28.23
CA GLU E 300 -26.12 39.37 27.05
C GLU E 300 -26.99 38.72 25.97
N ASP E 301 -26.81 37.41 25.79
CA ASP E 301 -27.58 36.63 24.84
C ASP E 301 -29.05 36.47 25.20
N LEU E 302 -29.33 36.23 26.48
CA LEU E 302 -30.71 36.09 26.93
C LEU E 302 -31.45 37.40 26.70
N TYR E 303 -30.84 38.52 27.10
CA TYR E 303 -31.44 39.84 26.92
C TYR E 303 -31.72 40.14 25.44
N ALA E 304 -30.88 39.59 24.56
CA ALA E 304 -30.97 39.89 23.14
C ALA E 304 -31.93 38.94 22.40
N ASN E 305 -32.42 37.93 23.12
CA ASN E 305 -33.25 36.87 22.53
C ASN E 305 -34.36 36.42 23.49
N THR E 306 -35.15 37.40 23.94
CA THR E 306 -36.30 37.13 24.79
C THR E 306 -37.50 36.86 23.90
N VAL E 307 -37.96 35.61 23.91
CA VAL E 307 -39.04 35.15 23.01
C VAL E 307 -40.36 35.03 23.75
N LEU E 308 -41.42 35.51 23.11
CA LEU E 308 -42.78 35.45 23.65
C LEU E 308 -43.53 34.26 23.08
N SER E 309 -44.20 33.49 23.94
CA SER E 309 -45.04 32.38 23.48
C SER E 309 -46.27 32.12 24.36
N GLY E 310 -47.30 31.53 23.76
CA GLY E 310 -48.54 31.24 24.45
C GLY E 310 -49.61 32.25 24.11
N GLY E 311 -50.88 31.85 24.25
CA GLY E 311 -52.00 32.70 23.90
C GLY E 311 -52.02 34.04 24.61
N THR E 312 -51.69 34.01 25.90
CA THR E 312 -51.69 35.23 26.73
C THR E 312 -50.69 36.28 26.24
N THR E 313 -49.69 35.87 25.46
CA THR E 313 -48.71 36.84 24.94
C THR E 313 -49.15 37.45 23.62
N MET E 314 -50.43 37.33 23.28
CA MET E 314 -50.93 37.75 21.98
C MET E 314 -51.42 39.20 21.90
N TYR E 315 -51.62 39.86 23.04
CA TYR E 315 -52.13 41.24 23.06
C TYR E 315 -51.27 42.19 22.23
N PRO E 316 -51.92 43.03 21.40
CA PRO E 316 -51.16 44.04 20.67
C PRO E 316 -50.49 44.99 21.66
N GLY E 317 -49.23 45.34 21.37
CA GLY E 317 -48.46 46.26 22.20
C GLY E 317 -47.67 45.65 23.34
N ILE E 318 -47.85 44.34 23.57
CA ILE E 318 -47.17 43.62 24.66
C ILE E 318 -45.65 43.59 24.48
N ALA E 319 -45.20 43.44 23.24
CA ALA E 319 -43.79 43.33 22.94
C ALA E 319 -43.08 44.64 23.23
N ASP E 320 -43.61 45.73 22.68
CA ASP E 320 -43.02 47.06 22.82
C ASP E 320 -42.97 47.53 24.27
N ARG E 321 -43.98 47.13 25.05
CA ARG E 321 -44.03 47.45 26.48
C ARG E 321 -42.99 46.63 27.27
N MET E 322 -42.84 45.35 26.90
CA MET E 322 -41.80 44.50 27.49
C MET E 322 -40.42 45.10 27.26
N GLN E 323 -40.16 45.50 26.01
CA GLN E 323 -38.93 46.13 25.58
C GLN E 323 -38.58 47.33 26.44
N LYS E 324 -39.56 48.19 26.69
CA LYS E 324 -39.38 49.37 27.53
C LYS E 324 -39.11 48.95 28.98
N GLU E 325 -39.95 48.06 29.49
CA GLU E 325 -39.89 47.67 30.90
C GLU E 325 -38.57 47.00 31.28
N ILE E 326 -38.10 46.09 30.44
CA ILE E 326 -36.85 45.39 30.68
C ILE E 326 -35.64 46.32 30.52
N THR E 327 -35.72 47.22 29.55
CA THR E 327 -34.70 48.26 29.35
C THR E 327 -34.51 49.09 30.62
N ALA E 328 -35.61 49.29 31.36
CA ALA E 328 -35.59 49.98 32.64
C ALA E 328 -34.83 49.19 33.70
N LEU E 329 -35.17 47.90 33.85
CA LEU E 329 -34.60 47.04 34.89
C LEU E 329 -33.15 46.65 34.66
N ALA E 330 -32.78 46.46 33.39
CA ALA E 330 -31.45 46.02 33.00
C ALA E 330 -30.46 47.15 33.18
N LYS E 331 -29.19 46.81 33.37
CA LYS E 331 -28.14 47.79 33.30
C LYS E 331 -28.19 48.44 31.93
N SER E 332 -27.63 49.64 31.81
CA SER E 332 -27.54 50.31 30.51
C SER E 332 -26.62 49.55 29.56
N THR E 333 -26.49 50.06 28.34
CA THR E 333 -25.63 49.45 27.29
C THR E 333 -25.84 47.95 27.09
N MET E 334 -26.94 47.43 27.65
CA MET E 334 -27.35 46.06 27.38
C MET E 334 -28.40 46.09 26.28
N LYS E 335 -28.17 45.34 25.20
CA LYS E 335 -29.15 45.31 24.12
C LYS E 335 -30.33 44.43 24.49
N ILE E 336 -31.52 45.03 24.48
CA ILE E 336 -32.76 44.32 24.76
C ILE E 336 -33.54 44.13 23.45
N LYS E 337 -33.86 42.88 23.14
CA LYS E 337 -34.63 42.57 21.95
C LYS E 337 -35.72 41.54 22.29
N ILE E 338 -36.97 41.95 22.18
CA ILE E 338 -38.09 41.07 22.52
C ILE E 338 -38.70 40.53 21.23
N ILE E 339 -38.61 39.22 21.03
CA ILE E 339 -39.16 38.60 19.84
C ILE E 339 -40.59 38.09 20.09
N ALA E 340 -41.52 38.65 19.32
CA ALA E 340 -42.93 38.28 19.39
C ALA E 340 -43.40 37.85 18.00
N PRO E 341 -43.08 36.61 17.60
CA PRO E 341 -43.40 36.19 16.24
C PRO E 341 -44.91 36.05 16.08
N PRO E 342 -45.44 36.43 14.90
CA PRO E 342 -46.90 36.48 14.68
C PRO E 342 -47.64 35.17 14.99
N GLU E 343 -46.94 34.05 14.88
CA GLU E 343 -47.55 32.73 15.06
C GLU E 343 -47.36 32.17 16.48
N ARG E 344 -47.08 33.05 17.44
CA ARG E 344 -46.67 32.63 18.78
C ARG E 344 -47.71 31.89 19.62
N LYS E 345 -48.99 31.96 19.21
CA LYS E 345 -50.03 31.20 19.89
C LYS E 345 -49.79 29.70 19.75
N TYR E 346 -49.19 29.30 18.62
CA TYR E 346 -48.91 27.90 18.34
C TYR E 346 -47.42 27.58 18.24
N SER E 347 -46.61 28.46 18.82
CA SER E 347 -45.15 28.31 18.81
C SER E 347 -44.66 26.99 19.38
N VAL E 348 -45.27 26.53 20.47
CA VAL E 348 -44.90 25.24 21.04
C VAL E 348 -45.00 24.16 19.97
N TRP E 349 -46.19 24.06 19.35
CA TRP E 349 -46.47 23.01 18.37
C TRP E 349 -45.58 23.15 17.14
N ILE E 350 -45.50 24.36 16.60
CA ILE E 350 -44.71 24.60 15.39
C ILE E 350 -43.28 24.11 15.57
N GLY E 351 -42.62 24.55 16.66
CA GLY E 351 -41.29 24.09 17.01
C GLY E 351 -41.18 22.57 17.06
N GLY E 352 -42.17 21.93 17.68
CA GLY E 352 -42.24 20.48 17.71
C GLY E 352 -42.27 19.87 16.31
N SER E 353 -43.00 20.52 15.42
CA SER E 353 -43.11 20.08 14.03
C SER E 353 -41.75 20.15 13.33
N ILE E 354 -41.13 21.33 13.38
CA ILE E 354 -39.79 21.50 12.85
C ILE E 354 -38.83 20.44 13.39
N LEU E 355 -38.76 20.30 14.70
CA LEU E 355 -37.81 19.40 15.33
C LEU E 355 -37.92 17.96 14.84
N ALA E 356 -39.11 17.36 14.94
CA ALA E 356 -39.28 15.95 14.60
C ALA E 356 -39.17 15.68 13.10
N SER E 357 -39.37 16.72 12.30
CA SER E 357 -39.18 16.64 10.86
C SER E 357 -37.73 16.92 10.42
N LEU E 358 -36.80 16.95 11.39
CA LEU E 358 -35.40 17.15 11.09
C LEU E 358 -34.67 15.82 11.00
N SER E 359 -33.84 15.69 9.98
CA SER E 359 -33.12 14.44 9.74
C SER E 359 -32.05 14.24 10.80
N THR E 360 -31.52 15.35 11.28
CA THR E 360 -30.57 15.33 12.38
C THR E 360 -31.22 14.97 13.72
N PHE E 361 -32.55 14.95 13.76
CA PHE E 361 -33.26 14.58 14.96
C PHE E 361 -33.54 13.08 15.03
N GLN E 362 -33.39 12.38 13.90
CA GLN E 362 -33.94 11.04 13.75
C GLN E 362 -33.27 9.93 14.58
N GLN E 363 -32.12 10.23 15.18
CA GLN E 363 -31.46 9.26 16.04
C GLN E 363 -31.77 9.49 17.52
N MET E 364 -32.61 10.48 17.81
CA MET E 364 -32.84 10.94 19.18
C MET E 364 -34.05 10.28 19.85
N TRP E 365 -34.95 9.72 19.05
CA TRP E 365 -36.17 9.05 19.56
C TRP E 365 -35.84 7.98 20.58
N ILE E 366 -36.70 7.83 21.58
CA ILE E 366 -36.64 6.67 22.45
C ILE E 366 -37.33 5.55 21.70
N SER E 367 -36.57 4.51 21.37
CA SER E 367 -37.12 3.37 20.63
C SER E 367 -37.77 2.34 21.56
N LYS E 368 -38.75 1.61 21.02
CA LYS E 368 -39.38 0.48 21.71
C LYS E 368 -38.34 -0.47 22.29
N GLN E 369 -37.30 -0.76 21.52
CA GLN E 369 -36.22 -1.64 21.97
C GLN E 369 -35.56 -1.09 23.24
N GLU E 370 -35.18 0.18 23.19
CA GLU E 370 -34.54 0.85 24.31
C GLU E 370 -35.43 0.90 25.55
N TYR E 371 -36.74 1.09 25.34
CA TYR E 371 -37.70 1.10 26.44
C TYR E 371 -37.78 -0.25 27.15
N ASP E 372 -37.88 -1.33 26.38
CA ASP E 372 -38.04 -2.68 26.92
C ASP E 372 -36.85 -3.10 27.79
N GLU E 373 -35.67 -2.61 27.48
CA GLU E 373 -34.49 -2.94 28.27
C GLU E 373 -34.26 -2.03 29.48
N SER E 374 -34.71 -0.77 29.38
CA SER E 374 -34.42 0.22 30.42
C SER E 374 -35.61 0.63 31.30
N GLY E 375 -36.82 0.47 30.77
CA GLY E 375 -38.03 0.83 31.51
C GLY E 375 -38.34 2.30 31.33
N PRO E 376 -39.42 2.80 31.99
CA PRO E 376 -39.85 4.19 31.83
C PRO E 376 -38.74 5.19 32.16
N SER E 377 -37.88 4.84 33.10
CA SER E 377 -36.80 5.71 33.58
C SER E 377 -35.83 6.17 32.48
N ILE E 378 -35.92 5.55 31.30
CA ILE E 378 -35.05 5.90 30.16
C ILE E 378 -35.33 7.30 29.62
N VAL E 379 -36.50 7.83 29.94
CA VAL E 379 -36.90 9.15 29.51
C VAL E 379 -36.00 10.25 30.11
N HIS E 380 -35.50 10.03 31.32
CA HIS E 380 -34.60 10.97 31.96
C HIS E 380 -33.25 11.01 31.24
N ARG E 381 -32.88 9.86 30.66
CA ARG E 381 -31.59 9.68 30.01
C ARG E 381 -31.46 10.41 28.67
N LYS E 382 -32.58 10.89 28.13
CA LYS E 382 -32.58 11.53 26.81
C LYS E 382 -32.79 13.04 26.88
N CYS E 383 -32.08 13.69 27.81
CA CYS E 383 -32.13 15.14 27.96
C CYS E 383 -30.79 15.68 28.45
N PHE E 384 -30.30 15.11 29.56
CA PHE E 384 -29.11 15.60 30.25
C PHE E 384 -27.83 14.88 29.85
N SER F 18 -38.66 -12.68 -15.02
CA SER F 18 -37.83 -13.47 -15.97
C SER F 18 -36.40 -13.66 -15.41
N LEU F 19 -35.38 -13.51 -16.26
CA LEU F 19 -34.00 -13.63 -15.85
C LEU F 19 -33.62 -12.47 -14.92
N HIS F 20 -33.68 -11.25 -15.48
CA HIS F 20 -33.34 -10.01 -14.79
C HIS F 20 -34.40 -9.65 -13.75
N SER F 21 -35.65 -9.56 -14.18
CA SER F 21 -36.80 -9.24 -13.33
C SER F 21 -36.86 -10.02 -12.01
N ALA F 22 -36.28 -11.22 -12.01
CA ALA F 22 -36.24 -12.06 -10.82
C ALA F 22 -35.37 -11.42 -9.74
N LEU F 23 -34.15 -11.04 -10.15
CA LEU F 23 -33.16 -10.41 -9.28
C LEU F 23 -33.63 -9.04 -8.79
N MET F 24 -34.23 -8.26 -9.68
CA MET F 24 -34.76 -6.95 -9.35
C MET F 24 -35.86 -7.00 -8.29
N GLU F 25 -36.70 -8.02 -8.38
CA GLU F 25 -37.74 -8.25 -7.40
C GLU F 25 -37.12 -8.64 -6.06
N ALA F 26 -36.04 -9.43 -6.14
CA ALA F 26 -35.35 -9.94 -4.95
C ALA F 26 -34.68 -8.84 -4.12
N ILE F 27 -34.13 -7.84 -4.80
CA ILE F 27 -33.50 -6.70 -4.14
C ILE F 27 -34.55 -5.83 -3.45
N HIS F 28 -35.63 -5.54 -4.17
CA HIS F 28 -36.79 -4.86 -3.58
C HIS F 28 -37.37 -5.72 -2.46
N SER F 29 -38.06 -6.79 -2.85
CA SER F 29 -38.90 -7.61 -1.98
C SER F 29 -38.11 -8.34 -0.90
N SER F 30 -37.36 -9.38 -1.31
CA SER F 30 -36.63 -10.23 -0.36
C SER F 30 -35.65 -9.42 0.47
N GLY F 31 -35.49 -9.85 1.74
CA GLY F 31 -34.67 -9.18 2.76
C GLY F 31 -33.48 -8.36 2.27
N GLY F 32 -33.79 -7.35 1.44
CA GLY F 32 -32.77 -6.40 0.98
C GLY F 32 -32.19 -5.75 2.22
N ARG F 33 -33.08 -5.37 3.14
CA ARG F 33 -32.72 -4.83 4.45
C ARG F 33 -31.61 -5.61 5.14
N GLU F 34 -30.81 -4.89 5.94
CA GLU F 34 -29.60 -5.45 6.57
C GLU F 34 -29.93 -6.37 7.76
N LYS F 35 -30.66 -7.44 7.47
CA LYS F 35 -30.88 -8.54 8.40
C LYS F 35 -30.02 -9.71 7.92
N LEU F 36 -28.71 -9.51 8.02
CA LEU F 36 -27.76 -10.46 7.45
C LEU F 36 -27.22 -11.46 8.48
N ARG F 37 -26.30 -11.01 9.36
CA ARG F 37 -25.84 -11.85 10.50
C ARG F 37 -24.61 -11.30 11.26
N LYS F 38 -24.57 -11.63 12.56
CA LYS F 38 -23.38 -11.52 13.47
C LYS F 38 -23.23 -10.29 14.40
N VAL F 39 -24.18 -9.34 14.30
CA VAL F 39 -24.29 -8.15 15.21
C VAL F 39 -23.27 -7.02 14.93
N ALA F 40 -23.64 -6.14 13.96
CA ALA F 40 -22.89 -4.89 13.71
C ALA F 40 -23.84 -3.86 13.09
N GLU F 41 -23.29 -2.70 12.71
CA GLU F 41 -24.02 -1.64 12.02
C GLU F 41 -25.17 -1.05 12.85
N GLN F 42 -26.17 -0.47 12.19
CA GLN F 42 -27.31 0.13 12.91
C GLN F 42 -28.65 0.22 12.15
N THR F 43 -29.71 0.51 12.94
CA THR F 43 -31.06 0.73 12.40
C THR F 43 -31.48 2.16 12.80
N SER F 44 -32.66 2.60 12.36
CA SER F 44 -33.16 3.95 12.66
C SER F 44 -34.69 4.08 12.51
N GLU F 45 -35.17 5.31 12.42
CA GLU F 45 -36.59 5.60 12.19
C GLU F 45 -36.78 6.43 10.90
N GLY F 46 -37.19 7.69 11.03
CA GLY F 46 -37.21 8.60 9.88
C GLY F 46 -38.49 9.35 9.54
N ARG F 47 -38.40 10.68 9.56
CA ARG F 47 -39.41 11.58 8.97
C ARG F 47 -38.79 12.12 7.65
N PRO F 48 -37.59 12.76 7.75
CA PRO F 48 -36.53 12.64 6.71
C PRO F 48 -35.39 11.69 7.21
N LYS F 49 -34.20 11.76 6.61
CA LYS F 49 -33.15 10.75 6.88
C LYS F 49 -32.22 10.97 8.11
N LYS F 50 -30.96 10.52 8.02
CA LYS F 50 -30.02 10.56 9.17
C LYS F 50 -28.55 10.85 8.79
N PRO F 51 -28.20 12.14 8.58
CA PRO F 51 -26.78 12.48 8.38
C PRO F 51 -26.01 12.31 9.71
N SER F 52 -24.94 11.49 9.72
CA SER F 52 -24.38 11.01 10.99
C SER F 52 -22.98 10.36 10.98
N TYR F 53 -22.24 10.54 12.08
CA TYR F 53 -21.04 9.76 12.43
C TYR F 53 -21.10 9.27 13.89
N VAL F 54 -20.37 8.19 14.20
CA VAL F 54 -20.23 7.61 15.55
C VAL F 54 -20.34 8.64 16.71
N GLU F 55 -19.68 9.79 16.56
CA GLU F 55 -19.58 10.80 17.62
C GLU F 55 -20.90 11.55 17.85
N ALA F 56 -21.51 11.31 19.02
CA ALA F 56 -22.77 11.94 19.39
C ALA F 56 -22.66 13.48 19.51
N GLU F 57 -21.43 13.99 19.45
CA GLU F 57 -21.18 15.43 19.56
C GLU F 57 -21.38 16.14 18.23
N SER F 58 -20.72 15.66 17.18
CA SER F 58 -20.96 16.21 15.85
C SER F 58 -22.46 16.20 15.57
N GLU F 59 -23.11 15.07 15.83
CA GLU F 59 -24.55 14.92 15.60
C GLU F 59 -25.38 16.00 16.27
N ARG F 60 -25.11 16.25 17.55
CA ARG F 60 -25.81 17.30 18.30
C ARG F 60 -25.52 18.69 17.72
N SER F 61 -24.26 18.90 17.34
CA SER F 61 -23.81 20.14 16.72
C SER F 61 -24.59 20.42 15.44
N ALA F 62 -24.74 19.40 14.62
CA ALA F 62 -25.46 19.51 13.37
C ALA F 62 -26.94 19.78 13.62
N LEU F 63 -27.52 19.13 14.62
CA LEU F 63 -28.95 19.31 14.95
C LEU F 63 -29.27 20.72 15.46
N LEU F 64 -28.37 21.29 16.27
CA LEU F 64 -28.53 22.66 16.74
C LEU F 64 -28.45 23.62 15.57
N ALA F 65 -27.49 23.37 14.67
CA ALA F 65 -27.32 24.13 13.43
C ALA F 65 -28.51 23.95 12.48
N ALA F 66 -29.09 22.76 12.46
CA ALA F 66 -30.33 22.54 11.74
C ALA F 66 -31.37 23.53 12.24
N ILE F 67 -31.69 23.46 13.55
CA ILE F 67 -32.75 24.29 14.14
C ILE F 67 -32.55 25.78 13.84
N ARG F 68 -31.30 26.25 13.92
CA ARG F 68 -31.00 27.64 13.60
C ARG F 68 -31.16 27.93 12.10
N GLY F 69 -30.96 26.90 11.28
CA GLY F 69 -30.91 27.07 9.83
C GLY F 69 -32.24 26.92 9.10
N HIS F 70 -33.07 26.00 9.58
CA HIS F 70 -34.39 25.76 9.01
C HIS F 70 -35.08 27.08 8.69
N SER F 71 -35.64 27.18 7.49
CA SER F 71 -36.49 28.34 7.15
C SER F 71 -37.75 28.33 7.99
N GLY F 72 -38.57 29.37 7.88
CA GLY F 72 -39.74 29.52 8.74
C GLY F 72 -40.78 28.40 8.70
N THR F 73 -42.05 28.78 8.78
CA THR F 73 -43.14 27.83 8.55
C THR F 73 -43.24 27.52 7.05
N LEU F 74 -42.69 28.41 6.24
CA LEU F 74 -42.74 28.34 4.78
C LEU F 74 -42.24 27.02 4.21
N SER F 75 -41.12 26.52 4.74
CA SER F 75 -40.56 25.25 4.30
C SER F 75 -41.41 24.04 4.72
N LEU F 76 -42.35 24.25 5.64
CA LEU F 76 -43.19 23.16 6.13
C LEU F 76 -44.45 22.99 5.26
N ARG F 77 -45.08 21.82 5.31
CA ARG F 77 -46.26 21.51 4.47
C ARG F 77 -47.48 22.35 4.85
N LYS F 78 -48.10 23.01 3.87
CA LYS F 78 -49.36 23.74 4.08
C LYS F 78 -50.47 22.79 4.52
N VAL F 79 -51.27 23.24 5.46
CA VAL F 79 -52.38 22.44 5.97
C VAL F 79 -53.66 23.30 6.03
N SER F 80 -54.80 22.64 5.81
CA SER F 80 -56.10 23.32 5.64
C SER F 80 -56.91 23.42 6.95
N SER F 81 -56.51 22.67 7.98
CA SER F 81 -57.31 22.46 9.20
C SER F 81 -57.69 23.74 9.97
N LEU F 82 -58.71 23.59 10.84
CA LEU F 82 -59.26 24.68 11.65
C LEU F 82 -58.20 25.64 12.22
N ALA F 83 -57.09 25.07 12.69
CA ALA F 83 -56.03 25.82 13.38
C ALA F 83 -55.25 26.77 12.47
N SER F 84 -54.64 26.22 11.42
CA SER F 84 -53.80 27.01 10.50
C SER F 84 -54.55 28.14 9.82
N GLU F 85 -55.88 28.06 9.85
CA GLU F 85 -56.76 29.05 9.24
C GLU F 85 -56.57 30.42 9.92
N GLU F 86 -56.61 30.42 11.25
CA GLU F 86 -56.36 31.65 12.03
C GLU F 86 -54.86 31.98 12.12
N LEU F 87 -54.01 30.96 11.95
CA LEU F 87 -52.56 31.11 12.00
C LEU F 87 -52.03 31.81 10.75
N GLN F 88 -52.63 31.48 9.60
CA GLN F 88 -52.36 32.15 8.32
C GLN F 88 -52.75 33.64 8.38
N SER F 89 -53.75 33.95 9.22
CA SER F 89 -54.27 35.32 9.40
C SER F 89 -53.27 36.30 10.02
N PHE F 90 -52.54 35.86 11.04
CA PHE F 90 -51.57 36.71 11.75
C PHE F 90 -50.39 37.09 10.88
N ARG F 91 -50.03 36.21 9.95
CA ARG F 91 -48.96 36.45 8.99
C ARG F 91 -49.31 37.60 8.04
N ASN F 92 -50.62 37.84 7.85
CA ASN F 92 -51.11 38.92 6.99
C ASN F 92 -50.86 40.30 7.60
PG ANP G . 34.44 -37.27 4.76
O1G ANP G . 32.93 -37.36 4.83
O2G ANP G . 34.97 -35.89 4.46
O3G ANP G . 35.13 -37.94 5.92
PB ANP G . 36.12 -37.79 2.28
O1B ANP G . 36.97 -36.69 2.90
O2B ANP G . 36.85 -39.04 1.84
N3B ANP G . 34.84 -38.25 3.36
PA ANP G . 35.58 -35.86 0.13
O1A ANP G . 35.81 -34.70 1.07
O2A ANP G . 36.59 -36.11 -0.96
O3A ANP G . 35.35 -37.24 0.96
O5' ANP G . 34.11 -35.71 -0.55
C5' ANP G . 33.30 -36.86 -0.87
C4' ANP G . 31.92 -36.41 -1.37
O4' ANP G . 32.07 -35.36 -2.33
C3' ANP G . 31.13 -37.52 -2.07
O3' ANP G . 29.78 -37.52 -1.58
C2' ANP G . 31.10 -37.13 -3.53
O2' ANP G . 29.84 -37.50 -4.09
C1' ANP G . 31.22 -35.62 -3.44
N9 ANP G . 31.73 -34.92 -4.67
C8 ANP G . 32.92 -35.03 -5.28
N7 ANP G . 32.99 -34.18 -6.34
C5 ANP G . 31.83 -33.50 -6.42
C6 ANP G . 31.22 -32.46 -7.28
N6 ANP G . 31.87 -31.94 -8.34
N1 ANP G . 29.96 -32.02 -7.00
C2 ANP G . 29.28 -32.53 -5.95
N3 ANP G . 29.75 -33.47 -5.12
C4 ANP G . 30.99 -33.99 -5.30
MG MG H . 37.91 -34.88 4.15
PG ANP I . 30.18 2.71 -30.74
O1G ANP I . 29.98 3.07 -32.18
O2G ANP I . 28.89 2.37 -30.02
O3G ANP I . 31.27 1.70 -30.46
PB ANP I . 30.21 4.54 -28.43
O1B ANP I . 30.00 3.23 -27.70
O2B ANP I . 31.18 5.56 -27.85
N3B ANP I . 30.75 4.21 -30.04
PA ANP I . 27.88 5.60 -27.23
O1A ANP I . 26.88 4.49 -26.98
O2A ANP I . 28.81 5.97 -26.10
O3A ANP I . 28.76 5.23 -28.53
O5' ANP I . 27.09 6.93 -27.67
C5' ANP I . 27.40 7.59 -28.91
C4' ANP I . 26.26 8.52 -29.35
O4' ANP I . 25.24 8.61 -28.34
C3' ANP I . 26.72 9.94 -29.63
O3' ANP I . 26.43 10.28 -30.99
C2' ANP I . 25.93 10.84 -28.71
O2' ANP I . 25.49 12.00 -29.40
C1' ANP I . 24.74 9.96 -28.35
N9 ANP I . 24.09 10.29 -27.07
C8 ANP I . 24.61 10.21 -25.83
N7 ANP I . 23.70 10.57 -24.90
C5 ANP I . 22.55 10.87 -25.55
C6 ANP I . 21.20 11.34 -25.18
N6 ANP I . 20.86 11.55 -23.88
N1 ANP I . 20.31 11.53 -26.16
C2 ANP I . 20.63 11.33 -27.46
N3 ANP I . 21.84 10.92 -27.89
C4 ANP I . 22.83 10.68 -26.98
MG MG J . 28.88 1.41 -27.95
PG ANP K . -12.33 5.51 -3.03
O1G ANP K . -11.85 6.87 -3.53
O2G ANP K . -13.81 5.43 -2.73
O3G ANP K . -11.82 4.34 -3.84
PB ANP K . -12.34 4.50 -0.17
O1B ANP K . -13.61 3.88 -0.71
O2B ANP K . -11.30 3.59 0.46
N3B ANP K . -11.55 5.38 -1.47
PA ANP K . -13.97 5.39 2.00
O1A ANP K . -15.31 5.30 1.30
O2A ANP K . -13.55 4.26 2.92
O3A ANP K . -12.78 5.61 0.91
O5' ANP K . -13.88 6.79 2.80
C5' ANP K . -12.65 7.21 3.41
C4' ANP K . -12.51 8.73 3.49
O4' ANP K . -13.61 9.32 4.20
C3' ANP K . -11.26 9.11 4.28
O3' ANP K . -10.65 10.28 3.69
C2' ANP K . -11.74 9.43 5.68
O2' ANP K . -10.94 10.41 6.33
C1' ANP K . -13.14 9.96 5.39
N9 ANP K . -14.08 9.62 6.47
C8 ANP K . -14.25 8.41 7.05
N7 ANP K . -15.22 8.45 8.00
C5 ANP K . -15.68 9.72 8.03
C6 ANP K . -16.70 10.46 8.78
N6 ANP K . -17.41 9.80 9.71
N1 ANP K . -16.91 11.79 8.52
C2 ANP K . -16.18 12.42 7.57
N3 ANP K . -15.22 11.81 6.83
C4 ANP K . -14.93 10.49 7.01
MG MG L . -16.21 3.67 -1.81
PG ANP M . -51.19 26.10 29.58
O1G ANP M . -51.65 26.88 30.80
O2G ANP M . -50.28 26.90 28.67
O3G ANP M . -50.69 24.68 29.85
PB ANP M . -52.69 26.22 26.97
O1B ANP M . -51.32 26.04 26.35
O2B ANP M . -53.86 25.45 26.37
N3B ANP M . -52.65 25.84 28.67
PA ANP M . -52.98 28.55 25.49
O1A ANP M . -51.54 28.81 25.16
O2A ANP M . -53.88 27.80 24.54
O3A ANP M . -53.04 27.79 26.91
O5' ANP M . -53.70 29.95 25.86
C5' ANP M . -54.99 29.95 26.47
C4' ANP M . -55.31 31.36 26.95
O4' ANP M . -54.83 32.34 26.02
C3' ANP M . -56.82 31.57 27.08
O3' ANP M . -57.10 31.98 28.42
C2' ANP M . -57.15 32.67 26.08
O2' ANP M . -58.09 33.62 26.60
C1' ANP M . -55.82 33.34 25.78
N9 ANP M . -55.75 33.84 24.39
C8 ANP M . -55.75 33.10 23.26
N7 ANP M . -55.67 33.88 22.15
C5 ANP M . -55.61 35.16 22.59
C6 ANP M . -55.52 36.49 21.96
N6 ANP M . -55.45 36.61 20.60
N1 ANP M . -55.47 37.57 22.76
C2 ANP M . -55.53 37.46 24.11
N3 ANP M . -55.63 36.28 24.74
C4 ANP M . -55.67 35.12 24.05
MG MG N . -49.36 26.11 26.39
#